data_6J0A
# 
_entry.id   6J0A 
# 
_audit_conform.dict_name       mmcif_pdbx.dic 
_audit_conform.dict_version    5.387 
_audit_conform.dict_location   http://mmcif.pdb.org/dictionaries/ascii/mmcif_pdbx.dic 
# 
loop_
_database_2.database_id 
_database_2.database_code 
_database_2.pdbx_database_accession 
_database_2.pdbx_DOI 
PDB   6J0A         pdb_00006j0a 10.2210/pdb6j0a/pdb 
WWPDB D_1300010245 ?            ?                   
EMDB  EMD-9759     ?            ?                   
# 
loop_
_pdbx_audit_revision_history.ordinal 
_pdbx_audit_revision_history.data_content_type 
_pdbx_audit_revision_history.major_revision 
_pdbx_audit_revision_history.minor_revision 
_pdbx_audit_revision_history.revision_date 
1 'Structure model' 1 0 2019-04-17 
2 'Structure model' 1 1 2024-03-27 
# 
_pdbx_audit_revision_details.ordinal             1 
_pdbx_audit_revision_details.revision_ordinal    1 
_pdbx_audit_revision_details.data_content_type   'Structure model' 
_pdbx_audit_revision_details.provider            repository 
_pdbx_audit_revision_details.type                'Initial release' 
_pdbx_audit_revision_details.description         ? 
_pdbx_audit_revision_details.details             ? 
# 
loop_
_pdbx_audit_revision_group.ordinal 
_pdbx_audit_revision_group.revision_ordinal 
_pdbx_audit_revision_group.data_content_type 
_pdbx_audit_revision_group.group 
1 2 'Structure model' 'Data collection'        
2 2 'Structure model' 'Database references'    
3 2 'Structure model' 'Refinement description' 
# 
loop_
_pdbx_audit_revision_category.ordinal 
_pdbx_audit_revision_category.revision_ordinal 
_pdbx_audit_revision_category.data_content_type 
_pdbx_audit_revision_category.category 
1 2 'Structure model' chem_comp_atom                
2 2 'Structure model' chem_comp_bond                
3 2 'Structure model' database_2                    
4 2 'Structure model' em_3d_fitting_list            
5 2 'Structure model' pdbx_initial_refinement_model 
# 
loop_
_pdbx_audit_revision_item.ordinal 
_pdbx_audit_revision_item.revision_ordinal 
_pdbx_audit_revision_item.data_content_type 
_pdbx_audit_revision_item.item 
1 2 'Structure model' '_database_2.pdbx_DOI'                            
2 2 'Structure model' '_database_2.pdbx_database_accession'             
3 2 'Structure model' '_em_3d_fitting_list.accession_code'              
4 2 'Structure model' '_em_3d_fitting_list.initial_refinement_model_id' 
5 2 'Structure model' '_em_3d_fitting_list.source_name'                 
6 2 'Structure model' '_em_3d_fitting_list.type'                        
# 
_pdbx_database_status.status_code                     REL 
_pdbx_database_status.status_code_sf                  ? 
_pdbx_database_status.status_code_mr                  ? 
_pdbx_database_status.entry_id                        6J0A 
_pdbx_database_status.recvd_initial_deposition_date   2018-12-22 
_pdbx_database_status.SG_entry                        N 
_pdbx_database_status.deposit_site                    PDBJ 
_pdbx_database_status.process_site                    PDBJ 
_pdbx_database_status.status_code_cs                  ? 
_pdbx_database_status.methods_development_category    ? 
_pdbx_database_status.pdb_format_compatible           Y 
_pdbx_database_status.status_code_nmr_data            ? 
# 
loop_
_pdbx_database_related.db_name 
_pdbx_database_related.details 
_pdbx_database_related.db_id 
_pdbx_database_related.content_type 
EMDB 'Cryo-EM density map of E. coli 70S ribosome in complex with peptide deformylase enzyme'                                 
EMD-9750 'other EM volume'      
EMDB 'Cryo-EM density map of E. coli 70S ribosome in complex with methionine aminopeptidase'                                  
EMD-9752 'other EM volume'      
EMDB 'Cryo-EM density map of peptide deformylase and methionine aminopeptidase bound to the E. coli 70S ribosome'             
EMD-9753 'other EM volume'      
EMDB 'Cryo-EM density map of methionine aminopeptidase enzyme and chaperone trigger factor bound to the E. coli 70S ribosome' 
EMD-9759 'associated EM volume' 
# 
loop_
_audit_author.name 
_audit_author.pdbx_ordinal 
_audit_author.identifier_ORCID 
'Sengupta, J.' 1 0000-0003-3614-6047 
'Bhakta, S.'   2 0000-0003-2015-0498 
'Akbar, S.'    3 0000-0003-2437-9679 
# 
_citation.abstract                  ? 
_citation.abstract_id_CAS           ? 
_citation.book_id_ISBN              ? 
_citation.book_publisher            ? 
_citation.book_publisher_city       ? 
_citation.book_title                ? 
_citation.coordinate_linkage        ? 
_citation.country                   UK 
_citation.database_id_Medline       ? 
_citation.details                   ? 
_citation.id                        primary 
_citation.journal_abbrev            'J. Mol. Biol.' 
_citation.journal_id_ASTM           JMOBAK 
_citation.journal_id_CSD            0070 
_citation.journal_id_ISSN           1089-8638 
_citation.journal_full              ? 
_citation.journal_issue             ? 
_citation.journal_volume            431 
_citation.language                  ? 
_citation.page_first                1426 
_citation.page_last                 1439 
_citation.title                     
'Cryo-EM Structures Reveal Relocalization of MetAP in the Presence of Other Protein Biogenesis Factors at the Ribosomal Tunnel Exit.' 
_citation.year                      2019 
_citation.database_id_CSD           ? 
_citation.pdbx_database_id_DOI      10.1016/j.jmb.2019.02.002 
_citation.pdbx_database_id_PubMed   30753870 
_citation.unpublished_flag          ? 
# 
loop_
_citation_author.citation_id 
_citation_author.name 
_citation_author.ordinal 
_citation_author.identifier_ORCID 
primary 'Bhakta, S.'   1 ? 
primary 'Akbar, S.'    2 ? 
primary 'Sengupta, J.' 3 ? 
# 
loop_
_entity.id 
_entity.type 
_entity.src_method 
_entity.pdbx_description 
_entity.formula_weight 
_entity.pdbx_number_of_molecules 
_entity.pdbx_ec 
_entity.pdbx_mutation 
_entity.pdbx_fragment 
_entity.details 
1 polymer man 'Methionine aminopeptidase' 29341.775 1 3.4.11.18 ? ? ? 
2 polymer man 'Trigger factor'            47961.543 1 5.2.1.8   ? ? ? 
# 
loop_
_entity_name_com.entity_id 
_entity_name_com.name 
1 'MetAP,Peptidase M' 
2 TF,PPIase           
# 
loop_
_entity_poly.entity_id 
_entity_poly.type 
_entity_poly.nstd_linkage 
_entity_poly.nstd_monomer 
_entity_poly.pdbx_seq_one_letter_code 
_entity_poly.pdbx_seq_one_letter_code_can 
_entity_poly.pdbx_strand_id 
_entity_poly.pdbx_target_identifier 
1 'polypeptide(L)' no no 
;MAISIKTPEDIEKMRVAGRLAAEVLEMIEPYVKPGVSTGELDRICNDYIVNEQHAVSACLGYHGYPKSVCISINEVVCHG
IPDDAKLLKDGDIVNIDVTVIKDGFHGDTSKMFIVGKPTIMGERLCRITQESLYLALRMVKPGINLREIGAAIQKFVEAE
GFSVVREYCGHGIGQGFHEEPQVLHYDSRETNVVLKPGMTFTIEPMVNAGKKEIRTMKDGWTVKTKDRSLSAQYEHTIVV
TDNGCEILTLRKDDTIPAIISHDE
;
;MAISIKTPEDIEKMRVAGRLAAEVLEMIEPYVKPGVSTGELDRICNDYIVNEQHAVSACLGYHGYPKSVCISINEVVCHG
IPDDAKLLKDGDIVNIDVTVIKDGFHGDTSKMFIVGKPTIMGERLCRITQESLYLALRMVKPGINLREIGAAIQKFVEAE
GFSVVREYCGHGIGQGFHEEPQVLHYDSRETNVVLKPGMTFTIEPMVNAGKKEIRTMKDGWTVKTKDRSLSAQYEHTIVV
TDNGCEILTLRKDDTIPAIISHDE
;
P ? 
2 'polypeptide(L)' no no 
;MEVKELERDKNRVVLEYVFGAEEIAQAEDKAVRYLNQRVEIPGFRKGRIPKNVLKMKLGEEFQEYTLDFLMDLIPDTLKD
RKLILSPIVTERELKDVTARVVVEVHEEPEVRIGDISKIEVEKVDEEKVLEKYVERRIEDLRESHALLEPKEGPAEAGDL
VRVNMEVYNEEGKKLTSREYEYVISEDEDRPFVKDLVGKKKGDVVEIEREYEGKKYTYKLEVEEVYKRTLPEIGDELAKS
VNNEFETLEQLKESLKKEGKEIYDVEMKESMREQLLEKLPEIVEIEISDRTLEILVNEAINRLKREGRYEQIVSSYESEE
KFREELKERILDDIKRDRVIEVLAQEKGISVNDEELEKEAEELAPFWGISPDRAKSLVKARQDLREELRWAILKRKVLDL
LLQEVE
;
;MEVKELERDKNRVVLEYVFGAEEIAQAEDKAVRYLNQRVEIPGFRKGRIPKNVLKMKLGEEFQEYTLDFLMDLIPDTLKD
RKLILSPIVTERELKDVTARVVVEVHEEPEVRIGDISKIEVEKVDEEKVLEKYVERRIEDLRESHALLEPKEGPAEAGDL
VRVNMEVYNEEGKKLTSREYEYVISEDEDRPFVKDLVGKKKGDVVEIEREYEGKKYTYKLEVEEVYKRTLPEIGDELAKS
VNNEFETLEQLKESLKKEGKEIYDVEMKESMREQLLEKLPEIVEIEISDRTLEILVNEAINRLKREGRYEQIVSSYESEE
KFREELKERILDDIKRDRVIEVLAQEKGISVNDEELEKEAEELAPFWGISPDRAKSLVKARQDLREELRWAILKRKVLDL
LLQEVE
;
Q ? 
# 
loop_
_entity_poly_seq.entity_id 
_entity_poly_seq.num 
_entity_poly_seq.mon_id 
_entity_poly_seq.hetero 
1 1   MET n 
1 2   ALA n 
1 3   ILE n 
1 4   SER n 
1 5   ILE n 
1 6   LYS n 
1 7   THR n 
1 8   PRO n 
1 9   GLU n 
1 10  ASP n 
1 11  ILE n 
1 12  GLU n 
1 13  LYS n 
1 14  MET n 
1 15  ARG n 
1 16  VAL n 
1 17  ALA n 
1 18  GLY n 
1 19  ARG n 
1 20  LEU n 
1 21  ALA n 
1 22  ALA n 
1 23  GLU n 
1 24  VAL n 
1 25  LEU n 
1 26  GLU n 
1 27  MET n 
1 28  ILE n 
1 29  GLU n 
1 30  PRO n 
1 31  TYR n 
1 32  VAL n 
1 33  LYS n 
1 34  PRO n 
1 35  GLY n 
1 36  VAL n 
1 37  SER n 
1 38  THR n 
1 39  GLY n 
1 40  GLU n 
1 41  LEU n 
1 42  ASP n 
1 43  ARG n 
1 44  ILE n 
1 45  CYS n 
1 46  ASN n 
1 47  ASP n 
1 48  TYR n 
1 49  ILE n 
1 50  VAL n 
1 51  ASN n 
1 52  GLU n 
1 53  GLN n 
1 54  HIS n 
1 55  ALA n 
1 56  VAL n 
1 57  SER n 
1 58  ALA n 
1 59  CYS n 
1 60  LEU n 
1 61  GLY n 
1 62  TYR n 
1 63  HIS n 
1 64  GLY n 
1 65  TYR n 
1 66  PRO n 
1 67  LYS n 
1 68  SER n 
1 69  VAL n 
1 70  CYS n 
1 71  ILE n 
1 72  SER n 
1 73  ILE n 
1 74  ASN n 
1 75  GLU n 
1 76  VAL n 
1 77  VAL n 
1 78  CYS n 
1 79  HIS n 
1 80  GLY n 
1 81  ILE n 
1 82  PRO n 
1 83  ASP n 
1 84  ASP n 
1 85  ALA n 
1 86  LYS n 
1 87  LEU n 
1 88  LEU n 
1 89  LYS n 
1 90  ASP n 
1 91  GLY n 
1 92  ASP n 
1 93  ILE n 
1 94  VAL n 
1 95  ASN n 
1 96  ILE n 
1 97  ASP n 
1 98  VAL n 
1 99  THR n 
1 100 VAL n 
1 101 ILE n 
1 102 LYS n 
1 103 ASP n 
1 104 GLY n 
1 105 PHE n 
1 106 HIS n 
1 107 GLY n 
1 108 ASP n 
1 109 THR n 
1 110 SER n 
1 111 LYS n 
1 112 MET n 
1 113 PHE n 
1 114 ILE n 
1 115 VAL n 
1 116 GLY n 
1 117 LYS n 
1 118 PRO n 
1 119 THR n 
1 120 ILE n 
1 121 MET n 
1 122 GLY n 
1 123 GLU n 
1 124 ARG n 
1 125 LEU n 
1 126 CYS n 
1 127 ARG n 
1 128 ILE n 
1 129 THR n 
1 130 GLN n 
1 131 GLU n 
1 132 SER n 
1 133 LEU n 
1 134 TYR n 
1 135 LEU n 
1 136 ALA n 
1 137 LEU n 
1 138 ARG n 
1 139 MET n 
1 140 VAL n 
1 141 LYS n 
1 142 PRO n 
1 143 GLY n 
1 144 ILE n 
1 145 ASN n 
1 146 LEU n 
1 147 ARG n 
1 148 GLU n 
1 149 ILE n 
1 150 GLY n 
1 151 ALA n 
1 152 ALA n 
1 153 ILE n 
1 154 GLN n 
1 155 LYS n 
1 156 PHE n 
1 157 VAL n 
1 158 GLU n 
1 159 ALA n 
1 160 GLU n 
1 161 GLY n 
1 162 PHE n 
1 163 SER n 
1 164 VAL n 
1 165 VAL n 
1 166 ARG n 
1 167 GLU n 
1 168 TYR n 
1 169 CYS n 
1 170 GLY n 
1 171 HIS n 
1 172 GLY n 
1 173 ILE n 
1 174 GLY n 
1 175 GLN n 
1 176 GLY n 
1 177 PHE n 
1 178 HIS n 
1 179 GLU n 
1 180 GLU n 
1 181 PRO n 
1 182 GLN n 
1 183 VAL n 
1 184 LEU n 
1 185 HIS n 
1 186 TYR n 
1 187 ASP n 
1 188 SER n 
1 189 ARG n 
1 190 GLU n 
1 191 THR n 
1 192 ASN n 
1 193 VAL n 
1 194 VAL n 
1 195 LEU n 
1 196 LYS n 
1 197 PRO n 
1 198 GLY n 
1 199 MET n 
1 200 THR n 
1 201 PHE n 
1 202 THR n 
1 203 ILE n 
1 204 GLU n 
1 205 PRO n 
1 206 MET n 
1 207 VAL n 
1 208 ASN n 
1 209 ALA n 
1 210 GLY n 
1 211 LYS n 
1 212 LYS n 
1 213 GLU n 
1 214 ILE n 
1 215 ARG n 
1 216 THR n 
1 217 MET n 
1 218 LYS n 
1 219 ASP n 
1 220 GLY n 
1 221 TRP n 
1 222 THR n 
1 223 VAL n 
1 224 LYS n 
1 225 THR n 
1 226 LYS n 
1 227 ASP n 
1 228 ARG n 
1 229 SER n 
1 230 LEU n 
1 231 SER n 
1 232 ALA n 
1 233 GLN n 
1 234 TYR n 
1 235 GLU n 
1 236 HIS n 
1 237 THR n 
1 238 ILE n 
1 239 VAL n 
1 240 VAL n 
1 241 THR n 
1 242 ASP n 
1 243 ASN n 
1 244 GLY n 
1 245 CYS n 
1 246 GLU n 
1 247 ILE n 
1 248 LEU n 
1 249 THR n 
1 250 LEU n 
1 251 ARG n 
1 252 LYS n 
1 253 ASP n 
1 254 ASP n 
1 255 THR n 
1 256 ILE n 
1 257 PRO n 
1 258 ALA n 
1 259 ILE n 
1 260 ILE n 
1 261 SER n 
1 262 HIS n 
1 263 ASP n 
1 264 GLU n 
2 1   MET n 
2 2   GLU n 
2 3   VAL n 
2 4   LYS n 
2 5   GLU n 
2 6   LEU n 
2 7   GLU n 
2 8   ARG n 
2 9   ASP n 
2 10  LYS n 
2 11  ASN n 
2 12  ARG n 
2 13  VAL n 
2 14  VAL n 
2 15  LEU n 
2 16  GLU n 
2 17  TYR n 
2 18  VAL n 
2 19  PHE n 
2 20  GLY n 
2 21  ALA n 
2 22  GLU n 
2 23  GLU n 
2 24  ILE n 
2 25  ALA n 
2 26  GLN n 
2 27  ALA n 
2 28  GLU n 
2 29  ASP n 
2 30  LYS n 
2 31  ALA n 
2 32  VAL n 
2 33  ARG n 
2 34  TYR n 
2 35  LEU n 
2 36  ASN n 
2 37  GLN n 
2 38  ARG n 
2 39  VAL n 
2 40  GLU n 
2 41  ILE n 
2 42  PRO n 
2 43  GLY n 
2 44  PHE n 
2 45  ARG n 
2 46  LYS n 
2 47  GLY n 
2 48  ARG n 
2 49  ILE n 
2 50  PRO n 
2 51  LYS n 
2 52  ASN n 
2 53  VAL n 
2 54  LEU n 
2 55  LYS n 
2 56  MET n 
2 57  LYS n 
2 58  LEU n 
2 59  GLY n 
2 60  GLU n 
2 61  GLU n 
2 62  PHE n 
2 63  GLN n 
2 64  GLU n 
2 65  TYR n 
2 66  THR n 
2 67  LEU n 
2 68  ASP n 
2 69  PHE n 
2 70  LEU n 
2 71  MET n 
2 72  ASP n 
2 73  LEU n 
2 74  ILE n 
2 75  PRO n 
2 76  ASP n 
2 77  THR n 
2 78  LEU n 
2 79  LYS n 
2 80  ASP n 
2 81  ARG n 
2 82  LYS n 
2 83  LEU n 
2 84  ILE n 
2 85  LEU n 
2 86  SER n 
2 87  PRO n 
2 88  ILE n 
2 89  VAL n 
2 90  THR n 
2 91  GLU n 
2 92  ARG n 
2 93  GLU n 
2 94  LEU n 
2 95  LYS n 
2 96  ASP n 
2 97  VAL n 
2 98  THR n 
2 99  ALA n 
2 100 ARG n 
2 101 VAL n 
2 102 VAL n 
2 103 VAL n 
2 104 GLU n 
2 105 VAL n 
2 106 HIS n 
2 107 GLU n 
2 108 GLU n 
2 109 PRO n 
2 110 GLU n 
2 111 VAL n 
2 112 ARG n 
2 113 ILE n 
2 114 GLY n 
2 115 ASP n 
2 116 ILE n 
2 117 SER n 
2 118 LYS n 
2 119 ILE n 
2 120 GLU n 
2 121 VAL n 
2 122 GLU n 
2 123 LYS n 
2 124 VAL n 
2 125 ASP n 
2 126 GLU n 
2 127 GLU n 
2 128 LYS n 
2 129 VAL n 
2 130 LEU n 
2 131 GLU n 
2 132 LYS n 
2 133 TYR n 
2 134 VAL n 
2 135 GLU n 
2 136 ARG n 
2 137 ARG n 
2 138 ILE n 
2 139 GLU n 
2 140 ASP n 
2 141 LEU n 
2 142 ARG n 
2 143 GLU n 
2 144 SER n 
2 145 HIS n 
2 146 ALA n 
2 147 LEU n 
2 148 LEU n 
2 149 GLU n 
2 150 PRO n 
2 151 LYS n 
2 152 GLU n 
2 153 GLY n 
2 154 PRO n 
2 155 ALA n 
2 156 GLU n 
2 157 ALA n 
2 158 GLY n 
2 159 ASP n 
2 160 LEU n 
2 161 VAL n 
2 162 ARG n 
2 163 VAL n 
2 164 ASN n 
2 165 MET n 
2 166 GLU n 
2 167 VAL n 
2 168 TYR n 
2 169 ASN n 
2 170 GLU n 
2 171 GLU n 
2 172 GLY n 
2 173 LYS n 
2 174 LYS n 
2 175 LEU n 
2 176 THR n 
2 177 SER n 
2 178 ARG n 
2 179 GLU n 
2 180 TYR n 
2 181 GLU n 
2 182 TYR n 
2 183 VAL n 
2 184 ILE n 
2 185 SER n 
2 186 GLU n 
2 187 ASP n 
2 188 GLU n 
2 189 ASP n 
2 190 ARG n 
2 191 PRO n 
2 192 PHE n 
2 193 VAL n 
2 194 LYS n 
2 195 ASP n 
2 196 LEU n 
2 197 VAL n 
2 198 GLY n 
2 199 LYS n 
2 200 LYS n 
2 201 LYS n 
2 202 GLY n 
2 203 ASP n 
2 204 VAL n 
2 205 VAL n 
2 206 GLU n 
2 207 ILE n 
2 208 GLU n 
2 209 ARG n 
2 210 GLU n 
2 211 TYR n 
2 212 GLU n 
2 213 GLY n 
2 214 LYS n 
2 215 LYS n 
2 216 TYR n 
2 217 THR n 
2 218 TYR n 
2 219 LYS n 
2 220 LEU n 
2 221 GLU n 
2 222 VAL n 
2 223 GLU n 
2 224 GLU n 
2 225 VAL n 
2 226 TYR n 
2 227 LYS n 
2 228 ARG n 
2 229 THR n 
2 230 LEU n 
2 231 PRO n 
2 232 GLU n 
2 233 ILE n 
2 234 GLY n 
2 235 ASP n 
2 236 GLU n 
2 237 LEU n 
2 238 ALA n 
2 239 LYS n 
2 240 SER n 
2 241 VAL n 
2 242 ASN n 
2 243 ASN n 
2 244 GLU n 
2 245 PHE n 
2 246 GLU n 
2 247 THR n 
2 248 LEU n 
2 249 GLU n 
2 250 GLN n 
2 251 LEU n 
2 252 LYS n 
2 253 GLU n 
2 254 SER n 
2 255 LEU n 
2 256 LYS n 
2 257 LYS n 
2 258 GLU n 
2 259 GLY n 
2 260 LYS n 
2 261 GLU n 
2 262 ILE n 
2 263 TYR n 
2 264 ASP n 
2 265 VAL n 
2 266 GLU n 
2 267 MET n 
2 268 LYS n 
2 269 GLU n 
2 270 SER n 
2 271 MET n 
2 272 ARG n 
2 273 GLU n 
2 274 GLN n 
2 275 LEU n 
2 276 LEU n 
2 277 GLU n 
2 278 LYS n 
2 279 LEU n 
2 280 PRO n 
2 281 GLU n 
2 282 ILE n 
2 283 VAL n 
2 284 GLU n 
2 285 ILE n 
2 286 GLU n 
2 287 ILE n 
2 288 SER n 
2 289 ASP n 
2 290 ARG n 
2 291 THR n 
2 292 LEU n 
2 293 GLU n 
2 294 ILE n 
2 295 LEU n 
2 296 VAL n 
2 297 ASN n 
2 298 GLU n 
2 299 ALA n 
2 300 ILE n 
2 301 ASN n 
2 302 ARG n 
2 303 LEU n 
2 304 LYS n 
2 305 ARG n 
2 306 GLU n 
2 307 GLY n 
2 308 ARG n 
2 309 TYR n 
2 310 GLU n 
2 311 GLN n 
2 312 ILE n 
2 313 VAL n 
2 314 SER n 
2 315 SER n 
2 316 TYR n 
2 317 GLU n 
2 318 SER n 
2 319 GLU n 
2 320 GLU n 
2 321 LYS n 
2 322 PHE n 
2 323 ARG n 
2 324 GLU n 
2 325 GLU n 
2 326 LEU n 
2 327 LYS n 
2 328 GLU n 
2 329 ARG n 
2 330 ILE n 
2 331 LEU n 
2 332 ASP n 
2 333 ASP n 
2 334 ILE n 
2 335 LYS n 
2 336 ARG n 
2 337 ASP n 
2 338 ARG n 
2 339 VAL n 
2 340 ILE n 
2 341 GLU n 
2 342 VAL n 
2 343 LEU n 
2 344 ALA n 
2 345 GLN n 
2 346 GLU n 
2 347 LYS n 
2 348 GLY n 
2 349 ILE n 
2 350 SER n 
2 351 VAL n 
2 352 ASN n 
2 353 ASP n 
2 354 GLU n 
2 355 GLU n 
2 356 LEU n 
2 357 GLU n 
2 358 LYS n 
2 359 GLU n 
2 360 ALA n 
2 361 GLU n 
2 362 GLU n 
2 363 LEU n 
2 364 ALA n 
2 365 PRO n 
2 366 PHE n 
2 367 TRP n 
2 368 GLY n 
2 369 ILE n 
2 370 SER n 
2 371 PRO n 
2 372 ASP n 
2 373 ARG n 
2 374 ALA n 
2 375 LYS n 
2 376 SER n 
2 377 LEU n 
2 378 VAL n 
2 379 LYS n 
2 380 ALA n 
2 381 ARG n 
2 382 GLN n 
2 383 ASP n 
2 384 LEU n 
2 385 ARG n 
2 386 GLU n 
2 387 GLU n 
2 388 LEU n 
2 389 ARG n 
2 390 TRP n 
2 391 ALA n 
2 392 ILE n 
2 393 LEU n 
2 394 LYS n 
2 395 ARG n 
2 396 LYS n 
2 397 VAL n 
2 398 LEU n 
2 399 ASP n 
2 400 LEU n 
2 401 LEU n 
2 402 LEU n 
2 403 GLN n 
2 404 GLU n 
2 405 VAL n 
2 406 GLU n 
# 
loop_
_entity_src_gen.entity_id 
_entity_src_gen.pdbx_src_id 
_entity_src_gen.pdbx_alt_source_flag 
_entity_src_gen.pdbx_seq_type 
_entity_src_gen.pdbx_beg_seq_num 
_entity_src_gen.pdbx_end_seq_num 
_entity_src_gen.gene_src_common_name 
_entity_src_gen.gene_src_genus 
_entity_src_gen.pdbx_gene_src_gene 
_entity_src_gen.gene_src_species 
_entity_src_gen.gene_src_strain 
_entity_src_gen.gene_src_tissue 
_entity_src_gen.gene_src_tissue_fraction 
_entity_src_gen.gene_src_details 
_entity_src_gen.pdbx_gene_src_fragment 
_entity_src_gen.pdbx_gene_src_scientific_name 
_entity_src_gen.pdbx_gene_src_ncbi_taxonomy_id 
_entity_src_gen.pdbx_gene_src_variant 
_entity_src_gen.pdbx_gene_src_cell_line 
_entity_src_gen.pdbx_gene_src_atcc 
_entity_src_gen.pdbx_gene_src_organ 
_entity_src_gen.pdbx_gene_src_organelle 
_entity_src_gen.pdbx_gene_src_cell 
_entity_src_gen.pdbx_gene_src_cellular_location 
_entity_src_gen.host_org_common_name 
_entity_src_gen.pdbx_host_org_scientific_name 
_entity_src_gen.pdbx_host_org_ncbi_taxonomy_id 
_entity_src_gen.host_org_genus 
_entity_src_gen.pdbx_host_org_gene 
_entity_src_gen.pdbx_host_org_organ 
_entity_src_gen.host_org_species 
_entity_src_gen.pdbx_host_org_tissue 
_entity_src_gen.pdbx_host_org_tissue_fraction 
_entity_src_gen.pdbx_host_org_strain 
_entity_src_gen.pdbx_host_org_variant 
_entity_src_gen.pdbx_host_org_cell_line 
_entity_src_gen.pdbx_host_org_atcc 
_entity_src_gen.pdbx_host_org_culture_collection 
_entity_src_gen.pdbx_host_org_cell 
_entity_src_gen.pdbx_host_org_organelle 
_entity_src_gen.pdbx_host_org_cellular_location 
_entity_src_gen.pdbx_host_org_vector_type 
_entity_src_gen.pdbx_host_org_vector 
_entity_src_gen.host_org_details 
_entity_src_gen.expression_system_id 
_entity_src_gen.plasmid_name 
_entity_src_gen.plasmid_details 
_entity_src_gen.pdbx_description 
1 1 sample 'Biological sequence' 1 264 ? ? 'map, b0168, JW0163' ? K-12 ? ? ? ? 'Escherichia coli K-12'    83333  ? ? ? ? ? ? ? ? 
'Escherichia coli'           562    ? ? ? ? ? ? ? ? ? ? ? ? ? ? ? ? ? ? ? ? ? 
2 1 sample 'Biological sequence' 1 406 ? ? 'tig, TM_0694'       ? MSB8 ? ? ? ? 'Thermotoga maritima MSB8' 243274 ? ? ? ? ? ? ? ? 
'Escherichia coli BL21(DE3)' 469008 ? ? ? ? ? ? ? ? ? ? ? ? ? ? ? ? ? ? ? ? ? 
# 
loop_
_chem_comp.id 
_chem_comp.type 
_chem_comp.mon_nstd_flag 
_chem_comp.name 
_chem_comp.pdbx_synonyms 
_chem_comp.formula 
_chem_comp.formula_weight 
ALA 'L-peptide linking' y ALANINE         ? 'C3 H7 N O2'     89.093  
ARG 'L-peptide linking' y ARGININE        ? 'C6 H15 N4 O2 1' 175.209 
ASN 'L-peptide linking' y ASPARAGINE      ? 'C4 H8 N2 O3'    132.118 
ASP 'L-peptide linking' y 'ASPARTIC ACID' ? 'C4 H7 N O4'     133.103 
CYS 'L-peptide linking' y CYSTEINE        ? 'C3 H7 N O2 S'   121.158 
GLN 'L-peptide linking' y GLUTAMINE       ? 'C5 H10 N2 O3'   146.144 
GLU 'L-peptide linking' y 'GLUTAMIC ACID' ? 'C5 H9 N O4'     147.129 
GLY 'peptide linking'   y GLYCINE         ? 'C2 H5 N O2'     75.067  
HIS 'L-peptide linking' y HISTIDINE       ? 'C6 H10 N3 O2 1' 156.162 
ILE 'L-peptide linking' y ISOLEUCINE      ? 'C6 H13 N O2'    131.173 
LEU 'L-peptide linking' y LEUCINE         ? 'C6 H13 N O2'    131.173 
LYS 'L-peptide linking' y LYSINE          ? 'C6 H15 N2 O2 1' 147.195 
MET 'L-peptide linking' y METHIONINE      ? 'C5 H11 N O2 S'  149.211 
PHE 'L-peptide linking' y PHENYLALANINE   ? 'C9 H11 N O2'    165.189 
PRO 'L-peptide linking' y PROLINE         ? 'C5 H9 N O2'     115.130 
SER 'L-peptide linking' y SERINE          ? 'C3 H7 N O3'     105.093 
THR 'L-peptide linking' y THREONINE       ? 'C4 H9 N O3'     119.119 
TRP 'L-peptide linking' y TRYPTOPHAN      ? 'C11 H12 N2 O2'  204.225 
TYR 'L-peptide linking' y TYROSINE        ? 'C9 H11 N O3'    181.189 
VAL 'L-peptide linking' y VALINE          ? 'C5 H11 N O2'    117.146 
# 
loop_
_pdbx_poly_seq_scheme.asym_id 
_pdbx_poly_seq_scheme.entity_id 
_pdbx_poly_seq_scheme.seq_id 
_pdbx_poly_seq_scheme.mon_id 
_pdbx_poly_seq_scheme.ndb_seq_num 
_pdbx_poly_seq_scheme.pdb_seq_num 
_pdbx_poly_seq_scheme.auth_seq_num 
_pdbx_poly_seq_scheme.pdb_mon_id 
_pdbx_poly_seq_scheme.auth_mon_id 
_pdbx_poly_seq_scheme.pdb_strand_id 
_pdbx_poly_seq_scheme.pdb_ins_code 
_pdbx_poly_seq_scheme.hetero 
A 1 1   MET 1   1   ?   ?   ?   P . n 
A 1 2   ALA 2   2   2   ALA ALA P . n 
A 1 3   ILE 3   3   3   ILE ILE P . n 
A 1 4   SER 4   4   4   SER SER P . n 
A 1 5   ILE 5   5   5   ILE ILE P . n 
A 1 6   LYS 6   6   6   LYS LYS P . n 
A 1 7   THR 7   7   7   THR THR P . n 
A 1 8   PRO 8   8   8   PRO PRO P . n 
A 1 9   GLU 9   9   9   GLU GLU P . n 
A 1 10  ASP 10  10  10  ASP ASP P . n 
A 1 11  ILE 11  11  11  ILE ILE P . n 
A 1 12  GLU 12  12  12  GLU GLU P . n 
A 1 13  LYS 13  13  13  LYS LYS P . n 
A 1 14  MET 14  14  14  MET MET P . n 
A 1 15  ARG 15  15  15  ARG ARG P . n 
A 1 16  VAL 16  16  16  VAL VAL P . n 
A 1 17  ALA 17  17  17  ALA ALA P . n 
A 1 18  GLY 18  18  18  GLY GLY P . n 
A 1 19  ARG 19  19  19  ARG ARG P . n 
A 1 20  LEU 20  20  20  LEU LEU P . n 
A 1 21  ALA 21  21  21  ALA ALA P . n 
A 1 22  ALA 22  22  22  ALA ALA P . n 
A 1 23  GLU 23  23  23  GLU GLU P . n 
A 1 24  VAL 24  24  24  VAL VAL P . n 
A 1 25  LEU 25  25  25  LEU LEU P . n 
A 1 26  GLU 26  26  26  GLU GLU P . n 
A 1 27  MET 27  27  27  MET MET P . n 
A 1 28  ILE 28  28  28  ILE ILE P . n 
A 1 29  GLU 29  29  29  GLU GLU P . n 
A 1 30  PRO 30  30  30  PRO PRO P . n 
A 1 31  TYR 31  31  31  TYR TYR P . n 
A 1 32  VAL 32  32  32  VAL VAL P . n 
A 1 33  LYS 33  33  33  LYS LYS P . n 
A 1 34  PRO 34  34  34  PRO PRO P . n 
A 1 35  GLY 35  35  35  GLY GLY P . n 
A 1 36  VAL 36  36  36  VAL VAL P . n 
A 1 37  SER 37  37  37  SER SER P . n 
A 1 38  THR 38  38  38  THR THR P . n 
A 1 39  GLY 39  39  39  GLY GLY P . n 
A 1 40  GLU 40  40  40  GLU GLU P . n 
A 1 41  LEU 41  41  41  LEU LEU P . n 
A 1 42  ASP 42  42  42  ASP ASP P . n 
A 1 43  ARG 43  43  43  ARG ARG P . n 
A 1 44  ILE 44  44  44  ILE ILE P . n 
A 1 45  CYS 45  45  45  CYS CYS P . n 
A 1 46  ASN 46  46  46  ASN ASN P . n 
A 1 47  ASP 47  47  47  ASP ASP P . n 
A 1 48  TYR 48  48  48  TYR TYR P . n 
A 1 49  ILE 49  49  49  ILE ILE P . n 
A 1 50  VAL 50  50  50  VAL VAL P . n 
A 1 51  ASN 51  51  51  ASN ASN P . n 
A 1 52  GLU 52  52  52  GLU GLU P . n 
A 1 53  GLN 53  53  53  GLN GLN P . n 
A 1 54  HIS 54  54  54  HIS HIS P . n 
A 1 55  ALA 55  55  55  ALA ALA P . n 
A 1 56  VAL 56  56  56  VAL VAL P . n 
A 1 57  SER 57  57  57  SER SER P . n 
A 1 58  ALA 58  58  58  ALA ALA P . n 
A 1 59  CYS 59  59  59  CYS CYS P . n 
A 1 60  LEU 60  60  60  LEU LEU P . n 
A 1 61  GLY 61  61  61  GLY GLY P . n 
A 1 62  TYR 62  62  62  TYR TYR P . n 
A 1 63  HIS 63  63  63  HIS HIS P . n 
A 1 64  GLY 64  64  64  GLY GLY P . n 
A 1 65  TYR 65  65  65  TYR TYR P . n 
A 1 66  PRO 66  66  66  PRO PRO P . n 
A 1 67  LYS 67  67  67  LYS LYS P . n 
A 1 68  SER 68  68  68  SER SER P . n 
A 1 69  VAL 69  69  69  VAL VAL P . n 
A 1 70  CYS 70  70  70  CYS CYS P . n 
A 1 71  ILE 71  71  71  ILE ILE P . n 
A 1 72  SER 72  72  72  SER SER P . n 
A 1 73  ILE 73  73  73  ILE ILE P . n 
A 1 74  ASN 74  74  74  ASN ASN P . n 
A 1 75  GLU 75  75  75  GLU GLU P . n 
A 1 76  VAL 76  76  76  VAL VAL P . n 
A 1 77  VAL 77  77  77  VAL VAL P . n 
A 1 78  CYS 78  78  78  CYS CYS P . n 
A 1 79  HIS 79  79  79  HIS HIS P . n 
A 1 80  GLY 80  80  80  GLY GLY P . n 
A 1 81  ILE 81  81  81  ILE ILE P . n 
A 1 82  PRO 82  82  82  PRO PRO P . n 
A 1 83  ASP 83  83  83  ASP ASP P . n 
A 1 84  ASP 84  84  84  ASP ASP P . n 
A 1 85  ALA 85  85  85  ALA ALA P . n 
A 1 86  LYS 86  86  86  LYS LYS P . n 
A 1 87  LEU 87  87  87  LEU LEU P . n 
A 1 88  LEU 88  88  88  LEU LEU P . n 
A 1 89  LYS 89  89  89  LYS LYS P . n 
A 1 90  ASP 90  90  90  ASP ASP P . n 
A 1 91  GLY 91  91  91  GLY GLY P . n 
A 1 92  ASP 92  92  92  ASP ASP P . n 
A 1 93  ILE 93  93  93  ILE ILE P . n 
A 1 94  VAL 94  94  94  VAL VAL P . n 
A 1 95  ASN 95  95  95  ASN ASN P . n 
A 1 96  ILE 96  96  96  ILE ILE P . n 
A 1 97  ASP 97  97  97  ASP ASP P . n 
A 1 98  VAL 98  98  98  VAL VAL P . n 
A 1 99  THR 99  99  99  THR THR P . n 
A 1 100 VAL 100 100 100 VAL VAL P . n 
A 1 101 ILE 101 101 101 ILE ILE P . n 
A 1 102 LYS 102 102 102 LYS LYS P . n 
A 1 103 ASP 103 103 103 ASP ASP P . n 
A 1 104 GLY 104 104 104 GLY GLY P . n 
A 1 105 PHE 105 105 105 PHE PHE P . n 
A 1 106 HIS 106 106 106 HIS HIS P . n 
A 1 107 GLY 107 107 107 GLY GLY P . n 
A 1 108 ASP 108 108 108 ASP ASP P . n 
A 1 109 THR 109 109 109 THR THR P . n 
A 1 110 SER 110 110 110 SER SER P . n 
A 1 111 LYS 111 111 111 LYS LYS P . n 
A 1 112 MET 112 112 112 MET MET P . n 
A 1 113 PHE 113 113 113 PHE PHE P . n 
A 1 114 ILE 114 114 114 ILE ILE P . n 
A 1 115 VAL 115 115 115 VAL VAL P . n 
A 1 116 GLY 116 116 116 GLY GLY P . n 
A 1 117 LYS 117 117 117 LYS LYS P . n 
A 1 118 PRO 118 118 118 PRO PRO P . n 
A 1 119 THR 119 119 119 THR THR P . n 
A 1 120 ILE 120 120 120 ILE ILE P . n 
A 1 121 MET 121 121 121 MET MET P . n 
A 1 122 GLY 122 122 122 GLY GLY P . n 
A 1 123 GLU 123 123 123 GLU GLU P . n 
A 1 124 ARG 124 124 124 ARG ARG P . n 
A 1 125 LEU 125 125 125 LEU LEU P . n 
A 1 126 CYS 126 126 126 CYS CYS P . n 
A 1 127 ARG 127 127 127 ARG ARG P . n 
A 1 128 ILE 128 128 128 ILE ILE P . n 
A 1 129 THR 129 129 129 THR THR P . n 
A 1 130 GLN 130 130 130 GLN GLN P . n 
A 1 131 GLU 131 131 131 GLU GLU P . n 
A 1 132 SER 132 132 132 SER SER P . n 
A 1 133 LEU 133 133 133 LEU LEU P . n 
A 1 134 TYR 134 134 134 TYR TYR P . n 
A 1 135 LEU 135 135 135 LEU LEU P . n 
A 1 136 ALA 136 136 136 ALA ALA P . n 
A 1 137 LEU 137 137 137 LEU LEU P . n 
A 1 138 ARG 138 138 138 ARG ARG P . n 
A 1 139 MET 139 139 139 MET MET P . n 
A 1 140 VAL 140 140 140 VAL VAL P . n 
A 1 141 LYS 141 141 141 LYS LYS P . n 
A 1 142 PRO 142 142 142 PRO PRO P . n 
A 1 143 GLY 143 143 143 GLY GLY P . n 
A 1 144 ILE 144 144 144 ILE ILE P . n 
A 1 145 ASN 145 145 145 ASN ASN P . n 
A 1 146 LEU 146 146 146 LEU LEU P . n 
A 1 147 ARG 147 147 147 ARG ARG P . n 
A 1 148 GLU 148 148 148 GLU GLU P . n 
A 1 149 ILE 149 149 149 ILE ILE P . n 
A 1 150 GLY 150 150 150 GLY GLY P . n 
A 1 151 ALA 151 151 151 ALA ALA P . n 
A 1 152 ALA 152 152 152 ALA ALA P . n 
A 1 153 ILE 153 153 153 ILE ILE P . n 
A 1 154 GLN 154 154 154 GLN GLN P . n 
A 1 155 LYS 155 155 155 LYS LYS P . n 
A 1 156 PHE 156 156 156 PHE PHE P . n 
A 1 157 VAL 157 157 157 VAL VAL P . n 
A 1 158 GLU 158 158 158 GLU GLU P . n 
A 1 159 ALA 159 159 159 ALA ALA P . n 
A 1 160 GLU 160 160 160 GLU GLU P . n 
A 1 161 GLY 161 161 161 GLY GLY P . n 
A 1 162 PHE 162 162 162 PHE PHE P . n 
A 1 163 SER 163 163 163 SER SER P . n 
A 1 164 VAL 164 164 164 VAL VAL P . n 
A 1 165 VAL 165 165 165 VAL VAL P . n 
A 1 166 ARG 166 166 166 ARG ARG P . n 
A 1 167 GLU 167 167 167 GLU GLU P . n 
A 1 168 TYR 168 168 168 TYR TYR P . n 
A 1 169 CYS 169 169 169 CYS CYS P . n 
A 1 170 GLY 170 170 170 GLY GLY P . n 
A 1 171 HIS 171 171 171 HIS HIS P . n 
A 1 172 GLY 172 172 172 GLY GLY P . n 
A 1 173 ILE 173 173 173 ILE ILE P . n 
A 1 174 GLY 174 174 174 GLY GLY P . n 
A 1 175 GLN 175 175 175 GLN GLN P . n 
A 1 176 GLY 176 176 176 GLY GLY P . n 
A 1 177 PHE 177 177 177 PHE PHE P . n 
A 1 178 HIS 178 178 178 HIS HIS P . n 
A 1 179 GLU 179 179 179 GLU GLU P . n 
A 1 180 GLU 180 180 180 GLU GLU P . n 
A 1 181 PRO 181 181 181 PRO PRO P . n 
A 1 182 GLN 182 182 182 GLN GLN P . n 
A 1 183 VAL 183 183 183 VAL VAL P . n 
A 1 184 LEU 184 184 184 LEU LEU P . n 
A 1 185 HIS 185 185 185 HIS HIS P . n 
A 1 186 TYR 186 186 186 TYR TYR P . n 
A 1 187 ASP 187 187 187 ASP ASP P . n 
A 1 188 SER 188 188 188 SER SER P . n 
A 1 189 ARG 189 189 189 ARG ARG P . n 
A 1 190 GLU 190 190 190 GLU GLU P . n 
A 1 191 THR 191 191 191 THR THR P . n 
A 1 192 ASN 192 192 192 ASN ASN P . n 
A 1 193 VAL 193 193 193 VAL VAL P . n 
A 1 194 VAL 194 194 194 VAL VAL P . n 
A 1 195 LEU 195 195 195 LEU LEU P . n 
A 1 196 LYS 196 196 196 LYS LYS P . n 
A 1 197 PRO 197 197 197 PRO PRO P . n 
A 1 198 GLY 198 198 198 GLY GLY P . n 
A 1 199 MET 199 199 199 MET MET P . n 
A 1 200 THR 200 200 200 THR THR P . n 
A 1 201 PHE 201 201 201 PHE PHE P . n 
A 1 202 THR 202 202 202 THR THR P . n 
A 1 203 ILE 203 203 203 ILE ILE P . n 
A 1 204 GLU 204 204 204 GLU GLU P . n 
A 1 205 PRO 205 205 205 PRO PRO P . n 
A 1 206 MET 206 206 206 MET MET P . n 
A 1 207 VAL 207 207 207 VAL VAL P . n 
A 1 208 ASN 208 208 208 ASN ASN P . n 
A 1 209 ALA 209 209 209 ALA ALA P . n 
A 1 210 GLY 210 210 210 GLY GLY P . n 
A 1 211 LYS 211 211 211 LYS LYS P . n 
A 1 212 LYS 212 212 212 LYS LYS P . n 
A 1 213 GLU 213 213 213 GLU GLU P . n 
A 1 214 ILE 214 214 214 ILE ILE P . n 
A 1 215 ARG 215 215 215 ARG ARG P . n 
A 1 216 THR 216 216 216 THR THR P . n 
A 1 217 MET 217 217 217 MET MET P . n 
A 1 218 LYS 218 218 218 LYS LYS P . n 
A 1 219 ASP 219 219 219 ASP ASP P . n 
A 1 220 GLY 220 220 220 GLY GLY P . n 
A 1 221 TRP 221 221 221 TRP TRP P . n 
A 1 222 THR 222 222 222 THR THR P . n 
A 1 223 VAL 223 223 223 VAL VAL P . n 
A 1 224 LYS 224 224 224 LYS LYS P . n 
A 1 225 THR 225 225 225 THR THR P . n 
A 1 226 LYS 226 226 226 LYS LYS P . n 
A 1 227 ASP 227 227 227 ASP ASP P . n 
A 1 228 ARG 228 228 228 ARG ARG P . n 
A 1 229 SER 229 229 229 SER SER P . n 
A 1 230 LEU 230 230 230 LEU LEU P . n 
A 1 231 SER 231 231 231 SER SER P . n 
A 1 232 ALA 232 232 232 ALA ALA P . n 
A 1 233 GLN 233 233 233 GLN GLN P . n 
A 1 234 TYR 234 234 234 TYR TYR P . n 
A 1 235 GLU 235 235 235 GLU GLU P . n 
A 1 236 HIS 236 236 236 HIS HIS P . n 
A 1 237 THR 237 237 237 THR THR P . n 
A 1 238 ILE 238 238 238 ILE ILE P . n 
A 1 239 VAL 239 239 239 VAL VAL P . n 
A 1 240 VAL 240 240 240 VAL VAL P . n 
A 1 241 THR 241 241 241 THR THR P . n 
A 1 242 ASP 242 242 242 ASP ASP P . n 
A 1 243 ASN 243 243 243 ASN ASN P . n 
A 1 244 GLY 244 244 244 GLY GLY P . n 
A 1 245 CYS 245 245 245 CYS CYS P . n 
A 1 246 GLU 246 246 246 GLU GLU P . n 
A 1 247 ILE 247 247 247 ILE ILE P . n 
A 1 248 LEU 248 248 248 LEU LEU P . n 
A 1 249 THR 249 249 249 THR THR P . n 
A 1 250 LEU 250 250 250 LEU LEU P . n 
A 1 251 ARG 251 251 251 ARG ARG P . n 
A 1 252 LYS 252 252 252 LYS LYS P . n 
A 1 253 ASP 253 253 253 ASP ASP P . n 
A 1 254 ASP 254 254 254 ASP ASP P . n 
A 1 255 THR 255 255 255 THR THR P . n 
A 1 256 ILE 256 256 256 ILE ILE P . n 
A 1 257 PRO 257 257 257 PRO PRO P . n 
A 1 258 ALA 258 258 258 ALA ALA P . n 
A 1 259 ILE 259 259 259 ILE ILE P . n 
A 1 260 ILE 260 260 260 ILE ILE P . n 
A 1 261 SER 261 261 261 SER SER P . n 
A 1 262 HIS 262 262 262 HIS HIS P . n 
A 1 263 ASP 263 263 263 ASP ASP P . n 
A 1 264 GLU 264 264 ?   ?   ?   P . n 
B 2 1   MET 1   1   1   MET MET Q . n 
B 2 2   GLU 2   2   2   GLU GLU Q . n 
B 2 3   VAL 3   3   3   VAL VAL Q . n 
B 2 4   LYS 4   4   4   LYS LYS Q . n 
B 2 5   GLU 5   5   5   GLU GLU Q . n 
B 2 6   LEU 6   6   6   LEU LEU Q . n 
B 2 7   GLU 7   7   7   GLU GLU Q . n 
B 2 8   ARG 8   8   8   ARG ARG Q . n 
B 2 9   ASP 9   9   9   ASP ASP Q . n 
B 2 10  LYS 10  10  10  LYS LYS Q . n 
B 2 11  ASN 11  11  11  ASN ASN Q . n 
B 2 12  ARG 12  12  12  ARG ARG Q . n 
B 2 13  VAL 13  13  13  VAL VAL Q . n 
B 2 14  VAL 14  14  14  VAL VAL Q . n 
B 2 15  LEU 15  15  15  LEU LEU Q . n 
B 2 16  GLU 16  16  16  GLU GLU Q . n 
B 2 17  TYR 17  17  17  TYR TYR Q . n 
B 2 18  VAL 18  18  18  VAL VAL Q . n 
B 2 19  PHE 19  19  19  PHE PHE Q . n 
B 2 20  GLY 20  20  20  GLY GLY Q . n 
B 2 21  ALA 21  21  21  ALA ALA Q . n 
B 2 22  GLU 22  22  22  GLU GLU Q . n 
B 2 23  GLU 23  23  23  GLU GLU Q . n 
B 2 24  ILE 24  24  24  ILE ILE Q . n 
B 2 25  ALA 25  25  25  ALA ALA Q . n 
B 2 26  GLN 26  26  26  GLN GLN Q . n 
B 2 27  ALA 27  27  27  ALA ALA Q . n 
B 2 28  GLU 28  28  28  GLU GLU Q . n 
B 2 29  ASP 29  29  29  ASP ASP Q . n 
B 2 30  LYS 30  30  30  LYS LYS Q . n 
B 2 31  ALA 31  31  31  ALA ALA Q . n 
B 2 32  VAL 32  32  32  VAL VAL Q . n 
B 2 33  ARG 33  33  33  ARG ARG Q . n 
B 2 34  TYR 34  34  34  TYR TYR Q . n 
B 2 35  LEU 35  35  35  LEU LEU Q . n 
B 2 36  ASN 36  36  36  ASN ASN Q . n 
B 2 37  GLN 37  37  37  GLN GLN Q . n 
B 2 38  ARG 38  38  38  ARG ARG Q . n 
B 2 39  VAL 39  39  39  VAL VAL Q . n 
B 2 40  GLU 40  40  40  GLU GLU Q . n 
B 2 41  ILE 41  41  41  ILE ILE Q . n 
B 2 42  PRO 42  42  42  PRO PRO Q . n 
B 2 43  GLY 43  43  43  GLY GLY Q . n 
B 2 44  PHE 44  44  44  PHE PHE Q . n 
B 2 45  ARG 45  45  45  ARG ARG Q . n 
B 2 46  LYS 46  46  46  LYS LYS Q . n 
B 2 47  GLY 47  47  47  GLY GLY Q . n 
B 2 48  ARG 48  48  48  ARG ARG Q . n 
B 2 49  ILE 49  49  49  ILE ILE Q . n 
B 2 50  PRO 50  50  50  PRO PRO Q . n 
B 2 51  LYS 51  51  51  LYS LYS Q . n 
B 2 52  ASN 52  52  52  ASN ASN Q . n 
B 2 53  VAL 53  53  53  VAL VAL Q . n 
B 2 54  LEU 54  54  54  LEU LEU Q . n 
B 2 55  LYS 55  55  55  LYS LYS Q . n 
B 2 56  MET 56  56  56  MET MET Q . n 
B 2 57  LYS 57  57  57  LYS LYS Q . n 
B 2 58  LEU 58  58  58  LEU LEU Q . n 
B 2 59  GLY 59  59  59  GLY GLY Q . n 
B 2 60  GLU 60  60  60  GLU GLU Q . n 
B 2 61  GLU 61  61  61  GLU GLU Q . n 
B 2 62  PHE 62  62  62  PHE PHE Q . n 
B 2 63  GLN 63  63  63  GLN GLN Q . n 
B 2 64  GLU 64  64  64  GLU GLU Q . n 
B 2 65  TYR 65  65  65  TYR TYR Q . n 
B 2 66  THR 66  66  66  THR THR Q . n 
B 2 67  LEU 67  67  67  LEU LEU Q . n 
B 2 68  ASP 68  68  68  ASP ASP Q . n 
B 2 69  PHE 69  69  69  PHE PHE Q . n 
B 2 70  LEU 70  70  70  LEU LEU Q . n 
B 2 71  MET 71  71  71  MET MET Q . n 
B 2 72  ASP 72  72  72  ASP ASP Q . n 
B 2 73  LEU 73  73  73  LEU LEU Q . n 
B 2 74  ILE 74  74  74  ILE ILE Q . n 
B 2 75  PRO 75  75  75  PRO PRO Q . n 
B 2 76  ASP 76  76  76  ASP ASP Q . n 
B 2 77  THR 77  77  77  THR THR Q . n 
B 2 78  LEU 78  78  78  LEU LEU Q . n 
B 2 79  LYS 79  79  79  LYS LYS Q . n 
B 2 80  ASP 80  80  80  ASP ASP Q . n 
B 2 81  ARG 81  81  81  ARG ARG Q . n 
B 2 82  LYS 82  82  82  LYS LYS Q . n 
B 2 83  LEU 83  83  83  LEU LEU Q . n 
B 2 84  ILE 84  84  84  ILE ILE Q . n 
B 2 85  LEU 85  85  85  LEU LEU Q . n 
B 2 86  SER 86  86  86  SER SER Q . n 
B 2 87  PRO 87  87  87  PRO PRO Q . n 
B 2 88  ILE 88  88  88  ILE ILE Q . n 
B 2 89  VAL 89  89  89  VAL VAL Q . n 
B 2 90  THR 90  90  90  THR THR Q . n 
B 2 91  GLU 91  91  91  GLU GLU Q . n 
B 2 92  ARG 92  92  92  ARG ARG Q . n 
B 2 93  GLU 93  93  93  GLU GLU Q . n 
B 2 94  LEU 94  94  94  LEU LEU Q . n 
B 2 95  LYS 95  95  95  LYS LYS Q . n 
B 2 96  ASP 96  96  96  ASP ASP Q . n 
B 2 97  VAL 97  97  97  VAL VAL Q . n 
B 2 98  THR 98  98  98  THR THR Q . n 
B 2 99  ALA 99  99  99  ALA ALA Q . n 
B 2 100 ARG 100 100 100 ARG ARG Q . n 
B 2 101 VAL 101 101 101 VAL VAL Q . n 
B 2 102 VAL 102 102 102 VAL VAL Q . n 
B 2 103 VAL 103 103 103 VAL VAL Q . n 
B 2 104 GLU 104 104 104 GLU GLU Q . n 
B 2 105 VAL 105 105 105 VAL VAL Q . n 
B 2 106 HIS 106 106 106 HIS HIS Q . n 
B 2 107 GLU 107 107 107 GLU GLU Q . n 
B 2 108 GLU 108 108 108 GLU GLU Q . n 
B 2 109 PRO 109 109 109 PRO PRO Q . n 
B 2 110 GLU 110 110 110 GLU GLU Q . n 
B 2 111 VAL 111 111 111 VAL VAL Q . n 
B 2 112 ARG 112 112 112 ARG ARG Q . n 
B 2 113 ILE 113 113 113 ILE ILE Q . n 
B 2 114 GLY 114 114 114 GLY GLY Q . n 
B 2 115 ASP 115 115 115 ASP ASP Q . n 
B 2 116 ILE 116 116 116 ILE ILE Q . n 
B 2 117 SER 117 117 117 SER SER Q . n 
B 2 118 LYS 118 118 118 LYS LYS Q . n 
B 2 119 ILE 119 119 119 ILE ILE Q . n 
B 2 120 GLU 120 120 120 GLU GLU Q . n 
B 2 121 VAL 121 121 121 VAL VAL Q . n 
B 2 122 GLU 122 122 122 GLU GLU Q . n 
B 2 123 LYS 123 123 123 LYS LYS Q . n 
B 2 124 VAL 124 124 124 VAL VAL Q . n 
B 2 125 ASP 125 125 125 ASP ASP Q . n 
B 2 126 GLU 126 126 126 GLU GLU Q . n 
B 2 127 GLU 127 127 127 GLU GLU Q . n 
B 2 128 LYS 128 128 128 LYS LYS Q . n 
B 2 129 VAL 129 129 129 VAL VAL Q . n 
B 2 130 LEU 130 130 130 LEU LEU Q . n 
B 2 131 GLU 131 131 131 GLU GLU Q . n 
B 2 132 LYS 132 132 132 LYS LYS Q . n 
B 2 133 TYR 133 133 133 TYR TYR Q . n 
B 2 134 VAL 134 134 134 VAL VAL Q . n 
B 2 135 GLU 135 135 135 GLU GLU Q . n 
B 2 136 ARG 136 136 136 ARG ARG Q . n 
B 2 137 ARG 137 137 137 ARG ARG Q . n 
B 2 138 ILE 138 138 138 ILE ILE Q . n 
B 2 139 GLU 139 139 139 GLU GLU Q . n 
B 2 140 ASP 140 140 140 ASP ASP Q . n 
B 2 141 LEU 141 141 141 LEU LEU Q . n 
B 2 142 ARG 142 142 142 ARG ARG Q . n 
B 2 143 GLU 143 143 143 GLU GLU Q . n 
B 2 144 SER 144 144 144 SER SER Q . n 
B 2 145 HIS 145 145 145 HIS HIS Q . n 
B 2 146 ALA 146 146 146 ALA ALA Q . n 
B 2 147 LEU 147 147 147 LEU LEU Q . n 
B 2 148 LEU 148 148 148 LEU LEU Q . n 
B 2 149 GLU 149 149 149 GLU GLU Q . n 
B 2 150 PRO 150 150 150 PRO PRO Q . n 
B 2 151 LYS 151 151 151 LYS LYS Q . n 
B 2 152 GLU 152 152 152 GLU GLU Q . n 
B 2 153 GLY 153 153 153 GLY GLY Q . n 
B 2 154 PRO 154 154 154 PRO PRO Q . n 
B 2 155 ALA 155 155 155 ALA ALA Q . n 
B 2 156 GLU 156 156 156 GLU GLU Q . n 
B 2 157 ALA 157 157 157 ALA ALA Q . n 
B 2 158 GLY 158 158 158 GLY GLY Q . n 
B 2 159 ASP 159 159 159 ASP ASP Q . n 
B 2 160 LEU 160 160 160 LEU LEU Q . n 
B 2 161 VAL 161 161 161 VAL VAL Q . n 
B 2 162 ARG 162 162 162 ARG ARG Q . n 
B 2 163 VAL 163 163 163 VAL VAL Q . n 
B 2 164 ASN 164 164 164 ASN ASN Q . n 
B 2 165 MET 165 165 165 MET MET Q . n 
B 2 166 GLU 166 166 166 GLU GLU Q . n 
B 2 167 VAL 167 167 167 VAL VAL Q . n 
B 2 168 TYR 168 168 168 TYR TYR Q . n 
B 2 169 ASN 169 169 169 ASN ASN Q . n 
B 2 170 GLU 170 170 170 GLU GLU Q . n 
B 2 171 GLU 171 171 171 GLU GLU Q . n 
B 2 172 GLY 172 172 172 GLY GLY Q . n 
B 2 173 LYS 173 173 173 LYS LYS Q . n 
B 2 174 LYS 174 174 174 LYS LYS Q . n 
B 2 175 LEU 175 175 175 LEU LEU Q . n 
B 2 176 THR 176 176 176 THR THR Q . n 
B 2 177 SER 177 177 177 SER SER Q . n 
B 2 178 ARG 178 178 178 ARG ARG Q . n 
B 2 179 GLU 179 179 179 GLU GLU Q . n 
B 2 180 TYR 180 180 180 TYR TYR Q . n 
B 2 181 GLU 181 181 181 GLU GLU Q . n 
B 2 182 TYR 182 182 182 TYR TYR Q . n 
B 2 183 VAL 183 183 183 VAL VAL Q . n 
B 2 184 ILE 184 184 184 ILE ILE Q . n 
B 2 185 SER 185 185 185 SER SER Q . n 
B 2 186 GLU 186 186 186 GLU GLU Q . n 
B 2 187 ASP 187 187 187 ASP ASP Q . n 
B 2 188 GLU 188 188 188 GLU GLU Q . n 
B 2 189 ASP 189 189 189 ASP ASP Q . n 
B 2 190 ARG 190 190 190 ARG ARG Q . n 
B 2 191 PRO 191 191 191 PRO PRO Q . n 
B 2 192 PHE 192 192 192 PHE PHE Q . n 
B 2 193 VAL 193 193 193 VAL VAL Q . n 
B 2 194 LYS 194 194 194 LYS LYS Q . n 
B 2 195 ASP 195 195 195 ASP ASP Q . n 
B 2 196 LEU 196 196 196 LEU LEU Q . n 
B 2 197 VAL 197 197 197 VAL VAL Q . n 
B 2 198 GLY 198 198 198 GLY GLY Q . n 
B 2 199 LYS 199 199 199 LYS LYS Q . n 
B 2 200 LYS 200 200 200 LYS LYS Q . n 
B 2 201 LYS 201 201 201 LYS LYS Q . n 
B 2 202 GLY 202 202 202 GLY GLY Q . n 
B 2 203 ASP 203 203 203 ASP ASP Q . n 
B 2 204 VAL 204 204 204 VAL VAL Q . n 
B 2 205 VAL 205 205 205 VAL VAL Q . n 
B 2 206 GLU 206 206 206 GLU GLU Q . n 
B 2 207 ILE 207 207 207 ILE ILE Q . n 
B 2 208 GLU 208 208 208 GLU GLU Q . n 
B 2 209 ARG 209 209 209 ARG ARG Q . n 
B 2 210 GLU 210 210 210 GLU GLU Q . n 
B 2 211 TYR 211 211 211 TYR TYR Q . n 
B 2 212 GLU 212 212 212 GLU GLU Q . n 
B 2 213 GLY 213 213 213 GLY GLY Q . n 
B 2 214 LYS 214 214 214 LYS LYS Q . n 
B 2 215 LYS 215 215 215 LYS LYS Q . n 
B 2 216 TYR 216 216 216 TYR TYR Q . n 
B 2 217 THR 217 217 217 THR THR Q . n 
B 2 218 TYR 218 218 218 TYR TYR Q . n 
B 2 219 LYS 219 219 219 LYS LYS Q . n 
B 2 220 LEU 220 220 220 LEU LEU Q . n 
B 2 221 GLU 221 221 221 GLU GLU Q . n 
B 2 222 VAL 222 222 222 VAL VAL Q . n 
B 2 223 GLU 223 223 223 GLU GLU Q . n 
B 2 224 GLU 224 224 224 GLU GLU Q . n 
B 2 225 VAL 225 225 225 VAL VAL Q . n 
B 2 226 TYR 226 226 226 TYR TYR Q . n 
B 2 227 LYS 227 227 227 LYS LYS Q . n 
B 2 228 ARG 228 228 228 ARG ARG Q . n 
B 2 229 THR 229 229 229 THR THR Q . n 
B 2 230 LEU 230 230 230 LEU LEU Q . n 
B 2 231 PRO 231 231 231 PRO PRO Q . n 
B 2 232 GLU 232 232 232 GLU GLU Q . n 
B 2 233 ILE 233 233 233 ILE ILE Q . n 
B 2 234 GLY 234 234 234 GLY GLY Q . n 
B 2 235 ASP 235 235 235 ASP ASP Q . n 
B 2 236 GLU 236 236 236 GLU GLU Q . n 
B 2 237 LEU 237 237 237 LEU LEU Q . n 
B 2 238 ALA 238 238 238 ALA ALA Q . n 
B 2 239 LYS 239 239 239 LYS LYS Q . n 
B 2 240 SER 240 240 240 SER SER Q . n 
B 2 241 VAL 241 241 241 VAL VAL Q . n 
B 2 242 ASN 242 242 242 ASN ASN Q . n 
B 2 243 ASN 243 243 243 ASN ASN Q . n 
B 2 244 GLU 244 244 244 GLU GLU Q . n 
B 2 245 PHE 245 245 245 PHE PHE Q . n 
B 2 246 GLU 246 246 246 GLU GLU Q . n 
B 2 247 THR 247 247 247 THR THR Q . n 
B 2 248 LEU 248 248 248 LEU LEU Q . n 
B 2 249 GLU 249 249 249 GLU GLU Q . n 
B 2 250 GLN 250 250 250 GLN GLN Q . n 
B 2 251 LEU 251 251 251 LEU LEU Q . n 
B 2 252 LYS 252 252 252 LYS LYS Q . n 
B 2 253 GLU 253 253 253 GLU GLU Q . n 
B 2 254 SER 254 254 254 SER SER Q . n 
B 2 255 LEU 255 255 255 LEU LEU Q . n 
B 2 256 LYS 256 256 256 LYS LYS Q . n 
B 2 257 LYS 257 257 257 LYS LYS Q . n 
B 2 258 GLU 258 258 258 GLU GLU Q . n 
B 2 259 GLY 259 259 259 GLY GLY Q . n 
B 2 260 LYS 260 260 260 LYS LYS Q . n 
B 2 261 GLU 261 261 261 GLU GLU Q . n 
B 2 262 ILE 262 262 262 ILE ILE Q . n 
B 2 263 TYR 263 263 263 TYR TYR Q . n 
B 2 264 ASP 264 264 264 ASP ASP Q . n 
B 2 265 VAL 265 265 265 VAL VAL Q . n 
B 2 266 GLU 266 266 266 GLU GLU Q . n 
B 2 267 MET 267 267 267 MET MET Q . n 
B 2 268 LYS 268 268 268 LYS LYS Q . n 
B 2 269 GLU 269 269 269 GLU GLU Q . n 
B 2 270 SER 270 270 270 SER SER Q . n 
B 2 271 MET 271 271 271 MET MET Q . n 
B 2 272 ARG 272 272 272 ARG ARG Q . n 
B 2 273 GLU 273 273 273 GLU GLU Q . n 
B 2 274 GLN 274 274 274 GLN GLN Q . n 
B 2 275 LEU 275 275 275 LEU LEU Q . n 
B 2 276 LEU 276 276 276 LEU LEU Q . n 
B 2 277 GLU 277 277 277 GLU GLU Q . n 
B 2 278 LYS 278 278 278 LYS LYS Q . n 
B 2 279 LEU 279 279 279 LEU LEU Q . n 
B 2 280 PRO 280 280 280 PRO PRO Q . n 
B 2 281 GLU 281 281 281 GLU GLU Q . n 
B 2 282 ILE 282 282 282 ILE ILE Q . n 
B 2 283 VAL 283 283 283 VAL VAL Q . n 
B 2 284 GLU 284 284 284 GLU GLU Q . n 
B 2 285 ILE 285 285 285 ILE ILE Q . n 
B 2 286 GLU 286 286 286 GLU GLU Q . n 
B 2 287 ILE 287 287 287 ILE ILE Q . n 
B 2 288 SER 288 288 288 SER SER Q . n 
B 2 289 ASP 289 289 289 ASP ASP Q . n 
B 2 290 ARG 290 290 290 ARG ARG Q . n 
B 2 291 THR 291 291 291 THR THR Q . n 
B 2 292 LEU 292 292 292 LEU LEU Q . n 
B 2 293 GLU 293 293 293 GLU GLU Q . n 
B 2 294 ILE 294 294 294 ILE ILE Q . n 
B 2 295 LEU 295 295 295 LEU LEU Q . n 
B 2 296 VAL 296 296 296 VAL VAL Q . n 
B 2 297 ASN 297 297 297 ASN ASN Q . n 
B 2 298 GLU 298 298 298 GLU GLU Q . n 
B 2 299 ALA 299 299 299 ALA ALA Q . n 
B 2 300 ILE 300 300 300 ILE ILE Q . n 
B 2 301 ASN 301 301 301 ASN ASN Q . n 
B 2 302 ARG 302 302 302 ARG ARG Q . n 
B 2 303 LEU 303 303 303 LEU LEU Q . n 
B 2 304 LYS 304 304 304 LYS LYS Q . n 
B 2 305 ARG 305 305 305 ARG ARG Q . n 
B 2 306 GLU 306 306 306 GLU GLU Q . n 
B 2 307 GLY 307 307 307 GLY GLY Q . n 
B 2 308 ARG 308 308 308 ARG ARG Q . n 
B 2 309 TYR 309 309 309 TYR TYR Q . n 
B 2 310 GLU 310 310 310 GLU GLU Q . n 
B 2 311 GLN 311 311 311 GLN GLN Q . n 
B 2 312 ILE 312 312 312 ILE ILE Q . n 
B 2 313 VAL 313 313 313 VAL VAL Q . n 
B 2 314 SER 314 314 314 SER SER Q . n 
B 2 315 SER 315 315 315 SER SER Q . n 
B 2 316 TYR 316 316 316 TYR TYR Q . n 
B 2 317 GLU 317 317 317 GLU GLU Q . n 
B 2 318 SER 318 318 318 SER SER Q . n 
B 2 319 GLU 319 319 319 GLU GLU Q . n 
B 2 320 GLU 320 320 320 GLU GLU Q . n 
B 2 321 LYS 321 321 321 LYS LYS Q . n 
B 2 322 PHE 322 322 322 PHE PHE Q . n 
B 2 323 ARG 323 323 323 ARG ARG Q . n 
B 2 324 GLU 324 324 324 GLU GLU Q . n 
B 2 325 GLU 325 325 325 GLU GLU Q . n 
B 2 326 LEU 326 326 326 LEU LEU Q . n 
B 2 327 LYS 327 327 327 LYS LYS Q . n 
B 2 328 GLU 328 328 328 GLU GLU Q . n 
B 2 329 ARG 329 329 329 ARG ARG Q . n 
B 2 330 ILE 330 330 330 ILE ILE Q . n 
B 2 331 LEU 331 331 331 LEU LEU Q . n 
B 2 332 ASP 332 332 332 ASP ASP Q . n 
B 2 333 ASP 333 333 333 ASP ASP Q . n 
B 2 334 ILE 334 334 334 ILE ILE Q . n 
B 2 335 LYS 335 335 335 LYS LYS Q . n 
B 2 336 ARG 336 336 336 ARG ARG Q . n 
B 2 337 ASP 337 337 337 ASP ASP Q . n 
B 2 338 ARG 338 338 338 ARG ARG Q . n 
B 2 339 VAL 339 339 339 VAL VAL Q . n 
B 2 340 ILE 340 340 340 ILE ILE Q . n 
B 2 341 GLU 341 341 341 GLU GLU Q . n 
B 2 342 VAL 342 342 342 VAL VAL Q . n 
B 2 343 LEU 343 343 343 LEU LEU Q . n 
B 2 344 ALA 344 344 344 ALA ALA Q . n 
B 2 345 GLN 345 345 345 GLN GLN Q . n 
B 2 346 GLU 346 346 346 GLU GLU Q . n 
B 2 347 LYS 347 347 347 LYS LYS Q . n 
B 2 348 GLY 348 348 348 GLY GLY Q . n 
B 2 349 ILE 349 349 349 ILE ILE Q . n 
B 2 350 SER 350 350 350 SER SER Q . n 
B 2 351 VAL 351 351 351 VAL VAL Q . n 
B 2 352 ASN 352 352 352 ASN ASN Q . n 
B 2 353 ASP 353 353 353 ASP ASP Q . n 
B 2 354 GLU 354 354 354 GLU GLU Q . n 
B 2 355 GLU 355 355 355 GLU GLU Q . n 
B 2 356 LEU 356 356 356 LEU LEU Q . n 
B 2 357 GLU 357 357 357 GLU GLU Q . n 
B 2 358 LYS 358 358 358 LYS LYS Q . n 
B 2 359 GLU 359 359 359 GLU GLU Q . n 
B 2 360 ALA 360 360 360 ALA ALA Q . n 
B 2 361 GLU 361 361 361 GLU GLU Q . n 
B 2 362 GLU 362 362 362 GLU GLU Q . n 
B 2 363 LEU 363 363 363 LEU LEU Q . n 
B 2 364 ALA 364 364 364 ALA ALA Q . n 
B 2 365 PRO 365 365 365 PRO PRO Q . n 
B 2 366 PHE 366 366 366 PHE PHE Q . n 
B 2 367 TRP 367 367 367 TRP TRP Q . n 
B 2 368 GLY 368 368 368 GLY GLY Q . n 
B 2 369 ILE 369 369 369 ILE ILE Q . n 
B 2 370 SER 370 370 370 SER SER Q . n 
B 2 371 PRO 371 371 371 PRO PRO Q . n 
B 2 372 ASP 372 372 372 ASP ASP Q . n 
B 2 373 ARG 373 373 373 ARG ARG Q . n 
B 2 374 ALA 374 374 374 ALA ALA Q . n 
B 2 375 LYS 375 375 375 LYS LYS Q . n 
B 2 376 SER 376 376 376 SER SER Q . n 
B 2 377 LEU 377 377 377 LEU LEU Q . n 
B 2 378 VAL 378 378 378 VAL VAL Q . n 
B 2 379 LYS 379 379 379 LYS LYS Q . n 
B 2 380 ALA 380 380 380 ALA ALA Q . n 
B 2 381 ARG 381 381 381 ARG ARG Q . n 
B 2 382 GLN 382 382 382 GLN GLN Q . n 
B 2 383 ASP 383 383 383 ASP ASP Q . n 
B 2 384 LEU 384 384 384 LEU LEU Q . n 
B 2 385 ARG 385 385 385 ARG ARG Q . n 
B 2 386 GLU 386 386 386 GLU GLU Q . n 
B 2 387 GLU 387 387 387 GLU GLU Q . n 
B 2 388 LEU 388 388 388 LEU LEU Q . n 
B 2 389 ARG 389 389 389 ARG ARG Q . n 
B 2 390 TRP 390 390 390 TRP TRP Q . n 
B 2 391 ALA 391 391 391 ALA ALA Q . n 
B 2 392 ILE 392 392 392 ILE ILE Q . n 
B 2 393 LEU 393 393 393 LEU LEU Q . n 
B 2 394 LYS 394 394 394 LYS LYS Q . n 
B 2 395 ARG 395 395 395 ARG ARG Q . n 
B 2 396 LYS 396 396 396 LYS LYS Q . n 
B 2 397 VAL 397 397 397 VAL VAL Q . n 
B 2 398 LEU 398 398 398 LEU LEU Q . n 
B 2 399 ASP 399 399 399 ASP ASP Q . n 
B 2 400 LEU 400 400 400 LEU LEU Q . n 
B 2 401 LEU 401 401 401 LEU LEU Q . n 
B 2 402 LEU 402 402 402 LEU LEU Q . n 
B 2 403 GLN 403 403 403 GLN GLN Q . n 
B 2 404 GLU 404 404 404 GLU GLU Q . n 
B 2 405 VAL 405 405 405 VAL VAL Q . n 
B 2 406 GLU 406 406 406 GLU GLU Q . n 
# 
_exptl.absorpt_coefficient_mu     ? 
_exptl.absorpt_correction_T_max   ? 
_exptl.absorpt_correction_T_min   ? 
_exptl.absorpt_correction_type    ? 
_exptl.absorpt_process_details    ? 
_exptl.entry_id                   6J0A 
_exptl.crystals_number            ? 
_exptl.details                    ? 
_exptl.method                     'ELECTRON MICROSCOPY' 
_exptl.method_details             ? 
# 
_struct.entry_id                     6J0A 
_struct.title                        
;Crystal structure of E. coli methionine aminopeptidase enzyme and chaperone trigger factor fitted into the cryo-EM density map of the complex
;
_struct.pdbx_model_details           ? 
_struct.pdbx_formula_weight          ? 
_struct.pdbx_formula_weight_method   ? 
_struct.pdbx_model_type_details      ? 
_struct.pdbx_CASP_flag               N 
# 
_struct_keywords.entry_id        6J0A 
_struct_keywords.text            
'E. coli 70S ribosome, Protein biogenesis, Chaperone, Methionine aminopeptidase, Trigger factor, Polypeptide exit tunnel, RIBOSOME' 
_struct_keywords.pdbx_keywords   RIBOSOME 
# 
loop_
_struct_asym.id 
_struct_asym.pdbx_blank_PDB_chainid_flag 
_struct_asym.pdbx_modified 
_struct_asym.entity_id 
_struct_asym.details 
A N N 1 ? 
B N N 2 ? 
# 
loop_
_struct_ref.id 
_struct_ref.db_name 
_struct_ref.db_code 
_struct_ref.pdbx_db_accession 
_struct_ref.pdbx_db_isoform 
_struct_ref.entity_id 
_struct_ref.pdbx_seq_one_letter_code 
_struct_ref.pdbx_align_begin 
1 UNP MAP1_ECOLI P0AE18 ? 1 
;MAISIKTPEDIEKMRVAGRLAAEVLEMIEPYVKPGVSTGELDRICNDYIVNEQHAVSACLGYHGYPKSVCISINEVVCHG
IPDDAKLLKDGDIVNIDVTVIKDGFHGDTSKMFIVGKPTIMGERLCRITQESLYLALRMVKPGINLREIGAAIQKFVEAE
GFSVVREYCGHGIGRGFHEEPQVLHYDSRETNVVLKPGMTFTIEPMVNAGKKEIRTMKDGWTVKTKDRSLSAQYEHTIVV
TDNGCEILTLRKDDTIPAIISHDE
;
1 
2 UNP TIG_THEMA  Q9WZF8 ? 2 
;MEVKELERDKNRVVLEYVFGAEEIAQAEDKAVRYLNQRVEIPGFRKGRIPKNVLKMKLGEEFQEYTLDFLMDLIPDTLKD
RKLILSPIVTERELKDVTARVVVEVHEEPEVRIGDISKIEVEKVDEEKVLEKYVERRIEDLRESHALLEPKEGPAEAGDL
VRVNMEVYNEEGKKLTSREYEYVISEDEDRPFVKDLVGKKKGDVVEIEREYEGKKYTYKLEVEEVYKRTLPEIGDELAKS
VNNEFETLEQLKESLKKEGKEIYDVEMKESMREQLLEKLPEIVEIEISDRTLEILVNEAINRLKREGRYEQIVSSYESEE
KFREELKERILDDIKRDRVIEVLAQEKGISVNDEELEKEAEELAPFWGISPDRAKSLVKARQDLREELRWAILKRKVLDL
LLQEV
;
1 
# 
loop_
_struct_ref_seq.align_id 
_struct_ref_seq.ref_id 
_struct_ref_seq.pdbx_PDB_id_code 
_struct_ref_seq.pdbx_strand_id 
_struct_ref_seq.seq_align_beg 
_struct_ref_seq.pdbx_seq_align_beg_ins_code 
_struct_ref_seq.seq_align_end 
_struct_ref_seq.pdbx_seq_align_end_ins_code 
_struct_ref_seq.pdbx_db_accession 
_struct_ref_seq.db_align_beg 
_struct_ref_seq.pdbx_db_align_beg_ins_code 
_struct_ref_seq.db_align_end 
_struct_ref_seq.pdbx_db_align_end_ins_code 
_struct_ref_seq.pdbx_auth_seq_align_beg 
_struct_ref_seq.pdbx_auth_seq_align_end 
1 1 6J0A P 1 ? 264 ? P0AE18 1 ? 264 ? 1 264 
2 2 6J0A Q 1 ? 405 ? Q9WZF8 1 ? 405 ? 1 405 
# 
loop_
_struct_ref_seq_dif.align_id 
_struct_ref_seq_dif.pdbx_pdb_id_code 
_struct_ref_seq_dif.mon_id 
_struct_ref_seq_dif.pdbx_pdb_strand_id 
_struct_ref_seq_dif.seq_num 
_struct_ref_seq_dif.pdbx_pdb_ins_code 
_struct_ref_seq_dif.pdbx_seq_db_name 
_struct_ref_seq_dif.pdbx_seq_db_accession_code 
_struct_ref_seq_dif.db_mon_id 
_struct_ref_seq_dif.pdbx_seq_db_seq_num 
_struct_ref_seq_dif.details 
_struct_ref_seq_dif.pdbx_auth_seq_num 
_struct_ref_seq_dif.pdbx_ordinal 
1 6J0A GLN P 175 ? UNP P0AE18 ARG 175 'see sequence details' 175 1 
2 6J0A GLU Q 406 ? UNP Q9WZF8 ?   ?   'expression tag'       406 2 
# 
_pdbx_struct_assembly.id                   1 
_pdbx_struct_assembly.details              author_defined_assembly 
_pdbx_struct_assembly.method_details       ? 
_pdbx_struct_assembly.oligomeric_details   dimeric 
_pdbx_struct_assembly.oligomeric_count     2 
# 
_pdbx_struct_assembly_gen.assembly_id       1 
_pdbx_struct_assembly_gen.oper_expression   1 
_pdbx_struct_assembly_gen.asym_id_list      A,B 
# 
_pdbx_struct_assembly_auth_evidence.id                     1 
_pdbx_struct_assembly_auth_evidence.assembly_id            1 
_pdbx_struct_assembly_auth_evidence.experimental_support   none 
_pdbx_struct_assembly_auth_evidence.details                ? 
# 
_pdbx_struct_oper_list.id                   1 
_pdbx_struct_oper_list.type                 'identity operation' 
_pdbx_struct_oper_list.name                 1_555 
_pdbx_struct_oper_list.symmetry_operation   ? 
_pdbx_struct_oper_list.matrix[1][1]         1.0000000000 
_pdbx_struct_oper_list.matrix[1][2]         0.0000000000 
_pdbx_struct_oper_list.matrix[1][3]         0.0000000000 
_pdbx_struct_oper_list.vector[1]            0.0000000000 
_pdbx_struct_oper_list.matrix[2][1]         0.0000000000 
_pdbx_struct_oper_list.matrix[2][2]         1.0000000000 
_pdbx_struct_oper_list.matrix[2][3]         0.0000000000 
_pdbx_struct_oper_list.vector[2]            0.0000000000 
_pdbx_struct_oper_list.matrix[3][1]         0.0000000000 
_pdbx_struct_oper_list.matrix[3][2]         0.0000000000 
_pdbx_struct_oper_list.matrix[3][3]         1.0000000000 
_pdbx_struct_oper_list.vector[3]            0.0000000000 
# 
_pdbx_entry_details.compound_details         ? 
_pdbx_entry_details.entry_id                 6J0A 
_pdbx_entry_details.nonpolymer_details       ? 
_pdbx_entry_details.sequence_details         
;Authors state that the conflict is due to the low resolutrion range. They did not determine the accurate model of the E. coli trigger factor.
;
_pdbx_entry_details.source_details           ? 
_pdbx_entry_details.has_ligand_of_interest   ? 
# 
_em_3d_fitting.entry_id          6J0A 
_em_3d_fitting.id                1 
_em_3d_fitting.details           ? 
_em_3d_fitting.overall_b_value   ? 
_em_3d_fitting.ref_protocol      ? 
_em_3d_fitting.ref_space         ? 
_em_3d_fitting.target_criteria   ? 
_em_3d_fitting.method            ? 
# 
loop_
_em_3d_fitting_list.3d_fitting_id 
_em_3d_fitting_list.id 
_em_3d_fitting_list.details 
_em_3d_fitting_list.pdb_chain_id 
_em_3d_fitting_list.pdb_chain_residue_range 
_em_3d_fitting_list.pdb_entry_id 
_em_3d_fitting_list.initial_refinement_model_id 
_em_3d_fitting_list.chain_id 
_em_3d_fitting_list.chain_residue_range 
_em_3d_fitting_list.source_name 
_em_3d_fitting_list.type 
_em_3d_fitting_list.accession_code 
1 1 ? A ? 1C21 1 ? ? PDB 'experimental model' 1C21 
1 2 ? A ? 3GU0 2 ? ? PDB 'experimental model' 3GU0 
# 
_em_3d_reconstruction.entry_id                    6J0A 
_em_3d_reconstruction.id                          1 
_em_3d_reconstruction.algorithm                   ? 
_em_3d_reconstruction.details                     ? 
_em_3d_reconstruction.refinement_type             ? 
_em_3d_reconstruction.image_processing_id         1 
_em_3d_reconstruction.num_class_averages          ? 
_em_3d_reconstruction.num_particles               19500 
_em_3d_reconstruction.resolution                  14.2 
_em_3d_reconstruction.resolution_method           'FSC 0.143 CUT-OFF' 
_em_3d_reconstruction.symmetry_type               POINT 
_em_3d_reconstruction.method                      ? 
_em_3d_reconstruction.nominal_pixel_size          ? 
_em_3d_reconstruction.actual_pixel_size           ? 
_em_3d_reconstruction.magnification_calibration   ? 
_em_3d_reconstruction.citation_id                 ? 
_em_3d_reconstruction.euler_angles_details        ? 
# 
_em_buffer.id            1 
_em_buffer.details       ? 
_em_buffer.pH            7.4 
_em_buffer.specimen_id   1 
_em_buffer.name          ? 
# 
_em_entity_assembly.id                   1 
_em_entity_assembly.parent_id            0 
_em_entity_assembly.details              ? 
_em_entity_assembly.name                 
'E. coli 70S ribosome in complex with methionine aminopeptidase enzyme and chaperone trigger factor' 
_em_entity_assembly.source               'MULTIPLE SOURCES' 
_em_entity_assembly.type                 RIBOSOME 
_em_entity_assembly.entity_id_list       '1, 2' 
_em_entity_assembly.synonym              ? 
_em_entity_assembly.oligomeric_details   ? 
# 
_em_image_scans.entry_id                6J0A 
_em_image_scans.id                      1 
_em_image_scans.dimension_height        4096 
_em_image_scans.dimension_width         4096 
_em_image_scans.frames_per_image        ? 
_em_image_scans.image_recording_id      1 
_em_image_scans.sampling_size           ? 
_em_image_scans.scanner_model           ? 
_em_image_scans.used_frames_per_image   ? 
_em_image_scans.citation_id             ? 
_em_image_scans.number_digital_images   ? 
_em_image_scans.od_range                ? 
_em_image_scans.quant_bit_size          ? 
_em_image_scans.details                 ? 
# 
_em_imaging.id                              1 
_em_imaging.entry_id                        6J0A 
_em_imaging.accelerating_voltage            300 
_em_imaging.alignment_procedure             ? 
_em_imaging.c2_aperture_diameter            ? 
_em_imaging.calibrated_defocus_max          ? 
_em_imaging.calibrated_defocus_min          ? 
_em_imaging.calibrated_magnification        ? 
_em_imaging.cryogen                         NITROGEN 
_em_imaging.details                         ? 
_em_imaging.electron_source                 'FIELD EMISSION GUN' 
_em_imaging.illumination_mode               'FLOOD BEAM' 
_em_imaging.microscope_model                'FEI POLARA 300' 
_em_imaging.mode                            'BRIGHT FIELD' 
_em_imaging.nominal_cs                      ? 
_em_imaging.nominal_defocus_max             ? 
_em_imaging.nominal_defocus_min             ? 
_em_imaging.nominal_magnification           ? 
_em_imaging.recording_temperature_maximum   ? 
_em_imaging.recording_temperature_minimum   ? 
_em_imaging.residual_tilt                   ? 
_em_imaging.specimen_holder_model           ? 
_em_imaging.specimen_id                     1 
_em_imaging.citation_id                     ? 
_em_imaging.date                            ? 
_em_imaging.temperature                     ? 
_em_imaging.tilt_angle_min                  ? 
_em_imaging.tilt_angle_max                  ? 
_em_imaging.astigmatism                     ? 
_em_imaging.detector_distance               ? 
_em_imaging.electron_beam_tilt_params       ? 
_em_imaging.specimen_holder_type            ? 
# 
_em_sample_support.id               1 
_em_sample_support.specimen_id      1 
_em_sample_support.details          ? 
_em_sample_support.grid_material    COPPER 
_em_sample_support.grid_mesh_size   300 
_em_sample_support.grid_type        'Quantifoil R2/2' 
_em_sample_support.method           ? 
_em_sample_support.film_material    ? 
_em_sample_support.citation_id      ? 
# 
_em_vitrification.id                    1 
_em_vitrification.specimen_id           1 
_em_vitrification.chamber_temperature   ? 
_em_vitrification.cryogen_name          ETHANE 
_em_vitrification.details               ? 
_em_vitrification.humidity              ? 
_em_vitrification.instrument            'FEI VITROBOT MARK IV' 
_em_vitrification.entry_id              6J0A 
_em_vitrification.citation_id           ? 
_em_vitrification.method                ? 
_em_vitrification.temp                  ? 
_em_vitrification.time_resolved_state   ? 
# 
_em_experiment.entry_id                6J0A 
_em_experiment.id                      1 
_em_experiment.aggregation_state       PARTICLE 
_em_experiment.reconstruction_method   'SINGLE PARTICLE' 
_em_experiment.entity_assembly_id      1 
# 
loop_
_pdbx_unobs_or_zero_occ_residues.id 
_pdbx_unobs_or_zero_occ_residues.PDB_model_num 
_pdbx_unobs_or_zero_occ_residues.polymer_flag 
_pdbx_unobs_or_zero_occ_residues.occupancy_flag 
_pdbx_unobs_or_zero_occ_residues.auth_asym_id 
_pdbx_unobs_or_zero_occ_residues.auth_comp_id 
_pdbx_unobs_or_zero_occ_residues.auth_seq_id 
_pdbx_unobs_or_zero_occ_residues.PDB_ins_code 
_pdbx_unobs_or_zero_occ_residues.label_asym_id 
_pdbx_unobs_or_zero_occ_residues.label_comp_id 
_pdbx_unobs_or_zero_occ_residues.label_seq_id 
1 1 Y 1 P MET 1   ? A MET 1   
2 1 Y 1 P GLU 264 ? A GLU 264 
# 
loop_
_chem_comp_atom.comp_id 
_chem_comp_atom.atom_id 
_chem_comp_atom.type_symbol 
_chem_comp_atom.pdbx_aromatic_flag 
_chem_comp_atom.pdbx_stereo_config 
_chem_comp_atom.pdbx_ordinal 
ALA N    N N N 1   
ALA CA   C N S 2   
ALA C    C N N 3   
ALA O    O N N 4   
ALA CB   C N N 5   
ALA OXT  O N N 6   
ALA H    H N N 7   
ALA H2   H N N 8   
ALA HA   H N N 9   
ALA HB1  H N N 10  
ALA HB2  H N N 11  
ALA HB3  H N N 12  
ALA HXT  H N N 13  
ARG N    N N N 14  
ARG CA   C N S 15  
ARG C    C N N 16  
ARG O    O N N 17  
ARG CB   C N N 18  
ARG CG   C N N 19  
ARG CD   C N N 20  
ARG NE   N N N 21  
ARG CZ   C N N 22  
ARG NH1  N N N 23  
ARG NH2  N N N 24  
ARG OXT  O N N 25  
ARG H    H N N 26  
ARG H2   H N N 27  
ARG HA   H N N 28  
ARG HB2  H N N 29  
ARG HB3  H N N 30  
ARG HG2  H N N 31  
ARG HG3  H N N 32  
ARG HD2  H N N 33  
ARG HD3  H N N 34  
ARG HE   H N N 35  
ARG HH11 H N N 36  
ARG HH12 H N N 37  
ARG HH21 H N N 38  
ARG HH22 H N N 39  
ARG HXT  H N N 40  
ASN N    N N N 41  
ASN CA   C N S 42  
ASN C    C N N 43  
ASN O    O N N 44  
ASN CB   C N N 45  
ASN CG   C N N 46  
ASN OD1  O N N 47  
ASN ND2  N N N 48  
ASN OXT  O N N 49  
ASN H    H N N 50  
ASN H2   H N N 51  
ASN HA   H N N 52  
ASN HB2  H N N 53  
ASN HB3  H N N 54  
ASN HD21 H N N 55  
ASN HD22 H N N 56  
ASN HXT  H N N 57  
ASP N    N N N 58  
ASP CA   C N S 59  
ASP C    C N N 60  
ASP O    O N N 61  
ASP CB   C N N 62  
ASP CG   C N N 63  
ASP OD1  O N N 64  
ASP OD2  O N N 65  
ASP OXT  O N N 66  
ASP H    H N N 67  
ASP H2   H N N 68  
ASP HA   H N N 69  
ASP HB2  H N N 70  
ASP HB3  H N N 71  
ASP HD2  H N N 72  
ASP HXT  H N N 73  
CYS N    N N N 74  
CYS CA   C N R 75  
CYS C    C N N 76  
CYS O    O N N 77  
CYS CB   C N N 78  
CYS SG   S N N 79  
CYS OXT  O N N 80  
CYS H    H N N 81  
CYS H2   H N N 82  
CYS HA   H N N 83  
CYS HB2  H N N 84  
CYS HB3  H N N 85  
CYS HG   H N N 86  
CYS HXT  H N N 87  
GLN N    N N N 88  
GLN CA   C N S 89  
GLN C    C N N 90  
GLN O    O N N 91  
GLN CB   C N N 92  
GLN CG   C N N 93  
GLN CD   C N N 94  
GLN OE1  O N N 95  
GLN NE2  N N N 96  
GLN OXT  O N N 97  
GLN H    H N N 98  
GLN H2   H N N 99  
GLN HA   H N N 100 
GLN HB2  H N N 101 
GLN HB3  H N N 102 
GLN HG2  H N N 103 
GLN HG3  H N N 104 
GLN HE21 H N N 105 
GLN HE22 H N N 106 
GLN HXT  H N N 107 
GLU N    N N N 108 
GLU CA   C N S 109 
GLU C    C N N 110 
GLU O    O N N 111 
GLU CB   C N N 112 
GLU CG   C N N 113 
GLU CD   C N N 114 
GLU OE1  O N N 115 
GLU OE2  O N N 116 
GLU OXT  O N N 117 
GLU H    H N N 118 
GLU H2   H N N 119 
GLU HA   H N N 120 
GLU HB2  H N N 121 
GLU HB3  H N N 122 
GLU HG2  H N N 123 
GLU HG3  H N N 124 
GLU HE2  H N N 125 
GLU HXT  H N N 126 
GLY N    N N N 127 
GLY CA   C N N 128 
GLY C    C N N 129 
GLY O    O N N 130 
GLY OXT  O N N 131 
GLY H    H N N 132 
GLY H2   H N N 133 
GLY HA2  H N N 134 
GLY HA3  H N N 135 
GLY HXT  H N N 136 
HIS N    N N N 137 
HIS CA   C N S 138 
HIS C    C N N 139 
HIS O    O N N 140 
HIS CB   C N N 141 
HIS CG   C Y N 142 
HIS ND1  N Y N 143 
HIS CD2  C Y N 144 
HIS CE1  C Y N 145 
HIS NE2  N Y N 146 
HIS OXT  O N N 147 
HIS H    H N N 148 
HIS H2   H N N 149 
HIS HA   H N N 150 
HIS HB2  H N N 151 
HIS HB3  H N N 152 
HIS HD1  H N N 153 
HIS HD2  H N N 154 
HIS HE1  H N N 155 
HIS HE2  H N N 156 
HIS HXT  H N N 157 
ILE N    N N N 158 
ILE CA   C N S 159 
ILE C    C N N 160 
ILE O    O N N 161 
ILE CB   C N S 162 
ILE CG1  C N N 163 
ILE CG2  C N N 164 
ILE CD1  C N N 165 
ILE OXT  O N N 166 
ILE H    H N N 167 
ILE H2   H N N 168 
ILE HA   H N N 169 
ILE HB   H N N 170 
ILE HG12 H N N 171 
ILE HG13 H N N 172 
ILE HG21 H N N 173 
ILE HG22 H N N 174 
ILE HG23 H N N 175 
ILE HD11 H N N 176 
ILE HD12 H N N 177 
ILE HD13 H N N 178 
ILE HXT  H N N 179 
LEU N    N N N 180 
LEU CA   C N S 181 
LEU C    C N N 182 
LEU O    O N N 183 
LEU CB   C N N 184 
LEU CG   C N N 185 
LEU CD1  C N N 186 
LEU CD2  C N N 187 
LEU OXT  O N N 188 
LEU H    H N N 189 
LEU H2   H N N 190 
LEU HA   H N N 191 
LEU HB2  H N N 192 
LEU HB3  H N N 193 
LEU HG   H N N 194 
LEU HD11 H N N 195 
LEU HD12 H N N 196 
LEU HD13 H N N 197 
LEU HD21 H N N 198 
LEU HD22 H N N 199 
LEU HD23 H N N 200 
LEU HXT  H N N 201 
LYS N    N N N 202 
LYS CA   C N S 203 
LYS C    C N N 204 
LYS O    O N N 205 
LYS CB   C N N 206 
LYS CG   C N N 207 
LYS CD   C N N 208 
LYS CE   C N N 209 
LYS NZ   N N N 210 
LYS OXT  O N N 211 
LYS H    H N N 212 
LYS H2   H N N 213 
LYS HA   H N N 214 
LYS HB2  H N N 215 
LYS HB3  H N N 216 
LYS HG2  H N N 217 
LYS HG3  H N N 218 
LYS HD2  H N N 219 
LYS HD3  H N N 220 
LYS HE2  H N N 221 
LYS HE3  H N N 222 
LYS HZ1  H N N 223 
LYS HZ2  H N N 224 
LYS HZ3  H N N 225 
LYS HXT  H N N 226 
MET N    N N N 227 
MET CA   C N S 228 
MET C    C N N 229 
MET O    O N N 230 
MET CB   C N N 231 
MET CG   C N N 232 
MET SD   S N N 233 
MET CE   C N N 234 
MET OXT  O N N 235 
MET H    H N N 236 
MET H2   H N N 237 
MET HA   H N N 238 
MET HB2  H N N 239 
MET HB3  H N N 240 
MET HG2  H N N 241 
MET HG3  H N N 242 
MET HE1  H N N 243 
MET HE2  H N N 244 
MET HE3  H N N 245 
MET HXT  H N N 246 
PHE N    N N N 247 
PHE CA   C N S 248 
PHE C    C N N 249 
PHE O    O N N 250 
PHE CB   C N N 251 
PHE CG   C Y N 252 
PHE CD1  C Y N 253 
PHE CD2  C Y N 254 
PHE CE1  C Y N 255 
PHE CE2  C Y N 256 
PHE CZ   C Y N 257 
PHE OXT  O N N 258 
PHE H    H N N 259 
PHE H2   H N N 260 
PHE HA   H N N 261 
PHE HB2  H N N 262 
PHE HB3  H N N 263 
PHE HD1  H N N 264 
PHE HD2  H N N 265 
PHE HE1  H N N 266 
PHE HE2  H N N 267 
PHE HZ   H N N 268 
PHE HXT  H N N 269 
PRO N    N N N 270 
PRO CA   C N S 271 
PRO C    C N N 272 
PRO O    O N N 273 
PRO CB   C N N 274 
PRO CG   C N N 275 
PRO CD   C N N 276 
PRO OXT  O N N 277 
PRO H    H N N 278 
PRO HA   H N N 279 
PRO HB2  H N N 280 
PRO HB3  H N N 281 
PRO HG2  H N N 282 
PRO HG3  H N N 283 
PRO HD2  H N N 284 
PRO HD3  H N N 285 
PRO HXT  H N N 286 
SER N    N N N 287 
SER CA   C N S 288 
SER C    C N N 289 
SER O    O N N 290 
SER CB   C N N 291 
SER OG   O N N 292 
SER OXT  O N N 293 
SER H    H N N 294 
SER H2   H N N 295 
SER HA   H N N 296 
SER HB2  H N N 297 
SER HB3  H N N 298 
SER HG   H N N 299 
SER HXT  H N N 300 
THR N    N N N 301 
THR CA   C N S 302 
THR C    C N N 303 
THR O    O N N 304 
THR CB   C N R 305 
THR OG1  O N N 306 
THR CG2  C N N 307 
THR OXT  O N N 308 
THR H    H N N 309 
THR H2   H N N 310 
THR HA   H N N 311 
THR HB   H N N 312 
THR HG1  H N N 313 
THR HG21 H N N 314 
THR HG22 H N N 315 
THR HG23 H N N 316 
THR HXT  H N N 317 
TRP N    N N N 318 
TRP CA   C N S 319 
TRP C    C N N 320 
TRP O    O N N 321 
TRP CB   C N N 322 
TRP CG   C Y N 323 
TRP CD1  C Y N 324 
TRP CD2  C Y N 325 
TRP NE1  N Y N 326 
TRP CE2  C Y N 327 
TRP CE3  C Y N 328 
TRP CZ2  C Y N 329 
TRP CZ3  C Y N 330 
TRP CH2  C Y N 331 
TRP OXT  O N N 332 
TRP H    H N N 333 
TRP H2   H N N 334 
TRP HA   H N N 335 
TRP HB2  H N N 336 
TRP HB3  H N N 337 
TRP HD1  H N N 338 
TRP HE1  H N N 339 
TRP HE3  H N N 340 
TRP HZ2  H N N 341 
TRP HZ3  H N N 342 
TRP HH2  H N N 343 
TRP HXT  H N N 344 
TYR N    N N N 345 
TYR CA   C N S 346 
TYR C    C N N 347 
TYR O    O N N 348 
TYR CB   C N N 349 
TYR CG   C Y N 350 
TYR CD1  C Y N 351 
TYR CD2  C Y N 352 
TYR CE1  C Y N 353 
TYR CE2  C Y N 354 
TYR CZ   C Y N 355 
TYR OH   O N N 356 
TYR OXT  O N N 357 
TYR H    H N N 358 
TYR H2   H N N 359 
TYR HA   H N N 360 
TYR HB2  H N N 361 
TYR HB3  H N N 362 
TYR HD1  H N N 363 
TYR HD2  H N N 364 
TYR HE1  H N N 365 
TYR HE2  H N N 366 
TYR HH   H N N 367 
TYR HXT  H N N 368 
VAL N    N N N 369 
VAL CA   C N S 370 
VAL C    C N N 371 
VAL O    O N N 372 
VAL CB   C N N 373 
VAL CG1  C N N 374 
VAL CG2  C N N 375 
VAL OXT  O N N 376 
VAL H    H N N 377 
VAL H2   H N N 378 
VAL HA   H N N 379 
VAL HB   H N N 380 
VAL HG11 H N N 381 
VAL HG12 H N N 382 
VAL HG13 H N N 383 
VAL HG21 H N N 384 
VAL HG22 H N N 385 
VAL HG23 H N N 386 
VAL HXT  H N N 387 
# 
loop_
_chem_comp_bond.comp_id 
_chem_comp_bond.atom_id_1 
_chem_comp_bond.atom_id_2 
_chem_comp_bond.value_order 
_chem_comp_bond.pdbx_aromatic_flag 
_chem_comp_bond.pdbx_stereo_config 
_chem_comp_bond.pdbx_ordinal 
ALA N   CA   sing N N 1   
ALA N   H    sing N N 2   
ALA N   H2   sing N N 3   
ALA CA  C    sing N N 4   
ALA CA  CB   sing N N 5   
ALA CA  HA   sing N N 6   
ALA C   O    doub N N 7   
ALA C   OXT  sing N N 8   
ALA CB  HB1  sing N N 9   
ALA CB  HB2  sing N N 10  
ALA CB  HB3  sing N N 11  
ALA OXT HXT  sing N N 12  
ARG N   CA   sing N N 13  
ARG N   H    sing N N 14  
ARG N   H2   sing N N 15  
ARG CA  C    sing N N 16  
ARG CA  CB   sing N N 17  
ARG CA  HA   sing N N 18  
ARG C   O    doub N N 19  
ARG C   OXT  sing N N 20  
ARG CB  CG   sing N N 21  
ARG CB  HB2  sing N N 22  
ARG CB  HB3  sing N N 23  
ARG CG  CD   sing N N 24  
ARG CG  HG2  sing N N 25  
ARG CG  HG3  sing N N 26  
ARG CD  NE   sing N N 27  
ARG CD  HD2  sing N N 28  
ARG CD  HD3  sing N N 29  
ARG NE  CZ   sing N N 30  
ARG NE  HE   sing N N 31  
ARG CZ  NH1  sing N N 32  
ARG CZ  NH2  doub N N 33  
ARG NH1 HH11 sing N N 34  
ARG NH1 HH12 sing N N 35  
ARG NH2 HH21 sing N N 36  
ARG NH2 HH22 sing N N 37  
ARG OXT HXT  sing N N 38  
ASN N   CA   sing N N 39  
ASN N   H    sing N N 40  
ASN N   H2   sing N N 41  
ASN CA  C    sing N N 42  
ASN CA  CB   sing N N 43  
ASN CA  HA   sing N N 44  
ASN C   O    doub N N 45  
ASN C   OXT  sing N N 46  
ASN CB  CG   sing N N 47  
ASN CB  HB2  sing N N 48  
ASN CB  HB3  sing N N 49  
ASN CG  OD1  doub N N 50  
ASN CG  ND2  sing N N 51  
ASN ND2 HD21 sing N N 52  
ASN ND2 HD22 sing N N 53  
ASN OXT HXT  sing N N 54  
ASP N   CA   sing N N 55  
ASP N   H    sing N N 56  
ASP N   H2   sing N N 57  
ASP CA  C    sing N N 58  
ASP CA  CB   sing N N 59  
ASP CA  HA   sing N N 60  
ASP C   O    doub N N 61  
ASP C   OXT  sing N N 62  
ASP CB  CG   sing N N 63  
ASP CB  HB2  sing N N 64  
ASP CB  HB3  sing N N 65  
ASP CG  OD1  doub N N 66  
ASP CG  OD2  sing N N 67  
ASP OD2 HD2  sing N N 68  
ASP OXT HXT  sing N N 69  
CYS N   CA   sing N N 70  
CYS N   H    sing N N 71  
CYS N   H2   sing N N 72  
CYS CA  C    sing N N 73  
CYS CA  CB   sing N N 74  
CYS CA  HA   sing N N 75  
CYS C   O    doub N N 76  
CYS C   OXT  sing N N 77  
CYS CB  SG   sing N N 78  
CYS CB  HB2  sing N N 79  
CYS CB  HB3  sing N N 80  
CYS SG  HG   sing N N 81  
CYS OXT HXT  sing N N 82  
GLN N   CA   sing N N 83  
GLN N   H    sing N N 84  
GLN N   H2   sing N N 85  
GLN CA  C    sing N N 86  
GLN CA  CB   sing N N 87  
GLN CA  HA   sing N N 88  
GLN C   O    doub N N 89  
GLN C   OXT  sing N N 90  
GLN CB  CG   sing N N 91  
GLN CB  HB2  sing N N 92  
GLN CB  HB3  sing N N 93  
GLN CG  CD   sing N N 94  
GLN CG  HG2  sing N N 95  
GLN CG  HG3  sing N N 96  
GLN CD  OE1  doub N N 97  
GLN CD  NE2  sing N N 98  
GLN NE2 HE21 sing N N 99  
GLN NE2 HE22 sing N N 100 
GLN OXT HXT  sing N N 101 
GLU N   CA   sing N N 102 
GLU N   H    sing N N 103 
GLU N   H2   sing N N 104 
GLU CA  C    sing N N 105 
GLU CA  CB   sing N N 106 
GLU CA  HA   sing N N 107 
GLU C   O    doub N N 108 
GLU C   OXT  sing N N 109 
GLU CB  CG   sing N N 110 
GLU CB  HB2  sing N N 111 
GLU CB  HB3  sing N N 112 
GLU CG  CD   sing N N 113 
GLU CG  HG2  sing N N 114 
GLU CG  HG3  sing N N 115 
GLU CD  OE1  doub N N 116 
GLU CD  OE2  sing N N 117 
GLU OE2 HE2  sing N N 118 
GLU OXT HXT  sing N N 119 
GLY N   CA   sing N N 120 
GLY N   H    sing N N 121 
GLY N   H2   sing N N 122 
GLY CA  C    sing N N 123 
GLY CA  HA2  sing N N 124 
GLY CA  HA3  sing N N 125 
GLY C   O    doub N N 126 
GLY C   OXT  sing N N 127 
GLY OXT HXT  sing N N 128 
HIS N   CA   sing N N 129 
HIS N   H    sing N N 130 
HIS N   H2   sing N N 131 
HIS CA  C    sing N N 132 
HIS CA  CB   sing N N 133 
HIS CA  HA   sing N N 134 
HIS C   O    doub N N 135 
HIS C   OXT  sing N N 136 
HIS CB  CG   sing N N 137 
HIS CB  HB2  sing N N 138 
HIS CB  HB3  sing N N 139 
HIS CG  ND1  sing Y N 140 
HIS CG  CD2  doub Y N 141 
HIS ND1 CE1  doub Y N 142 
HIS ND1 HD1  sing N N 143 
HIS CD2 NE2  sing Y N 144 
HIS CD2 HD2  sing N N 145 
HIS CE1 NE2  sing Y N 146 
HIS CE1 HE1  sing N N 147 
HIS NE2 HE2  sing N N 148 
HIS OXT HXT  sing N N 149 
ILE N   CA   sing N N 150 
ILE N   H    sing N N 151 
ILE N   H2   sing N N 152 
ILE CA  C    sing N N 153 
ILE CA  CB   sing N N 154 
ILE CA  HA   sing N N 155 
ILE C   O    doub N N 156 
ILE C   OXT  sing N N 157 
ILE CB  CG1  sing N N 158 
ILE CB  CG2  sing N N 159 
ILE CB  HB   sing N N 160 
ILE CG1 CD1  sing N N 161 
ILE CG1 HG12 sing N N 162 
ILE CG1 HG13 sing N N 163 
ILE CG2 HG21 sing N N 164 
ILE CG2 HG22 sing N N 165 
ILE CG2 HG23 sing N N 166 
ILE CD1 HD11 sing N N 167 
ILE CD1 HD12 sing N N 168 
ILE CD1 HD13 sing N N 169 
ILE OXT HXT  sing N N 170 
LEU N   CA   sing N N 171 
LEU N   H    sing N N 172 
LEU N   H2   sing N N 173 
LEU CA  C    sing N N 174 
LEU CA  CB   sing N N 175 
LEU CA  HA   sing N N 176 
LEU C   O    doub N N 177 
LEU C   OXT  sing N N 178 
LEU CB  CG   sing N N 179 
LEU CB  HB2  sing N N 180 
LEU CB  HB3  sing N N 181 
LEU CG  CD1  sing N N 182 
LEU CG  CD2  sing N N 183 
LEU CG  HG   sing N N 184 
LEU CD1 HD11 sing N N 185 
LEU CD1 HD12 sing N N 186 
LEU CD1 HD13 sing N N 187 
LEU CD2 HD21 sing N N 188 
LEU CD2 HD22 sing N N 189 
LEU CD2 HD23 sing N N 190 
LEU OXT HXT  sing N N 191 
LYS N   CA   sing N N 192 
LYS N   H    sing N N 193 
LYS N   H2   sing N N 194 
LYS CA  C    sing N N 195 
LYS CA  CB   sing N N 196 
LYS CA  HA   sing N N 197 
LYS C   O    doub N N 198 
LYS C   OXT  sing N N 199 
LYS CB  CG   sing N N 200 
LYS CB  HB2  sing N N 201 
LYS CB  HB3  sing N N 202 
LYS CG  CD   sing N N 203 
LYS CG  HG2  sing N N 204 
LYS CG  HG3  sing N N 205 
LYS CD  CE   sing N N 206 
LYS CD  HD2  sing N N 207 
LYS CD  HD3  sing N N 208 
LYS CE  NZ   sing N N 209 
LYS CE  HE2  sing N N 210 
LYS CE  HE3  sing N N 211 
LYS NZ  HZ1  sing N N 212 
LYS NZ  HZ2  sing N N 213 
LYS NZ  HZ3  sing N N 214 
LYS OXT HXT  sing N N 215 
MET N   CA   sing N N 216 
MET N   H    sing N N 217 
MET N   H2   sing N N 218 
MET CA  C    sing N N 219 
MET CA  CB   sing N N 220 
MET CA  HA   sing N N 221 
MET C   O    doub N N 222 
MET C   OXT  sing N N 223 
MET CB  CG   sing N N 224 
MET CB  HB2  sing N N 225 
MET CB  HB3  sing N N 226 
MET CG  SD   sing N N 227 
MET CG  HG2  sing N N 228 
MET CG  HG3  sing N N 229 
MET SD  CE   sing N N 230 
MET CE  HE1  sing N N 231 
MET CE  HE2  sing N N 232 
MET CE  HE3  sing N N 233 
MET OXT HXT  sing N N 234 
PHE N   CA   sing N N 235 
PHE N   H    sing N N 236 
PHE N   H2   sing N N 237 
PHE CA  C    sing N N 238 
PHE CA  CB   sing N N 239 
PHE CA  HA   sing N N 240 
PHE C   O    doub N N 241 
PHE C   OXT  sing N N 242 
PHE CB  CG   sing N N 243 
PHE CB  HB2  sing N N 244 
PHE CB  HB3  sing N N 245 
PHE CG  CD1  doub Y N 246 
PHE CG  CD2  sing Y N 247 
PHE CD1 CE1  sing Y N 248 
PHE CD1 HD1  sing N N 249 
PHE CD2 CE2  doub Y N 250 
PHE CD2 HD2  sing N N 251 
PHE CE1 CZ   doub Y N 252 
PHE CE1 HE1  sing N N 253 
PHE CE2 CZ   sing Y N 254 
PHE CE2 HE2  sing N N 255 
PHE CZ  HZ   sing N N 256 
PHE OXT HXT  sing N N 257 
PRO N   CA   sing N N 258 
PRO N   CD   sing N N 259 
PRO N   H    sing N N 260 
PRO CA  C    sing N N 261 
PRO CA  CB   sing N N 262 
PRO CA  HA   sing N N 263 
PRO C   O    doub N N 264 
PRO C   OXT  sing N N 265 
PRO CB  CG   sing N N 266 
PRO CB  HB2  sing N N 267 
PRO CB  HB3  sing N N 268 
PRO CG  CD   sing N N 269 
PRO CG  HG2  sing N N 270 
PRO CG  HG3  sing N N 271 
PRO CD  HD2  sing N N 272 
PRO CD  HD3  sing N N 273 
PRO OXT HXT  sing N N 274 
SER N   CA   sing N N 275 
SER N   H    sing N N 276 
SER N   H2   sing N N 277 
SER CA  C    sing N N 278 
SER CA  CB   sing N N 279 
SER CA  HA   sing N N 280 
SER C   O    doub N N 281 
SER C   OXT  sing N N 282 
SER CB  OG   sing N N 283 
SER CB  HB2  sing N N 284 
SER CB  HB3  sing N N 285 
SER OG  HG   sing N N 286 
SER OXT HXT  sing N N 287 
THR N   CA   sing N N 288 
THR N   H    sing N N 289 
THR N   H2   sing N N 290 
THR CA  C    sing N N 291 
THR CA  CB   sing N N 292 
THR CA  HA   sing N N 293 
THR C   O    doub N N 294 
THR C   OXT  sing N N 295 
THR CB  OG1  sing N N 296 
THR CB  CG2  sing N N 297 
THR CB  HB   sing N N 298 
THR OG1 HG1  sing N N 299 
THR CG2 HG21 sing N N 300 
THR CG2 HG22 sing N N 301 
THR CG2 HG23 sing N N 302 
THR OXT HXT  sing N N 303 
TRP N   CA   sing N N 304 
TRP N   H    sing N N 305 
TRP N   H2   sing N N 306 
TRP CA  C    sing N N 307 
TRP CA  CB   sing N N 308 
TRP CA  HA   sing N N 309 
TRP C   O    doub N N 310 
TRP C   OXT  sing N N 311 
TRP CB  CG   sing N N 312 
TRP CB  HB2  sing N N 313 
TRP CB  HB3  sing N N 314 
TRP CG  CD1  doub Y N 315 
TRP CG  CD2  sing Y N 316 
TRP CD1 NE1  sing Y N 317 
TRP CD1 HD1  sing N N 318 
TRP CD2 CE2  doub Y N 319 
TRP CD2 CE3  sing Y N 320 
TRP NE1 CE2  sing Y N 321 
TRP NE1 HE1  sing N N 322 
TRP CE2 CZ2  sing Y N 323 
TRP CE3 CZ3  doub Y N 324 
TRP CE3 HE3  sing N N 325 
TRP CZ2 CH2  doub Y N 326 
TRP CZ2 HZ2  sing N N 327 
TRP CZ3 CH2  sing Y N 328 
TRP CZ3 HZ3  sing N N 329 
TRP CH2 HH2  sing N N 330 
TRP OXT HXT  sing N N 331 
TYR N   CA   sing N N 332 
TYR N   H    sing N N 333 
TYR N   H2   sing N N 334 
TYR CA  C    sing N N 335 
TYR CA  CB   sing N N 336 
TYR CA  HA   sing N N 337 
TYR C   O    doub N N 338 
TYR C   OXT  sing N N 339 
TYR CB  CG   sing N N 340 
TYR CB  HB2  sing N N 341 
TYR CB  HB3  sing N N 342 
TYR CG  CD1  doub Y N 343 
TYR CG  CD2  sing Y N 344 
TYR CD1 CE1  sing Y N 345 
TYR CD1 HD1  sing N N 346 
TYR CD2 CE2  doub Y N 347 
TYR CD2 HD2  sing N N 348 
TYR CE1 CZ   doub Y N 349 
TYR CE1 HE1  sing N N 350 
TYR CE2 CZ   sing Y N 351 
TYR CE2 HE2  sing N N 352 
TYR CZ  OH   sing N N 353 
TYR OH  HH   sing N N 354 
TYR OXT HXT  sing N N 355 
VAL N   CA   sing N N 356 
VAL N   H    sing N N 357 
VAL N   H2   sing N N 358 
VAL CA  C    sing N N 359 
VAL CA  CB   sing N N 360 
VAL CA  HA   sing N N 361 
VAL C   O    doub N N 362 
VAL C   OXT  sing N N 363 
VAL CB  CG1  sing N N 364 
VAL CB  CG2  sing N N 365 
VAL CB  HB   sing N N 366 
VAL CG1 HG11 sing N N 367 
VAL CG1 HG12 sing N N 368 
VAL CG1 HG13 sing N N 369 
VAL CG2 HG21 sing N N 370 
VAL CG2 HG22 sing N N 371 
VAL CG2 HG23 sing N N 372 
VAL OXT HXT  sing N N 373 
# 
_em_ctf_correction.id                       1 
_em_ctf_correction.em_image_processing_id   1 
_em_ctf_correction.type                     'PHASE FLIPPING ONLY' 
_em_ctf_correction.details                  ? 
# 
loop_
_em_entity_assembly_naturalsource.cellular_location 
_em_entity_assembly_naturalsource.entity_assembly_id 
_em_entity_assembly_naturalsource.id 
_em_entity_assembly_naturalsource.ncbi_tax_id 
_em_entity_assembly_naturalsource.organ 
_em_entity_assembly_naturalsource.organelle 
_em_entity_assembly_naturalsource.organism 
_em_entity_assembly_naturalsource.strain 
_em_entity_assembly_naturalsource.tissue 
_em_entity_assembly_naturalsource.cell 
? 1 1 83333  ? ? 'Escherichia coli K-12'    K-12 ? ? 
? 1 2 243274 ? ? 'Thermotoga maritima MSB8' ?    ? ? 
# 
loop_
_em_entity_assembly_recombinant.entity_assembly_id 
_em_entity_assembly_recombinant.id 
_em_entity_assembly_recombinant.ncbi_tax_id 
_em_entity_assembly_recombinant.organism 
_em_entity_assembly_recombinant.plasmid 
_em_entity_assembly_recombinant.strain 
_em_entity_assembly_recombinant.cell 
1 1 562    'Escherichia coli'           ? ?           ? 
1 2 469008 'Escherichia coli BL21(DE3)' ? 'BL21(DE3)' ? 
# 
_em_image_processing.id                   1 
_em_image_processing.image_recording_id   1 
_em_image_processing.details              ? 
# 
_em_image_recording.id                            1 
_em_image_recording.imaging_id                    1 
_em_image_recording.avg_electron_dose_per_image   10 
_em_image_recording.average_exposure_time         ? 
_em_image_recording.details                       ? 
_em_image_recording.detector_mode                 ? 
_em_image_recording.film_or_detector_model        'FEI EAGLE (4k x 4k)' 
_em_image_recording.num_diffraction_images        ? 
_em_image_recording.num_grids_imaged              ? 
_em_image_recording.num_real_images               ? 
# 
_em_imaging_optics.id                         1 
_em_imaging_optics.imaging_id                 1 
_em_imaging_optics.chr_aberration_corrector   ? 
_em_imaging_optics.energyfilter_lower         ? 
_em_imaging_optics.energyfilter_name          ? 
_em_imaging_optics.energyfilter_upper         ? 
_em_imaging_optics.energyfilter_slit_width    ? 
_em_imaging_optics.phase_plate                ? 
_em_imaging_optics.sph_aberration_corrector   ? 
# 
loop_
_em_software.id 
_em_software.category 
_em_software.details 
_em_software.name 
_em_software.version 
_em_software.image_processing_id 
_em_software.fitting_id 
_em_software.imaging_id 
1  'PARTICLE SELECTION'       ? ?      ? 1 ? ? 
2  'IMAGE ACQUISITION'        ? ?      ? ? ? 1 
3  MASKING                    ? ?      ? ? ? ? 
4  'CTF CORRECTION'           ? ?      ? 1 ? ? 
5  'LAYERLINE INDEXING'       ? ?      ? ? ? ? 
6  'DIFFRACTION INDEXING'     ? ?      ? ? ? ? 
7  'MODEL FITTING'            ? ?      ? ? 1 ? 
8  OTHER                      ? ?      ? ? ? ? 
9  'INITIAL EULER ASSIGNMENT' ? ?      ? 1 ? ? 
10 'FINAL EULER ASSIGNMENT'   ? ?      ? 1 ? ? 
11 CLASSIFICATION             ? ?      ? 1 ? ? 
12 RECONSTRUCTION             ? SPIDER ? 1 ? ? 
13 'MODEL REFINEMENT'         ? ?      ? ? 1 ? 
# 
_em_specimen.id                      1 
_em_specimen.experiment_id           1 
_em_specimen.concentration           ? 
_em_specimen.details                 ? 
_em_specimen.embedding_applied       NO 
_em_specimen.shadowing_applied       NO 
_em_specimen.staining_applied        NO 
_em_specimen.vitrification_applied   YES 
# 
loop_
_pdbx_audit_support.funding_organization 
_pdbx_audit_support.country 
_pdbx_audit_support.grant_number 
_pdbx_audit_support.ordinal 
'Council of Scientific &amp; Industrial Research' India ?                  1 
'Department of Science & Technology (India)'      India SB/SO/BB-0025/2014 2 
# 
loop_
_pdbx_coordinate_model.asym_id 
_pdbx_coordinate_model.type 
A 'CA ATOMS ONLY' 
B 'CA ATOMS ONLY' 
# 
loop_
_pdbx_initial_refinement_model.id 
_pdbx_initial_refinement_model.type 
_pdbx_initial_refinement_model.source_name 
_pdbx_initial_refinement_model.accession_code 
1 'experimental model' PDB 1C21 
2 'experimental model' PDB 3GU0 
# 
_atom_sites.entry_id                    6J0A 
_atom_sites.fract_transf_matrix[1][1]   1.000000 
_atom_sites.fract_transf_matrix[1][2]   0.000000 
_atom_sites.fract_transf_matrix[1][3]   0.000000 
_atom_sites.fract_transf_matrix[2][1]   0.000000 
_atom_sites.fract_transf_matrix[2][2]   1.000000 
_atom_sites.fract_transf_matrix[2][3]   0.000000 
_atom_sites.fract_transf_matrix[3][1]   0.000000 
_atom_sites.fract_transf_matrix[3][2]   0.000000 
_atom_sites.fract_transf_matrix[3][3]   1.000000 
_atom_sites.fract_transf_vector[1]      0.00000 
_atom_sites.fract_transf_vector[2]      0.00000 
_atom_sites.fract_transf_vector[3]      0.00000 
# 
_atom_type.symbol   C 
# 
loop_
_atom_site.group_PDB 
_atom_site.id 
_atom_site.type_symbol 
_atom_site.label_atom_id 
_atom_site.label_alt_id 
_atom_site.label_comp_id 
_atom_site.label_asym_id 
_atom_site.label_entity_id 
_atom_site.label_seq_id 
_atom_site.pdbx_PDB_ins_code 
_atom_site.Cartn_x 
_atom_site.Cartn_y 
_atom_site.Cartn_z 
_atom_site.occupancy 
_atom_site.B_iso_or_equiv 
_atom_site.pdbx_formal_charge 
_atom_site.auth_seq_id 
_atom_site.auth_comp_id 
_atom_site.auth_asym_id 
_atom_site.auth_atom_id 
_atom_site.pdbx_PDB_model_num 
ATOM 1   C CA . ALA A 1 2   ? 16.075  -33.321 18.978  1.00 0.00 ? 2   ALA P CA 1 
ATOM 2   C CA . ILE A 1 3   ? 14.744  -29.792 19.616  1.00 0.00 ? 3   ILE P CA 1 
ATOM 3   C CA . SER A 1 4   ? 17.071  -26.860 18.835  1.00 0.00 ? 4   SER P CA 1 
ATOM 4   C CA . ILE A 1 5   ? 18.844  -25.059 21.648  1.00 0.00 ? 5   ILE P CA 1 
ATOM 5   C CA . LYS A 1 6   ? 20.570  -21.975 20.341  1.00 0.00 ? 6   LYS P CA 1 
ATOM 6   C CA . THR A 1 7   ? 24.031  -21.148 21.545  1.00 0.00 ? 7   THR P CA 1 
ATOM 7   C CA . PRO A 1 8   ? 24.794  -17.678 23.040  1.00 0.00 ? 8   PRO P CA 1 
ATOM 8   C CA . GLU A 1 9   ? 26.318  -16.443 19.753  1.00 0.00 ? 9   GLU P CA 1 
ATOM 9   C CA . ASP A 1 10  ? 23.180  -17.370 17.780  1.00 0.00 ? 10  ASP P CA 1 
ATOM 10  C CA . ILE A 1 11  ? 20.965  -15.617 20.296  1.00 0.00 ? 11  ILE P CA 1 
ATOM 11  C CA . GLU A 1 12  ? 23.201  -12.531 20.165  1.00 0.00 ? 12  GLU P CA 1 
ATOM 12  C CA . LYS A 1 13  ? 22.349  -12.236 16.477  1.00 0.00 ? 13  LYS P CA 1 
ATOM 13  C CA . MET A 1 14  ? 18.629  -12.987 17.157  1.00 0.00 ? 14  MET P CA 1 
ATOM 14  C CA . ARG A 1 15  ? 18.252  -10.006 19.502  1.00 0.00 ? 15  ARG P CA 1 
ATOM 15  C CA . VAL A 1 16  ? 19.404  -7.708  16.659  1.00 0.00 ? 16  VAL P CA 1 
ATOM 16  C CA . ALA A 1 17  ? 17.272  -9.304  13.930  1.00 0.00 ? 17  ALA P CA 1 
ATOM 17  C CA . GLY A 1 18  ? 14.232  -9.181  16.226  1.00 0.00 ? 18  GLY P CA 1 
ATOM 18  C CA . ARG A 1 19  ? 14.768  -5.519  17.016  1.00 0.00 ? 19  ARG P CA 1 
ATOM 19  C CA . LEU A 1 20  ? 15.087  -4.526  13.334  1.00 0.00 ? 20  LEU P CA 1 
ATOM 20  C CA . ALA A 1 21  ? 11.846  -6.366  12.459  1.00 0.00 ? 21  ALA P CA 1 
ATOM 21  C CA . ALA A 1 22  ? 10.140  -4.685  15.399  1.00 0.00 ? 22  ALA P CA 1 
ATOM 22  C CA . GLU A 1 23  ? 11.656  -1.305  14.374  1.00 0.00 ? 23  GLU P CA 1 
ATOM 23  C CA . VAL A 1 24  ? 9.855   -1.580  11.061  1.00 0.00 ? 24  VAL P CA 1 
ATOM 24  C CA . LEU A 1 25  ? 6.542   -2.079  12.865  1.00 0.00 ? 25  LEU P CA 1 
ATOM 25  C CA . GLU A 1 26  ? 6.940   1.057   14.981  1.00 0.00 ? 26  GLU P CA 1 
ATOM 26  C CA . MET A 1 27  ? 8.358   3.026   12.096  1.00 0.00 ? 27  MET P CA 1 
ATOM 27  C CA . ILE A 1 28  ? 5.595   2.058   9.706   1.00 0.00 ? 28  ILE P CA 1 
ATOM 28  C CA . GLU A 1 29  ? 2.966   3.222   12.191  1.00 0.00 ? 29  GLU P CA 1 
ATOM 29  C CA . PRO A 1 30  ? 2.915   6.919   11.074  1.00 0.00 ? 30  PRO P CA 1 
ATOM 30  C CA . TYR A 1 31  ? 2.538   5.724   7.483   1.00 0.00 ? 31  TYR P CA 1 
ATOM 31  C CA . VAL A 1 32  ? -0.504  3.700   8.562   1.00 0.00 ? 32  VAL P CA 1 
ATOM 32  C CA . LYS A 1 33  ? -3.364  6.145   8.190   1.00 0.00 ? 33  LYS P CA 1 
ATOM 33  C CA . PRO A 1 34  ? -6.960  6.004   6.791   1.00 0.00 ? 34  PRO P CA 1 
ATOM 34  C CA . GLY A 1 35  ? -7.669  4.920   3.226   1.00 0.00 ? 35  GLY P CA 1 
ATOM 35  C CA . VAL A 1 36  ? -3.972  4.253   2.561   1.00 0.00 ? 36  VAL P CA 1 
ATOM 36  C CA . SER A 1 37  ? -2.929  1.089   0.980   1.00 0.00 ? 37  SER P CA 1 
ATOM 37  C CA . THR A 1 38  ? -0.916  -1.702  2.439   1.00 0.00 ? 38  THR P CA 1 
ATOM 38  C CA . GLY A 1 39  ? 1.350   -1.276  -0.583  1.00 0.00 ? 39  GLY P CA 1 
ATOM 39  C CA . GLU A 1 40  ? 2.477   2.171   0.705   1.00 0.00 ? 40  GLU P CA 1 
ATOM 40  C CA . LEU A 1 41  ? 3.212   0.568   4.018   1.00 0.00 ? 41  LEU P CA 1 
ATOM 41  C CA . ASP A 1 42  ? 5.131   -2.196  2.290   1.00 0.00 ? 42  ASP P CA 1 
ATOM 42  C CA . ARG A 1 43  ? 7.384   0.136   0.244   1.00 0.00 ? 43  ARG P CA 1 
ATOM 43  C CA . ILE A 1 44  ? 8.202   2.133   3.330   1.00 0.00 ? 44  ILE P CA 1 
ATOM 44  C CA . CYS A 1 45  ? 9.063   -1.133  5.150   1.00 0.00 ? 45  CYS P CA 1 
ATOM 45  C CA . ASN A 1 46  ? 11.337  -2.442  2.288   1.00 0.00 ? 46  ASN P CA 1 
ATOM 46  C CA . ASP A 1 47  ? 13.322  0.787   1.769   1.00 0.00 ? 47  ASP P CA 1 
ATOM 47  C CA . TYR A 1 48  ? 13.945  1.109   5.484   1.00 0.00 ? 48  TYR P CA 1 
ATOM 48  C CA . ILE A 1 49  ? 15.134  -2.494  5.881   1.00 0.00 ? 49  ILE P CA 1 
ATOM 49  C CA . VAL A 1 50  ? 17.357  -2.549  2.803   1.00 0.00 ? 50  VAL P CA 1 
ATOM 50  C CA . ASN A 1 51  ? 18.536  1.052   2.347   1.00 0.00 ? 51  ASN P CA 1 
ATOM 51  C CA . GLU A 1 52  ? 18.551  2.498   5.868   1.00 0.00 ? 52  GLU P CA 1 
ATOM 52  C CA . GLN A 1 53  ? 19.050  -0.434  8.250   1.00 0.00 ? 53  GLN P CA 1 
ATOM 53  C CA . HIS A 1 54  ? 21.241  -2.071  5.540   1.00 0.00 ? 54  HIS P CA 1 
ATOM 54  C CA . ALA A 1 55  ? 19.706  -5.390  6.419   1.00 0.00 ? 55  ALA P CA 1 
ATOM 55  C CA . VAL A 1 56  ? 17.612  -7.582  4.178   1.00 0.00 ? 56  VAL P CA 1 
ATOM 56  C CA . SER A 1 57  ? 13.885  -8.296  4.474   1.00 0.00 ? 57  SER P CA 1 
ATOM 57  C CA . ALA A 1 58  ? 12.956  -11.877 5.435   1.00 0.00 ? 58  ALA P CA 1 
ATOM 58  C CA . CYS A 1 59  ? 9.253   -11.449 4.486   1.00 0.00 ? 59  CYS P CA 1 
ATOM 59  C CA . LEU A 1 60  ? 10.538  -10.521 1.010   1.00 0.00 ? 60  LEU P CA 1 
ATOM 60  C CA . GLY A 1 61  ? 11.002  -13.609 -1.129  1.00 0.00 ? 61  GLY P CA 1 
ATOM 61  C CA . TYR A 1 62  ? 9.722   -16.002 1.589   1.00 0.00 ? 62  TYR P CA 1 
ATOM 62  C CA . HIS A 1 63  ? 8.328   -18.996 -0.429  1.00 0.00 ? 63  HIS P CA 1 
ATOM 63  C CA . GLY A 1 64  ? 8.010   -16.735 -3.534  1.00 0.00 ? 64  GLY P CA 1 
ATOM 64  C CA . TYR A 1 65  ? 6.007   -14.120 -1.555  1.00 0.00 ? 65  TYR P CA 1 
ATOM 65  C CA . PRO A 1 66  ? 6.445   -10.771 -3.388  1.00 0.00 ? 66  PRO P CA 1 
ATOM 66  C CA . LYS A 1 67  ? 6.012   -8.320  -0.513  1.00 0.00 ? 67  LYS P CA 1 
ATOM 67  C CA . SER A 1 68  ? 8.418   -7.178  2.191   1.00 0.00 ? 68  SER P CA 1 
ATOM 68  C CA . VAL A 1 69  ? 5.869   -7.292  4.974   1.00 0.00 ? 69  VAL P CA 1 
ATOM 69  C CA . CYS A 1 70  ? 2.585   -9.081  5.232   1.00 0.00 ? 70  CYS P CA 1 
ATOM 70  C CA . ILE A 1 71  ? -0.205  -6.671  5.789   1.00 0.00 ? 71  ILE P CA 1 
ATOM 71  C CA . SER A 1 72  ? -3.432  -8.343  6.744   1.00 0.00 ? 72  SER P CA 1 
ATOM 72  C CA . ILE A 1 73  ? -6.539  -6.182  6.560   1.00 0.00 ? 73  ILE P CA 1 
ATOM 73  C CA . ASN A 1 74  ? -9.486  -6.825  8.930   1.00 0.00 ? 74  ASN P CA 1 
ATOM 74  C CA . GLU A 1 75  ? -10.808 -10.339 8.351   1.00 0.00 ? 75  GLU P CA 1 
ATOM 75  C CA . VAL A 1 76  ? -7.409  -11.439 6.979   1.00 0.00 ? 76  VAL P CA 1 
ATOM 76  C CA . VAL A 1 77  ? -5.940  -13.808 9.517   1.00 0.00 ? 77  VAL P CA 1 
ATOM 77  C CA . CYS A 1 78  ? -2.465  -13.701 8.179   1.00 0.00 ? 78  CYS P CA 1 
ATOM 78  C CA . HIS A 1 79  ? -0.477  -13.481 5.025   1.00 0.00 ? 79  HIS P CA 1 
ATOM 79  C CA . GLY A 1 80  ? -2.400  -10.693 3.275   1.00 0.00 ? 80  GLY P CA 1 
ATOM 80  C CA . ILE A 1 81  ? -0.444  -9.427  0.264   1.00 0.00 ? 81  ILE P CA 1 
ATOM 81  C CA . PRO A 1 82  ? 0.243   -5.644  0.286   1.00 0.00 ? 82  PRO P CA 1 
ATOM 82  C CA . ASP A 1 83  ? -1.510  -4.072  -2.680  1.00 0.00 ? 83  ASP P CA 1 
ATOM 83  C CA . ASP A 1 84  ? -3.465  -0.935  -3.701  1.00 0.00 ? 84  ASP P CA 1 
ATOM 84  C CA . ALA A 1 85  ? -6.632  -2.980  -4.197  1.00 0.00 ? 85  ALA P CA 1 
ATOM 85  C CA . LYS A 1 86  ? -5.799  -4.363  -0.743  1.00 0.00 ? 86  LYS P CA 1 
ATOM 86  C CA . LEU A 1 87  ? -6.666  -1.039  0.704   1.00 0.00 ? 87  LEU P CA 1 
ATOM 87  C CA . LEU A 1 88  ? -6.859  -0.319  4.383   1.00 0.00 ? 88  LEU P CA 1 
ATOM 88  C CA . LYS A 1 89  ? -10.262 0.672   5.518   1.00 0.00 ? 89  LYS P CA 1 
ATOM 89  C CA . ASP A 1 90  ? -11.155 3.792   7.491   1.00 0.00 ? 90  ASP P CA 1 
ATOM 90  C CA . GLY A 1 91  ? -11.875 1.645   10.538  1.00 0.00 ? 91  GLY P CA 1 
ATOM 91  C CA . ASP A 1 92  ? -9.546  -1.236  9.719   1.00 0.00 ? 92  ASP P CA 1 
ATOM 92  C CA . ILE A 1 93  ? -7.501  -3.310  12.080  1.00 0.00 ? 93  ILE P CA 1 
ATOM 93  C CA . VAL A 1 94  ? -4.395  -4.316  10.237  1.00 0.00 ? 94  VAL P CA 1 
ATOM 94  C CA . ASN A 1 95  ? -1.493  -6.565  11.034  1.00 0.00 ? 95  ASN P CA 1 
ATOM 95  C CA . ILE A 1 96  ? 1.849   -5.462  9.621   1.00 0.00 ? 96  ILE P CA 1 
ATOM 96  C CA . ASP A 1 97  ? 4.096   -8.399  9.932   1.00 0.00 ? 97  ASP P CA 1 
ATOM 97  C CA . VAL A 1 98  ? 7.684   -7.579  9.474   1.00 0.00 ? 98  VAL P CA 1 
ATOM 98  C CA . THR A 1 99  ? 10.347  -10.180 9.384   1.00 0.00 ? 99  THR P CA 1 
ATOM 99  C CA . VAL A 1 100 ? 13.886  -8.826  8.876   1.00 0.00 ? 100 VAL P CA 1 
ATOM 100 C CA . ILE A 1 101 ? 17.036  -10.881 8.327   1.00 0.00 ? 101 ILE P CA 1 
ATOM 101 C CA . LYS A 1 102 ? 20.185  -9.466  9.742   1.00 0.00 ? 102 LYS P CA 1 
ATOM 102 C CA . ASP A 1 103 ? 23.347  -11.572 9.643   1.00 0.00 ? 103 ASP P CA 1 
ATOM 103 C CA . GLY A 1 104 ? 21.343  -14.566 8.447   1.00 0.00 ? 104 GLY P CA 1 
ATOM 104 C CA . PHE A 1 105 ? 19.116  -14.654 11.569  1.00 0.00 ? 105 PHE P CA 1 
ATOM 105 C CA . HIS A 1 106 ? 15.444  -13.848 11.459  1.00 0.00 ? 106 HIS P CA 1 
ATOM 106 C CA . GLY A 1 107 ? 13.403  -11.681 13.743  1.00 0.00 ? 107 GLY P CA 1 
ATOM 107 C CA . ASP A 1 108 ? 9.691   -12.116 13.219  1.00 0.00 ? 108 ASP P CA 1 
ATOM 108 C CA . THR A 1 109 ? 7.107   -9.916  14.764  1.00 0.00 ? 109 THR P CA 1 
ATOM 109 C CA . SER A 1 110 ? 3.823   -8.383  13.935  1.00 0.00 ? 110 SER P CA 1 
ATOM 110 C CA . LYS A 1 111 ? 1.371   -6.174  15.657  1.00 0.00 ? 111 LYS P CA 1 
ATOM 111 C CA . MET A 1 112 ? -2.028  -4.813  14.911  1.00 0.00 ? 112 MET P CA 1 
ATOM 112 C CA . PHE A 1 113 ? -2.363  -1.191  14.064  1.00 0.00 ? 113 PHE P CA 1 
ATOM 113 C CA . ILE A 1 114 ? -5.780  0.293   14.142  1.00 0.00 ? 114 ILE P CA 1 
ATOM 114 C CA . VAL A 1 115 ? -6.256  2.425   11.092  1.00 0.00 ? 115 VAL P CA 1 
ATOM 115 C CA . GLY A 1 116 ? -8.014  5.707   11.772  1.00 0.00 ? 116 GLY P CA 1 
ATOM 116 C CA . LYS A 1 117 ? -11.085 5.449   13.919  1.00 0.00 ? 117 LYS P CA 1 
ATOM 117 C CA . PRO A 1 118 ? -11.210 2.163   15.867  1.00 0.00 ? 118 PRO P CA 1 
ATOM 118 C CA . THR A 1 119 ? -14.196 -0.159  15.662  1.00 0.00 ? 119 THR P CA 1 
ATOM 119 C CA . ILE A 1 120 ? -15.025 -1.785  18.999  1.00 0.00 ? 120 ILE P CA 1 
ATOM 120 C CA . MET A 1 121 ? -15.043 -5.306  17.590  1.00 0.00 ? 121 MET P CA 1 
ATOM 121 C CA . GLY A 1 122 ? -11.712 -4.919  15.810  1.00 0.00 ? 122 GLY P CA 1 
ATOM 122 C CA . GLU A 1 123 ? -9.907  -3.108  18.609  1.00 0.00 ? 123 GLU P CA 1 
ATOM 123 C CA . ARG A 1 124 ? -11.151 -5.660  21.150  1.00 0.00 ? 124 ARG P CA 1 
ATOM 124 C CA . LEU A 1 125 ? -9.985  -8.390  18.852  1.00 0.00 ? 125 LEU P CA 1 
ATOM 125 C CA . CYS A 1 126 ? -6.505  -6.863  18.593  1.00 0.00 ? 126 CYS P CA 1 
ATOM 126 C CA . ARG A 1 127 ? -6.394  -6.436  22.356  1.00 0.00 ? 127 ARG P CA 1 
ATOM 127 C CA . ILE A 1 128 ? -7.370  -10.063 23.104  1.00 0.00 ? 128 ILE P CA 1 
ATOM 128 C CA . THR A 1 129 ? -4.827  -11.244 20.557  1.00 0.00 ? 129 THR P CA 1 
ATOM 129 C CA . GLN A 1 130 ? -2.092  -9.182  22.163  1.00 0.00 ? 130 GLN P CA 1 
ATOM 130 C CA . GLU A 1 131 ? -3.175  -10.382 25.605  1.00 0.00 ? 131 GLU P CA 1 
ATOM 131 C CA . SER A 1 132 ? -3.105  -14.032 24.497  1.00 0.00 ? 132 SER P CA 1 
ATOM 132 C CA . LEU A 1 133 ? 0.529   -13.482 23.520  1.00 0.00 ? 133 LEU P CA 1 
ATOM 133 C CA . TYR A 1 134 ? 1.155   -11.912 26.984  1.00 0.00 ? 134 TYR P CA 1 
ATOM 134 C CA . LEU A 1 135 ? -0.477  -14.749 29.037  1.00 0.00 ? 135 LEU P CA 1 
ATOM 135 C CA . ALA A 1 136 ? 1.734   -17.231 27.226  1.00 0.00 ? 136 ALA P CA 1 
ATOM 136 C CA . LEU A 1 137 ? 4.897   -15.183 27.916  1.00 0.00 ? 137 LEU P CA 1 
ATOM 137 C CA . ARG A 1 138 ? 4.301   -15.313 31.697  1.00 0.00 ? 138 ARG P CA 1 
ATOM 138 C CA . MET A 1 139 ? 4.092   -19.169 31.653  1.00 0.00 ? 139 MET P CA 1 
ATOM 139 C CA . VAL A 1 140 ? 7.239   -19.738 29.564  1.00 0.00 ? 140 VAL P CA 1 
ATOM 140 C CA . LYS A 1 141 ? 9.939   -20.897 31.930  1.00 0.00 ? 141 LYS P CA 1 
ATOM 141 C CA . PRO A 1 142 ? 12.269  -23.926 31.901  1.00 0.00 ? 142 PRO P CA 1 
ATOM 142 C CA . GLY A 1 143 ? 10.811  -27.223 33.170  1.00 0.00 ? 143 GLY P CA 1 
ATOM 143 C CA . ILE A 1 144 ? 7.236   -26.288 32.166  1.00 0.00 ? 144 ILE P CA 1 
ATOM 144 C CA . ASN A 1 145 ? 5.432   -28.309 29.568  1.00 0.00 ? 145 ASN P CA 1 
ATOM 145 C CA . LEU A 1 146 ? 4.312   -26.044 26.380  1.00 0.00 ? 146 LEU P CA 1 
ATOM 146 C CA . ARG A 1 147 ? 1.099   -28.039 26.038  1.00 0.00 ? 147 ARG P CA 1 
ATOM 147 C CA . GLU A 1 148 ? 0.088   -26.254 29.438  1.00 0.00 ? 148 GLU P CA 1 
ATOM 148 C CA . ILE A 1 149 ? 0.763   -23.126 27.787  1.00 0.00 ? 149 ILE P CA 1 
ATOM 149 C CA . GLY A 1 150 ? -0.991  -23.975 24.604  1.00 0.00 ? 150 GLY P CA 1 
ATOM 150 C CA . ALA A 1 151 ? -4.009  -25.029 26.594  1.00 0.00 ? 151 ALA P CA 1 
ATOM 151 C CA . ALA A 1 152 ? -4.001  -21.795 28.565  1.00 0.00 ? 152 ALA P CA 1 
ATOM 152 C CA . ILE A 1 153 ? -3.865  -19.613 25.373  1.00 0.00 ? 153 ILE P CA 1 
ATOM 153 C CA . GLN A 1 154 ? -6.662  -21.635 23.886  1.00 0.00 ? 154 GLN P CA 1 
ATOM 154 C CA . LYS A 1 155 ? -8.833  -21.521 27.082  1.00 0.00 ? 155 LYS P CA 1 
ATOM 155 C CA . PHE A 1 156 ? -8.362  -17.761 27.440  1.00 0.00 ? 156 PHE P CA 1 
ATOM 156 C CA . VAL A 1 157 ? -9.232  -17.015 23.832  1.00 0.00 ? 157 VAL P CA 1 
ATOM 157 C CA . GLU A 1 158 ? -12.273 -19.362 24.001  1.00 0.00 ? 158 GLU P CA 1 
ATOM 158 C CA . ALA A 1 159 ? -13.435 -17.777 27.296  1.00 0.00 ? 159 ALA P CA 1 
ATOM 159 C CA . GLU A 1 160 ? -13.595 -14.359 25.584  1.00 0.00 ? 160 GLU P CA 1 
ATOM 160 C CA . GLY A 1 161 ? -15.904 -15.629 22.794  1.00 0.00 ? 161 GLY P CA 1 
ATOM 161 C CA . PHE A 1 162 ? -13.222 -15.339 20.101  1.00 0.00 ? 162 PHE P CA 1 
ATOM 162 C CA . SER A 1 163 ? -11.205 -18.160 18.603  1.00 0.00 ? 163 SER P CA 1 
ATOM 163 C CA . VAL A 1 164 ? -7.540  -18.973 18.183  1.00 0.00 ? 164 VAL P CA 1 
ATOM 164 C CA . VAL A 1 165 ? -6.638  -20.428 14.815  1.00 0.00 ? 165 VAL P CA 1 
ATOM 165 C CA . ARG A 1 166 ? -5.583  -24.022 15.357  1.00 0.00 ? 166 ARG P CA 1 
ATOM 166 C CA . GLU A 1 167 ? -4.020  -24.036 11.892  1.00 0.00 ? 167 GLU P CA 1 
ATOM 167 C CA . TYR A 1 168 ? -1.673  -21.145 12.764  1.00 0.00 ? 168 TYR P CA 1 
ATOM 168 C CA . CYS A 1 169 ? 0.572   -20.801 15.760  1.00 0.00 ? 169 CYS P CA 1 
ATOM 169 C CA . GLY A 1 170 ? 4.110   -19.931 16.772  1.00 0.00 ? 170 GLY P CA 1 
ATOM 170 C CA . HIS A 1 171 ? 7.245   -21.730 15.796  1.00 0.00 ? 171 HIS P CA 1 
ATOM 171 C CA . GLY A 1 172 ? 10.944  -21.686 16.598  1.00 0.00 ? 172 GLY P CA 1 
ATOM 172 C CA . ILE A 1 173 ? 13.147  -19.246 14.854  1.00 0.00 ? 173 ILE P CA 1 
ATOM 173 C CA . GLY A 1 174 ? 16.823  -18.793 14.238  1.00 0.00 ? 174 GLY P CA 1 
ATOM 174 C CA . GLN A 1 175 ? 18.627  -18.929 10.893  1.00 0.00 ? 175 GLN P CA 1 
ATOM 175 C CA . GLY A 1 176 ? 15.501  -20.471 9.489   1.00 0.00 ? 176 GLY P CA 1 
ATOM 176 C CA . PHE A 1 177 ? 12.213  -18.580 9.617   1.00 0.00 ? 177 PHE P CA 1 
ATOM 177 C CA . HIS A 1 178 ? 10.594  -21.574 11.332  1.00 0.00 ? 178 HIS P CA 1 
ATOM 178 C CA . GLU A 1 179 ? 13.022  -23.611 13.425  1.00 0.00 ? 179 GLU P CA 1 
ATOM 179 C CA . GLU A 1 180 ? 12.158  -25.910 16.358  1.00 0.00 ? 180 GLU P CA 1 
ATOM 180 C CA . PRO A 1 181 ? 10.007  -26.105 18.461  1.00 0.00 ? 181 PRO P CA 1 
ATOM 181 C CA . GLN A 1 182 ? 6.340   -25.717 17.560  1.00 0.00 ? 182 GLN P CA 1 
ATOM 182 C CA . VAL A 1 183 ? 4.670   -23.328 19.900  1.00 0.00 ? 183 VAL P CA 1 
ATOM 183 C CA . LEU A 1 184 ? 1.104   -24.484 19.931  1.00 0.00 ? 184 LEU P CA 1 
ATOM 184 C CA . HIS A 1 185 ? -1.530  -22.100 21.167  1.00 0.00 ? 185 HIS P CA 1 
ATOM 185 C CA . TYR A 1 186 ? -3.672  -25.116 21.819  1.00 0.00 ? 186 TYR P CA 1 
ATOM 186 C CA . ASP A 1 187 ? -3.573  -28.441 23.615  1.00 0.00 ? 187 ASP P CA 1 
ATOM 187 C CA . SER A 1 188 ? -2.519  -31.734 21.990  1.00 0.00 ? 188 SER P CA 1 
ATOM 188 C CA . ARG A 1 189 ? -1.601  -35.295 23.094  1.00 0.00 ? 189 ARG P CA 1 
ATOM 189 C CA . GLU A 1 190 ? 1.290   -35.110 20.613  1.00 0.00 ? 190 GLU P CA 1 
ATOM 190 C CA . THR A 1 191 ? 2.855   -32.112 22.347  1.00 0.00 ? 191 THR P CA 1 
ATOM 191 C CA . ASN A 1 192 ? 4.773   -32.832 25.500  1.00 0.00 ? 192 ASN P CA 1 
ATOM 192 C CA . VAL A 1 193 ? 7.600   -30.372 24.657  1.00 0.00 ? 193 VAL P CA 1 
ATOM 193 C CA . VAL A 1 194 ? 9.368   -29.610 27.877  1.00 0.00 ? 194 VAL P CA 1 
ATOM 194 C CA . LEU A 1 195 ? 10.857  -26.200 27.680  1.00 0.00 ? 195 LEU P CA 1 
ATOM 195 C CA . LYS A 1 196 ? 14.439  -25.879 28.593  1.00 0.00 ? 196 LYS P CA 1 
ATOM 196 C CA . PRO A 1 197 ? 16.638  -22.807 28.185  1.00 0.00 ? 197 PRO P CA 1 
ATOM 197 C CA . GLY A 1 198 ? 18.048  -21.647 24.857  1.00 0.00 ? 198 GLY P CA 1 
ATOM 198 C CA . MET A 1 199 ? 14.942  -22.489 22.837  1.00 0.00 ? 199 MET P CA 1 
ATOM 199 C CA . THR A 1 200 ? 13.983  -19.530 20.693  1.00 0.00 ? 200 THR P CA 1 
ATOM 200 C CA . PHE A 1 201 ? 10.564  -19.352 19.284  1.00 0.00 ? 201 PHE P CA 1 
ATOM 201 C CA . THR A 1 202 ? 7.673   -17.128 18.487  1.00 0.00 ? 202 THR P CA 1 
ATOM 202 C CA . ILE A 1 203 ? 4.322   -17.078 20.159  1.00 0.00 ? 203 ILE P CA 1 
ATOM 203 C CA . GLU A 1 204 ? 1.785   -15.628 17.775  1.00 0.00 ? 204 GLU P CA 1 
ATOM 204 C CA . PRO A 1 205 ? -1.831  -16.425 18.508  1.00 0.00 ? 205 PRO P CA 1 
ATOM 205 C CA . MET A 1 206 ? -4.077  -15.252 15.695  1.00 0.00 ? 206 MET P CA 1 
ATOM 206 C CA . VAL A 1 207 ? -7.503  -14.441 17.077  1.00 0.00 ? 207 VAL P CA 1 
ATOM 207 C CA . ASN A 1 208 ? -10.672 -14.073 15.058  1.00 0.00 ? 208 ASN P CA 1 
ATOM 208 C CA . ALA A 1 209 ? -13.725 -12.018 16.026  1.00 0.00 ? 209 ALA P CA 1 
ATOM 209 C CA . GLY A 1 210 ? -15.701 -14.690 14.265  1.00 0.00 ? 210 GLY P CA 1 
ATOM 210 C CA . LYS A 1 211 ? -14.714 -18.326 13.887  1.00 0.00 ? 211 LYS P CA 1 
ATOM 211 C CA . LYS A 1 212 ? -11.395 -20.142 13.386  1.00 0.00 ? 212 LYS P CA 1 
ATOM 212 C CA . GLU A 1 213 ? -12.661 -21.350 10.013  1.00 0.00 ? 213 GLU P CA 1 
ATOM 213 C CA . ILE A 1 214 ? -10.535 -19.703 7.370   1.00 0.00 ? 214 ILE P CA 1 
ATOM 214 C CA . ARG A 1 215 ? -10.542 -19.358 3.555   1.00 0.00 ? 215 ARG P CA 1 
ATOM 215 C CA . THR A 1 216 ? -7.706  -18.914 1.065   1.00 0.00 ? 216 THR P CA 1 
ATOM 216 C CA . MET A 1 217 ? -8.463  -16.431 -1.752  1.00 0.00 ? 217 MET P CA 1 
ATOM 217 C CA . LYS A 1 218 ? -8.129  -17.176 -5.511  1.00 0.00 ? 218 LYS P CA 1 
ATOM 218 C CA . ASP A 1 219 ? -4.661  -15.601 -5.349  1.00 0.00 ? 219 ASP P CA 1 
ATOM 219 C CA . GLY A 1 220 ? -3.670  -18.284 -2.832  1.00 0.00 ? 220 GLY P CA 1 
ATOM 220 C CA . TRP A 1 221 ? -1.910  -16.469 0.060   1.00 0.00 ? 221 TRP P CA 1 
ATOM 221 C CA . THR A 1 222 ? -4.473  -14.149 1.583   1.00 0.00 ? 222 THR P CA 1 
ATOM 222 C CA . VAL A 1 223 ? -6.154  -16.088 4.368   1.00 0.00 ? 223 VAL P CA 1 
ATOM 223 C CA . LYS A 1 224 ? -9.311  -14.562 5.717   1.00 0.00 ? 224 LYS P CA 1 
ATOM 224 C CA . THR A 1 225 ? -11.883 -15.839 8.129   1.00 0.00 ? 225 THR P CA 1 
ATOM 225 C CA . LYS A 1 226 ? -14.672 -17.645 6.256   1.00 0.00 ? 226 LYS P CA 1 
ATOM 226 C CA . ASP A 1 227 ? -17.115 -15.507 8.293   1.00 0.00 ? 227 ASP P CA 1 
ATOM 227 C CA . ARG A 1 228 ? -15.451 -12.300 6.959   1.00 0.00 ? 228 ARG P CA 1 
ATOM 228 C CA . SER A 1 229 ? -15.226 -10.569 10.284  1.00 0.00 ? 229 SER P CA 1 
ATOM 229 C CA . LEU A 1 230 ? -12.210 -8.968  11.838  1.00 0.00 ? 230 LEU P CA 1 
ATOM 230 C CA . SER A 1 231 ? -9.051  -10.923 12.514  1.00 0.00 ? 231 SER P CA 1 
ATOM 231 C CA . ALA A 1 232 ? -6.147  -9.838  14.655  1.00 0.00 ? 232 ALA P CA 1 
ATOM 232 C CA . GLN A 1 233 ? -2.682  -11.225 15.174  1.00 0.00 ? 233 GLN P CA 1 
ATOM 233 C CA . TYR A 1 234 ? 0.183   -10.408 17.460  1.00 0.00 ? 234 TYR P CA 1 
ATOM 234 C CA . GLU A 1 235 ? 3.530   -11.991 17.753  1.00 0.00 ? 235 GLU P CA 1 
ATOM 235 C CA . HIS A 1 236 ? 6.778   -11.823 19.652  1.00 0.00 ? 236 HIS P CA 1 
ATOM 236 C CA . THR A 1 237 ? 10.050  -13.718 19.171  1.00 0.00 ? 237 THR P CA 1 
ATOM 237 C CA . ILE A 1 238 ? 11.354  -14.806 22.529  1.00 0.00 ? 238 ILE P CA 1 
ATOM 238 C CA . VAL A 1 239 ? 14.149  -16.790 24.096  1.00 0.00 ? 239 VAL P CA 1 
ATOM 239 C CA . VAL A 1 240 ? 13.579  -19.177 27.058  1.00 0.00 ? 240 VAL P CA 1 
ATOM 240 C CA . THR A 1 241 ? 15.904  -18.208 29.984  1.00 0.00 ? 241 THR P CA 1 
ATOM 241 C CA . ASP A 1 242 ? 16.926  -19.998 33.213  1.00 0.00 ? 242 ASP P CA 1 
ATOM 242 C CA . ASN A 1 243 ? 14.159  -18.325 35.242  1.00 0.00 ? 243 ASN P CA 1 
ATOM 243 C CA . GLY A 1 244 ? 11.601  -17.153 32.680  1.00 0.00 ? 244 GLY P CA 1 
ATOM 244 C CA . CYS A 1 245 ? 11.748  -15.590 29.223  1.00 0.00 ? 245 CYS P CA 1 
ATOM 245 C CA . GLU A 1 246 ? 12.882  -12.523 27.310  1.00 0.00 ? 246 GLU P CA 1 
ATOM 246 C CA . ILE A 1 247 ? 10.980  -10.715 24.529  1.00 0.00 ? 247 ILE P CA 1 
ATOM 247 C CA . LEU A 1 248 ? 13.465  -10.151 21.678  1.00 0.00 ? 248 LEU P CA 1 
ATOM 248 C CA . THR A 1 249 ? 10.920  -8.136  19.687  1.00 0.00 ? 249 THR P CA 1 
ATOM 249 C CA . LEU A 1 250 ? 10.194  -5.705  22.490  1.00 0.00 ? 250 LEU P CA 1 
ATOM 250 C CA . ARG A 1 251 ? 8.589   -2.465  21.340  1.00 0.00 ? 251 ARG P CA 1 
ATOM 251 C CA . LYS A 1 252 ? 7.318   0.747   22.869  1.00 0.00 ? 252 LYS P CA 1 
ATOM 252 C CA . ASP A 1 253 ? 3.824   -0.646  22.337  1.00 0.00 ? 253 ASP P CA 1 
ATOM 253 C CA . ASP A 1 254 ? 4.621   -3.572  24.694  1.00 0.00 ? 254 ASP P CA 1 
ATOM 254 C CA . THR A 1 255 ? 3.582   -3.090  28.374  1.00 0.00 ? 255 THR P CA 1 
ATOM 255 C CA . ILE A 1 256 ? 4.697   -6.473  29.810  1.00 0.00 ? 256 ILE P CA 1 
ATOM 256 C CA . PRO A 1 257 ? 8.290   -6.391  31.291  1.00 0.00 ? 257 PRO P CA 1 
ATOM 257 C CA . ALA A 1 258 ? 11.183  -7.158  28.931  1.00 0.00 ? 258 ALA P CA 1 
ATOM 258 C CA . ILE A 1 259 ? 12.720  -9.676  31.345  1.00 0.00 ? 259 ILE P CA 1 
ATOM 259 C CA . ILE A 1 260 ? 10.384  -11.998 33.225  1.00 0.00 ? 260 ILE P CA 1 
ATOM 260 C CA . SER A 1 261 ? 11.971  -13.547 36.319  1.00 0.00 ? 261 SER P CA 1 
ATOM 261 C CA . HIS A 1 262 ? 10.227  -16.078 38.574  1.00 0.00 ? 262 HIS P CA 1 
ATOM 262 C CA . ASP A 1 263 ? 12.676  -15.645 41.474  1.00 0.00 ? 263 ASP P CA 1 
ATOM 263 C CA . MET B 2 1   ? 39.310  -9.817  1.328   1.00 0.00 ? 1   MET Q CA 1 
ATOM 264 C CA . GLU B 2 2   ? 40.415  -6.273  1.592   1.00 0.00 ? 2   GLU Q CA 1 
ATOM 265 C CA . VAL B 2 3   ? 38.239  -3.300  1.062   1.00 0.00 ? 3   VAL Q CA 1 
ATOM 266 C CA . LYS B 2 4   ? 41.159  -1.158  -0.093  1.00 0.00 ? 4   LYS Q CA 1 
ATOM 267 C CA . GLU B 2 5   ? 40.052  2.138   -1.552  1.00 0.00 ? 5   GLU Q CA 1 
ATOM 268 C CA . LEU B 2 6   ? 42.057  2.501   -4.726  1.00 0.00 ? 6   LEU Q CA 1 
ATOM 269 C CA . GLU B 2 7   ? 39.984  5.611   -5.227  1.00 0.00 ? 7   GLU Q CA 1 
ATOM 270 C CA . ARG B 2 8   ? 37.169  7.112   -3.299  1.00 0.00 ? 8   ARG Q CA 1 
ATOM 271 C CA . ASP B 2 9   ? 34.616  9.089   -5.291  1.00 0.00 ? 9   ASP Q CA 1 
ATOM 272 C CA . LYS B 2 10  ? 31.878  10.027  -2.759  1.00 0.00 ? 10  LYS Q CA 1 
ATOM 273 C CA . ASN B 2 11  ? 29.222  7.255   -2.892  1.00 0.00 ? 11  ASN Q CA 1 
ATOM 274 C CA . ARG B 2 12  ? 31.309  5.091   -5.191  1.00 0.00 ? 12  ARG Q CA 1 
ATOM 275 C CA . VAL B 2 13  ? 34.345  3.707   -3.540  1.00 0.00 ? 13  VAL Q CA 1 
ATOM 276 C CA . VAL B 2 14  ? 36.666  2.057   -5.940  1.00 0.00 ? 14  VAL Q CA 1 
ATOM 277 C CA . LEU B 2 15  ? 37.987  -0.750  -4.023  1.00 0.00 ? 15  LEU Q CA 1 
ATOM 278 C CA . GLU B 2 16  ? 40.931  -2.642  -5.118  1.00 0.00 ? 16  GLU Q CA 1 
ATOM 279 C CA . TYR B 2 17  ? 40.367  -5.892  -3.519  1.00 0.00 ? 17  TYR Q CA 1 
ATOM 280 C CA . VAL B 2 18  ? 43.570  -7.602  -3.762  1.00 0.00 ? 18  VAL Q CA 1 
ATOM 281 C CA . PHE B 2 19  ? 42.927  -10.990 -2.575  1.00 0.00 ? 19  PHE Q CA 1 
ATOM 282 C CA . GLY B 2 20  ? 46.051  -12.671 -1.507  1.00 0.00 ? 20  GLY Q CA 1 
ATOM 283 C CA . ALA B 2 21  ? 44.880  -16.162 -1.859  1.00 0.00 ? 21  ALA Q CA 1 
ATOM 284 C CA . GLU B 2 22  ? 42.089  -16.490 0.746   1.00 0.00 ? 22  GLU Q CA 1 
ATOM 285 C CA . GLU B 2 23  ? 39.399  -15.211 -1.465  1.00 0.00 ? 23  GLU Q CA 1 
ATOM 286 C CA . ILE B 2 24  ? 41.368  -15.938 -4.643  1.00 0.00 ? 24  ILE Q CA 1 
ATOM 287 C CA . ALA B 2 25  ? 41.397  -19.651 -3.754  1.00 0.00 ? 25  ALA Q CA 1 
ATOM 288 C CA . GLN B 2 26  ? 37.790  -19.437 -2.715  1.00 0.00 ? 26  GLN Q CA 1 
ATOM 289 C CA . ALA B 2 27  ? 37.132  -17.871 -6.068  1.00 0.00 ? 27  ALA Q CA 1 
ATOM 290 C CA . GLU B 2 28  ? 39.768  -19.805 -8.116  1.00 0.00 ? 28  GLU Q CA 1 
ATOM 291 C CA . ASP B 2 29  ? 38.643  -23.242 -7.265  1.00 0.00 ? 29  ASP Q CA 1 
ATOM 292 C CA . LYS B 2 30  ? 35.183  -21.705 -7.573  1.00 0.00 ? 30  LYS Q CA 1 
ATOM 293 C CA . ALA B 2 31  ? 36.396  -20.502 -10.972 1.00 0.00 ? 31  ALA Q CA 1 
ATOM 294 C CA . VAL B 2 32  ? 37.439  -24.110 -11.725 1.00 0.00 ? 32  VAL Q CA 1 
ATOM 295 C CA . ARG B 2 33  ? 33.899  -24.817 -10.703 1.00 0.00 ? 33  ARG Q CA 1 
ATOM 296 C CA . TYR B 2 34  ? 32.448  -21.780 -12.417 1.00 0.00 ? 34  TYR Q CA 1 
ATOM 297 C CA . LEU B 2 35  ? 34.265  -22.301 -15.679 1.00 0.00 ? 35  LEU Q CA 1 
ATOM 298 C CA . ASN B 2 36  ? 34.167  -26.111 -16.133 1.00 0.00 ? 36  ASN Q CA 1 
ATOM 299 C CA . GLN B 2 37  ? 30.460  -26.923 -15.731 1.00 0.00 ? 37  GLN Q CA 1 
ATOM 300 C CA . ARG B 2 38  ? 29.940  -25.081 -19.026 1.00 0.00 ? 38  ARG Q CA 1 
ATOM 301 C CA . VAL B 2 39  ? 32.807  -25.612 -21.475 1.00 0.00 ? 39  VAL Q CA 1 
ATOM 302 C CA . GLU B 2 40  ? 35.560  -28.198 -21.922 1.00 0.00 ? 40  GLU Q CA 1 
ATOM 303 C CA . ILE B 2 41  ? 38.970  -27.563 -23.525 1.00 0.00 ? 41  ILE Q CA 1 
ATOM 304 C CA . PRO B 2 42  ? 40.464  -30.112 -26.039 1.00 0.00 ? 42  PRO Q CA 1 
ATOM 305 C CA . GLY B 2 43  ? 41.549  -33.539 -24.761 1.00 0.00 ? 43  GLY Q CA 1 
ATOM 306 C CA . PHE B 2 44  ? 39.164  -33.457 -21.796 1.00 0.00 ? 44  PHE Q CA 1 
ATOM 307 C CA . ARG B 2 45  ? 35.656  -34.414 -20.773 1.00 0.00 ? 45  ARG Q CA 1 
ATOM 308 C CA . LYS B 2 46  ? 33.319  -32.640 -18.277 1.00 0.00 ? 46  LYS Q CA 1 
ATOM 309 C CA . GLY B 2 47  ? 34.106  -32.143 -14.593 1.00 0.00 ? 47  GLY Q CA 1 
ATOM 310 C CA . ARG B 2 48  ? 36.932  -30.305 -12.888 1.00 0.00 ? 48  ARG Q CA 1 
ATOM 311 C CA . ILE B 2 49  ? 39.748  -29.045 -15.037 1.00 0.00 ? 49  ILE Q CA 1 
ATOM 312 C CA . PRO B 2 50  ? 42.442  -27.829 -12.530 1.00 0.00 ? 50  PRO Q CA 1 
ATOM 313 C CA . LYS B 2 51  ? 42.896  -24.114 -11.545 1.00 0.00 ? 51  LYS Q CA 1 
ATOM 314 C CA . ASN B 2 52  ? 46.327  -23.635 -13.110 1.00 0.00 ? 52  ASN Q CA 1 
ATOM 315 C CA . VAL B 2 53  ? 45.669  -25.667 -16.294 1.00 0.00 ? 53  VAL Q CA 1 
ATOM 316 C CA . LEU B 2 54  ? 42.554  -23.572 -16.709 1.00 0.00 ? 54  LEU Q CA 1 
ATOM 317 C CA . LYS B 2 55  ? 44.768  -20.550 -16.227 1.00 0.00 ? 55  LYS Q CA 1 
ATOM 318 C CA . MET B 2 56  ? 46.872  -21.971 -19.106 1.00 0.00 ? 56  MET Q CA 1 
ATOM 319 C CA . LYS B 2 57  ? 44.251  -22.422 -21.844 1.00 0.00 ? 57  LYS Q CA 1 
ATOM 320 C CA . LEU B 2 58  ? 41.877  -19.738 -20.456 1.00 0.00 ? 58  LEU Q CA 1 
ATOM 321 C CA . GLY B 2 59  ? 44.248  -17.668 -18.280 1.00 0.00 ? 59  GLY Q CA 1 
ATOM 322 C CA . GLU B 2 60  ? 43.062  -14.170 -17.668 1.00 0.00 ? 60  GLU Q CA 1 
ATOM 323 C CA . GLU B 2 61  ? 39.701  -15.614 -18.718 1.00 0.00 ? 61  GLU Q CA 1 
ATOM 324 C CA . PHE B 2 62  ? 39.970  -18.131 -15.849 1.00 0.00 ? 62  PHE Q CA 1 
ATOM 325 C CA . GLN B 2 63  ? 40.995  -15.125 -13.787 1.00 0.00 ? 63  GLN Q CA 1 
ATOM 326 C CA . GLU B 2 64  ? 37.805  -13.323 -14.776 1.00 0.00 ? 64  GLU Q CA 1 
ATOM 327 C CA . TYR B 2 65  ? 35.715  -15.865 -12.983 1.00 0.00 ? 65  TYR Q CA 1 
ATOM 328 C CA . THR B 2 66  ? 38.008  -15.855 -10.158 1.00 0.00 ? 66  THR Q CA 1 
ATOM 329 C CA . LEU B 2 67  ? 37.678  -12.127 -10.093 1.00 0.00 ? 67  LEU Q CA 1 
ATOM 330 C CA . ASP B 2 68  ? 33.837  -12.650 -10.309 1.00 0.00 ? 68  ASP Q CA 1 
ATOM 331 C CA . PHE B 2 69  ? 33.823  -14.698 -7.215  1.00 0.00 ? 69  PHE Q CA 1 
ATOM 332 C CA . LEU B 2 70  ? 36.069  -12.124 -5.922  1.00 0.00 ? 70  LEU Q CA 1 
ATOM 333 C CA . MET B 2 71  ? 33.204  -9.839  -6.758  1.00 0.00 ? 71  MET Q CA 1 
ATOM 334 C CA . ASP B 2 72  ? 31.353  -12.299 -4.591  1.00 0.00 ? 72  ASP Q CA 1 
ATOM 335 C CA . LEU B 2 73  ? 34.211  -12.115 -2.155  1.00 0.00 ? 73  LEU Q CA 1 
ATOM 336 C CA . ILE B 2 74  ? 34.438  -8.421  -2.693  1.00 0.00 ? 74  ILE Q CA 1 
ATOM 337 C CA . PRO B 2 75  ? 31.079  -8.095  -0.967  1.00 0.00 ? 75  PRO Q CA 1 
ATOM 338 C CA . ASP B 2 76  ? 31.006  -9.855  2.349   1.00 0.00 ? 76  ASP Q CA 1 
ATOM 339 C CA . THR B 2 77  ? 31.124  -6.614  4.404   1.00 0.00 ? 77  THR Q CA 1 
ATOM 340 C CA . LEU B 2 78  ? 28.897  -4.763  1.956   1.00 0.00 ? 78  LEU Q CA 1 
ATOM 341 C CA . LYS B 2 79  ? 26.889  -7.710  0.664   1.00 0.00 ? 79  LYS Q CA 1 
ATOM 342 C CA . ASP B 2 80  ? 24.432  -6.783  3.393   1.00 0.00 ? 80  ASP Q CA 1 
ATOM 343 C CA . ARG B 2 81  ? 24.559  -3.129  2.456   1.00 0.00 ? 81  ARG Q CA 1 
ATOM 344 C CA . LYS B 2 82  ? 22.424  -1.804  -0.262  1.00 0.00 ? 82  LYS Q CA 1 
ATOM 345 C CA . LEU B 2 83  ? 24.704  -0.579  -2.934  1.00 0.00 ? 83  LEU Q CA 1 
ATOM 346 C CA . ILE B 2 84  ? 23.587  1.303   -6.025  1.00 0.00 ? 84  ILE Q CA 1 
ATOM 347 C CA . LEU B 2 85  ? 26.069  -1.054  -7.729  1.00 0.00 ? 85  LEU Q CA 1 
ATOM 348 C CA . SER B 2 86  ? 27.534  -4.410  -6.881  1.00 0.00 ? 86  SER Q CA 1 
ATOM 349 C CA . PRO B 2 87  ? 31.315  -4.378  -7.383  1.00 0.00 ? 87  PRO Q CA 1 
ATOM 350 C CA . ILE B 2 88  ? 32.087  -3.289  -10.906 1.00 0.00 ? 88  ILE Q CA 1 
ATOM 351 C CA . VAL B 2 89  ? 35.360  -4.492  -12.215 1.00 0.00 ? 89  VAL Q CA 1 
ATOM 352 C CA . THR B 2 90  ? 37.239  -1.487  -13.345 1.00 0.00 ? 90  THR Q CA 1 
ATOM 353 C CA . GLU B 2 91  ? 40.185  -3.725  -13.659 1.00 0.00 ? 91  GLU Q CA 1 
ATOM 354 C CA . ARG B 2 92  ? 40.394  -7.211  -12.563 1.00 0.00 ? 92  ARG Q CA 1 
ATOM 355 C CA . GLU B 2 93  ? 43.709  -8.917  -12.662 1.00 0.00 ? 93  GLU Q CA 1 
ATOM 356 C CA . LEU B 2 94  ? 44.349  -12.155 -11.177 1.00 0.00 ? 94  LEU Q CA 1 
ATOM 357 C CA . LYS B 2 95  ? 47.080  -14.488 -10.645 1.00 0.00 ? 95  LYS Q CA 1 
ATOM 358 C CA . ASP B 2 96  ? 46.914  -17.152 -8.035  1.00 0.00 ? 96  ASP Q CA 1 
ATOM 359 C CA . VAL B 2 97  ? 48.632  -15.022 -5.463  1.00 0.00 ? 97  VAL Q CA 1 
ATOM 360 C CA . THR B 2 98  ? 46.965  -11.742 -6.162  1.00 0.00 ? 98  THR Q CA 1 
ATOM 361 C CA . ALA B 2 99  ? 43.691  -10.882 -7.460  1.00 0.00 ? 99  ALA Q CA 1 
ATOM 362 C CA . ARG B 2 100 ? 43.420  -7.294  -7.744  1.00 0.00 ? 100 ARG Q CA 1 
ATOM 363 C CA . VAL B 2 101 ? 39.844  -6.692  -8.469  1.00 0.00 ? 101 VAL Q CA 1 
ATOM 364 C CA . VAL B 2 102 ? 39.431  -3.041  -8.741  1.00 0.00 ? 102 VAL Q CA 1 
ATOM 365 C CA . VAL B 2 103 ? 35.831  -2.830  -8.289  1.00 0.00 ? 103 VAL Q CA 1 
ATOM 366 C CA . GLU B 2 104 ? 33.813  0.240   -8.142  1.00 0.00 ? 104 GLU Q CA 1 
ATOM 367 C CA . VAL B 2 105 ? 31.469  -0.526  -5.401  1.00 0.00 ? 105 VAL Q CA 1 
ATOM 368 C CA . HIS B 2 106 ? 28.830  2.112   -5.694  1.00 0.00 ? 106 HIS Q CA 1 
ATOM 369 C CA . GLU B 2 107 ? 27.308  2.298   -2.253  1.00 0.00 ? 107 GLU Q CA 1 
ATOM 370 C CA . GLU B 2 108 ? 23.796  3.777   -1.628  1.00 0.00 ? 108 GLU Q CA 1 
ATOM 371 C CA . PRO B 2 109 ? 23.737  7.574   -1.205  1.00 0.00 ? 109 PRO Q CA 1 
ATOM 372 C CA . GLU B 2 110 ? 24.327  9.237   2.098   1.00 0.00 ? 110 GLU Q CA 1 
ATOM 373 C CA . VAL B 2 111 ? 23.279  12.807  2.733   1.00 0.00 ? 111 VAL Q CA 1 
ATOM 374 C CA . ARG B 2 112 ? 24.160  15.670  5.080   1.00 0.00 ? 112 ARG Q CA 1 
ATOM 375 C CA . ILE B 2 113 ? 21.415  18.273  5.772   1.00 0.00 ? 113 ILE Q CA 1 
ATOM 376 C CA . GLY B 2 114 ? 23.103  21.735  5.525   1.00 0.00 ? 114 GLY Q CA 1 
ATOM 377 C CA . ASP B 2 115 ? 22.005  25.366  6.088   1.00 0.00 ? 115 ASP Q CA 1 
ATOM 378 C CA . ILE B 2 116 ? 18.275  26.101  5.933   1.00 0.00 ? 116 ILE Q CA 1 
ATOM 379 C CA . SER B 2 117 ? 17.232  29.530  4.647   1.00 0.00 ? 117 SER Q CA 1 
ATOM 380 C CA . LYS B 2 118 ? 16.260  28.647  1.053   1.00 0.00 ? 118 LYS Q CA 1 
ATOM 381 C CA . ILE B 2 119 ? 13.102  26.565  1.696   1.00 0.00 ? 119 ILE Q CA 1 
ATOM 382 C CA . GLU B 2 120 ? 9.753   28.272  1.045   1.00 0.00 ? 120 GLU Q CA 1 
ATOM 383 C CA . VAL B 2 121 ? 6.097   27.225  1.023   1.00 0.00 ? 121 VAL Q CA 1 
ATOM 384 C CA . GLU B 2 122 ? 3.987   28.989  -1.515  1.00 0.00 ? 122 GLU Q CA 1 
ATOM 385 C CA . LYS B 2 123 ? 0.453   29.657  -0.532  1.00 0.00 ? 123 LYS Q CA 1 
ATOM 386 C CA . VAL B 2 124 ? -2.089  28.752  -3.210  1.00 0.00 ? 124 VAL Q CA 1 
ATOM 387 C CA . ASP B 2 125 ? -5.025  31.205  -3.562  1.00 0.00 ? 125 ASP Q CA 1 
ATOM 388 C CA . GLU B 2 126 ? -8.028  29.715  -1.723  1.00 0.00 ? 126 GLU Q CA 1 
ATOM 389 C CA . GLU B 2 127 ? -10.546 32.128  -3.316  1.00 0.00 ? 127 GLU Q CA 1 
ATOM 390 C CA . LYS B 2 128 ? -10.076 31.098  -6.974  1.00 0.00 ? 128 LYS Q CA 1 
ATOM 391 C CA . VAL B 2 129 ? -10.324 27.308  -6.155  1.00 0.00 ? 129 VAL Q CA 1 
ATOM 392 C CA . LEU B 2 130 ? -13.632 27.832  -4.405  1.00 0.00 ? 130 LEU Q CA 1 
ATOM 393 C CA . GLU B 2 131 ? -15.011 30.142  -7.117  1.00 0.00 ? 131 GLU Q CA 1 
ATOM 394 C CA . LYS B 2 132 ? -14.115 27.854  -10.047 1.00 0.00 ? 132 LYS Q CA 1 
ATOM 395 C CA . TYR B 2 133 ? -15.703 24.821  -8.305  1.00 0.00 ? 133 TYR Q CA 1 
ATOM 396 C CA . VAL B 2 134 ? -18.869 26.878  -7.786  1.00 0.00 ? 134 VAL Q CA 1 
ATOM 397 C CA . GLU B 2 135 ? -19.088 28.072  -11.430 1.00 0.00 ? 135 GLU Q CA 1 
ATOM 398 C CA . ARG B 2 136 ? -18.743 24.624  -12.935 1.00 0.00 ? 136 ARG Q CA 1 
ATOM 399 C CA . ARG B 2 137 ? -20.943 22.728  -10.475 1.00 0.00 ? 137 ARG Q CA 1 
ATOM 400 C CA . ILE B 2 138 ? -23.728 25.338  -10.876 1.00 0.00 ? 138 ILE Q CA 1 
ATOM 401 C CA . GLU B 2 139 ? -23.115 24.847  -14.585 1.00 0.00 ? 139 GLU Q CA 1 
ATOM 402 C CA . ASP B 2 140 ? -23.509 21.028  -14.127 1.00 0.00 ? 140 ASP Q CA 1 
ATOM 403 C CA . LEU B 2 141 ? -26.618 21.352  -11.914 1.00 0.00 ? 141 LEU Q CA 1 
ATOM 404 C CA . ARG B 2 142 ? -28.439 23.839  -14.143 1.00 0.00 ? 142 ARG Q CA 1 
ATOM 405 C CA . GLU B 2 143 ? -27.611 21.687  -17.115 1.00 0.00 ? 143 GLU Q CA 1 
ATOM 406 C CA . SER B 2 144 ? -28.540 18.166  -16.054 1.00 0.00 ? 144 SER Q CA 1 
ATOM 407 C CA . HIS B 2 145 ? -31.523 19.394  -13.998 1.00 0.00 ? 145 HIS Q CA 1 
ATOM 408 C CA . ALA B 2 146 ? -33.375 22.687  -13.737 1.00 0.00 ? 146 ALA Q CA 1 
ATOM 409 C CA . LEU B 2 147 ? -36.773 23.970  -12.649 1.00 0.00 ? 147 LEU Q CA 1 
ATOM 410 C CA . LEU B 2 148 ? -38.734 20.858  -13.461 1.00 0.00 ? 148 LEU Q CA 1 
ATOM 411 C CA . GLU B 2 149 ? -42.520 20.499  -13.410 1.00 0.00 ? 149 GLU Q CA 1 
ATOM 412 C CA . PRO B 2 150 ? -44.068 17.614  -15.468 1.00 0.00 ? 150 PRO Q CA 1 
ATOM 413 C CA . LYS B 2 151 ? -44.931 17.617  -19.158 1.00 0.00 ? 151 LYS Q CA 1 
ATOM 414 C CA . GLU B 2 152 ? -46.968 14.942  -20.864 1.00 0.00 ? 152 GLU Q CA 1 
ATOM 415 C CA . GLY B 2 153 ? -46.314 16.305  -24.370 1.00 0.00 ? 153 GLY Q CA 1 
ATOM 416 C CA . PRO B 2 154 ? -43.915 14.799  -26.907 1.00 0.00 ? 154 PRO Q CA 1 
ATOM 417 C CA . ALA B 2 155 ? -40.200 14.829  -26.288 1.00 0.00 ? 155 ALA Q CA 1 
ATOM 418 C CA . GLU B 2 156 ? -38.485 17.374  -28.469 1.00 0.00 ? 156 GLU Q CA 1 
ATOM 419 C CA . ALA B 2 157 ? -36.786 20.779  -28.223 1.00 0.00 ? 157 ALA Q CA 1 
ATOM 420 C CA . GLY B 2 158 ? -37.274 23.037  -25.245 1.00 0.00 ? 158 GLY Q CA 1 
ATOM 421 C CA . ASP B 2 159 ? -37.844 20.254  -22.762 1.00 0.00 ? 159 ASP Q CA 1 
ATOM 422 C CA . LEU B 2 160 ? -35.736 18.247  -20.346 1.00 0.00 ? 160 LEU Q CA 1 
ATOM 423 C CA . VAL B 2 161 ? -36.228 14.633  -21.049 1.00 0.00 ? 161 VAL Q CA 1 
ATOM 424 C CA . ARG B 2 162 ? -35.926 12.371  -18.113 1.00 0.00 ? 162 ARG Q CA 1 
ATOM 425 C CA . VAL B 2 163 ? -35.146 9.542   -20.293 1.00 0.00 ? 163 VAL Q CA 1 
ATOM 426 C CA . ASN B 2 164 ? -34.508 6.070   -19.457 1.00 0.00 ? 164 ASN Q CA 1 
ATOM 427 C CA . MET B 2 165 ? -31.979 6.111   -22.153 1.00 0.00 ? 165 MET Q CA 1 
ATOM 428 C CA . GLU B 2 166 ? -31.185 2.686   -23.382 1.00 0.00 ? 166 GLU Q CA 1 
ATOM 429 C CA . VAL B 2 167 ? -27.870 2.161   -25.084 1.00 0.00 ? 167 VAL Q CA 1 
ATOM 430 C CA . TYR B 2 168 ? -27.879 -0.315  -28.036 1.00 0.00 ? 168 TYR Q CA 1 
ATOM 431 C CA . ASN B 2 169 ? -24.983 -1.206  -30.389 1.00 0.00 ? 169 ASN Q CA 1 
ATOM 432 C CA . GLU B 2 170 ? -24.792 -1.208  -34.207 1.00 0.00 ? 170 GLU Q CA 1 
ATOM 433 C CA . GLU B 2 171 ? -24.871 -5.031  -34.325 1.00 0.00 ? 171 GLU Q CA 1 
ATOM 434 C CA . GLY B 2 172 ? -27.525 -4.935  -31.599 1.00 0.00 ? 172 GLY Q CA 1 
ATOM 435 C CA . LYS B 2 173 ? -28.126 -6.240  -28.081 1.00 0.00 ? 173 LYS Q CA 1 
ATOM 436 C CA . LYS B 2 174 ? -28.648 -3.723  -25.244 1.00 0.00 ? 174 LYS Q CA 1 
ATOM 437 C CA . LEU B 2 175 ? -25.614 -2.890  -23.116 1.00 0.00 ? 175 LEU Q CA 1 
ATOM 438 C CA . THR B 2 176 ? -27.226 -0.851  -20.319 1.00 0.00 ? 176 THR Q CA 1 
ATOM 439 C CA . SER B 2 177 ? -29.920 1.576   -19.326 1.00 0.00 ? 177 SER Q CA 1 
ATOM 440 C CA . ARG B 2 178 ? -29.473 4.634   -17.223 1.00 0.00 ? 178 ARG Q CA 1 
ATOM 441 C CA . GLU B 2 179 ? -31.609 7.595   -16.525 1.00 0.00 ? 179 GLU Q CA 1 
ATOM 442 C CA . TYR B 2 180 ? -30.529 10.889  -17.665 1.00 0.00 ? 180 TYR Q CA 1 
ATOM 443 C CA . GLU B 2 181 ? -32.104 14.127  -17.598 1.00 0.00 ? 181 GLU Q CA 1 
ATOM 444 C CA . TYR B 2 182 ? -30.887 15.585  -20.818 1.00 0.00 ? 182 TYR Q CA 1 
ATOM 445 C CA . VAL B 2 183 ? -31.063 19.233  -20.955 1.00 0.00 ? 183 VAL Q CA 1 
ATOM 446 C CA . ILE B 2 184 ? -31.955 21.335  -23.901 1.00 0.00 ? 184 ILE Q CA 1 
ATOM 447 C CA . SER B 2 185 ? -30.227 24.618  -23.396 1.00 0.00 ? 185 SER Q CA 1 
ATOM 448 C CA . GLU B 2 186 ? -28.259 26.856  -25.733 1.00 0.00 ? 186 GLU Q CA 1 
ATOM 449 C CA . ASP B 2 187 ? -24.964 25.832  -27.258 1.00 0.00 ? 187 ASP Q CA 1 
ATOM 450 C CA . GLU B 2 188 ? -26.040 22.214  -27.071 1.00 0.00 ? 188 GLU Q CA 1 
ATOM 451 C CA . ASP B 2 189 ? -23.797 19.513  -28.319 1.00 0.00 ? 189 ASP Q CA 1 
ATOM 452 C CA . ARG B 2 190 ? -25.228 16.672  -26.270 1.00 0.00 ? 190 ARG Q CA 1 
ATOM 453 C CA . PRO B 2 191 ? -27.116 13.894  -27.965 1.00 0.00 ? 191 PRO Q CA 1 
ATOM 454 C CA . PHE B 2 192 ? -30.894 14.156  -28.520 1.00 0.00 ? 192 PHE Q CA 1 
ATOM 455 C CA . VAL B 2 193 ? -31.246 17.638  -27.222 1.00 0.00 ? 193 VAL Q CA 1 
ATOM 456 C CA . LYS B 2 194 ? -31.767 18.760  -30.805 1.00 0.00 ? 194 LYS Q CA 1 
ATOM 457 C CA . ASP B 2 195 ? -32.264 15.420  -32.553 1.00 0.00 ? 195 ASP Q CA 1 
ATOM 458 C CA . LEU B 2 196 ? -35.094 14.768  -30.202 1.00 0.00 ? 196 LEU Q CA 1 
ATOM 459 C CA . VAL B 2 197 ? -36.938 17.108  -32.592 1.00 0.00 ? 197 VAL Q CA 1 
ATOM 460 C CA . GLY B 2 198 ? -39.708 15.338  -34.498 1.00 0.00 ? 198 GLY Q CA 1 
ATOM 461 C CA . LYS B 2 199 ? -39.680 12.655  -31.800 1.00 0.00 ? 199 LYS Q CA 1 
ATOM 462 C CA . LYS B 2 200 ? -42.417 11.593  -29.443 1.00 0.00 ? 200 LYS Q CA 1 
ATOM 463 C CA . LYS B 2 201 ? -42.945 10.863  -25.773 1.00 0.00 ? 201 LYS Q CA 1 
ATOM 464 C CA . GLY B 2 202 ? -44.631 7.548   -24.964 1.00 0.00 ? 202 GLY Q CA 1 
ATOM 465 C CA . ASP B 2 203 ? -44.064 6.260   -28.470 1.00 0.00 ? 203 ASP Q CA 1 
ATOM 466 C CA . VAL B 2 204 ? -40.806 4.484   -29.031 1.00 0.00 ? 204 VAL Q CA 1 
ATOM 467 C CA . VAL B 2 205 ? -38.175 6.607   -30.670 1.00 0.00 ? 205 VAL Q CA 1 
ATOM 468 C CA . GLU B 2 206 ? -34.872 5.433   -31.920 1.00 0.00 ? 206 GLU Q CA 1 
ATOM 469 C CA . ILE B 2 207 ? -32.799 8.522   -32.382 1.00 0.00 ? 207 ILE Q CA 1 
ATOM 470 C CA . GLU B 2 208 ? -29.535 7.244   -33.934 1.00 0.00 ? 208 GLU Q CA 1 
ATOM 471 C CA . ARG B 2 209 ? -26.654 9.457   -32.785 1.00 0.00 ? 209 ARG Q CA 1 
ATOM 472 C CA . GLU B 2 210 ? -22.929 8.697   -32.552 1.00 0.00 ? 210 GLU Q CA 1 
ATOM 473 C CA . TYR B 2 211 ? -21.375 9.692   -29.198 1.00 0.00 ? 211 TYR Q CA 1 
ATOM 474 C CA . GLU B 2 212 ? -17.771 9.264   -28.072 1.00 0.00 ? 212 GLU Q CA 1 
ATOM 475 C CA . GLY B 2 213 ? -16.821 6.922   -30.955 1.00 0.00 ? 213 GLY Q CA 1 
ATOM 476 C CA . LYS B 2 214 ? -19.461 4.199   -31.164 1.00 0.00 ? 214 LYS Q CA 1 
ATOM 477 C CA . LYS B 2 215 ? -22.719 4.389   -33.104 1.00 0.00 ? 215 LYS Q CA 1 
ATOM 478 C CA . TYR B 2 216 ? -25.413 4.241   -30.419 1.00 0.00 ? 216 TYR Q CA 1 
ATOM 479 C CA . THR B 2 217 ? -29.123 3.661   -30.922 1.00 0.00 ? 217 THR Q CA 1 
ATOM 480 C CA . TYR B 2 218 ? -30.992 5.266   -28.075 1.00 0.00 ? 218 TYR Q CA 1 
ATOM 481 C CA . LYS B 2 219 ? -34.211 3.594   -27.409 1.00 0.00 ? 219 LYS Q CA 1 
ATOM 482 C CA . LEU B 2 220 ? -35.694 6.494   -25.764 1.00 0.00 ? 220 LEU Q CA 1 
ATOM 483 C CA . GLU B 2 221 ? -38.508 5.667   -23.537 1.00 0.00 ? 221 GLU Q CA 1 
ATOM 484 C CA . VAL B 2 222 ? -39.443 9.067   -22.392 1.00 0.00 ? 222 VAL Q CA 1 
ATOM 485 C CA . GLU B 2 223 ? -40.146 8.282   -18.721 1.00 0.00 ? 223 GLU Q CA 1 
ATOM 486 C CA . GLU B 2 224 ? -41.457 11.695  -18.185 1.00 0.00 ? 224 GLU Q CA 1 
ATOM 487 C CA . VAL B 2 225 ? -40.901 14.963  -19.974 1.00 0.00 ? 225 VAL Q CA 1 
ATOM 488 C CA . TYR B 2 226 ? -40.265 17.878  -17.665 1.00 0.00 ? 226 TYR Q CA 1 
ATOM 489 C CA . LYS B 2 227 ? -40.291 21.566  -18.495 1.00 0.00 ? 227 LYS Q CA 1 
ATOM 490 C CA . ARG B 2 228 ? -36.913 23.039  -19.199 1.00 0.00 ? 228 ARG Q CA 1 
ATOM 491 C CA . THR B 2 229 ? -36.956 26.472  -17.896 1.00 0.00 ? 229 THR Q CA 1 
ATOM 492 C CA . LEU B 2 230 ? -33.279 26.798  -17.543 1.00 0.00 ? 230 LEU Q CA 1 
ATOM 493 C CA . PRO B 2 231 ? -31.758 28.888  -14.704 1.00 0.00 ? 231 PRO Q CA 1 
ATOM 494 C CA . GLU B 2 232 ? -30.311 32.292  -15.810 1.00 0.00 ? 232 GLU Q CA 1 
ATOM 495 C CA . ILE B 2 233 ? -28.212 35.100  -14.207 1.00 0.00 ? 233 ILE Q CA 1 
ATOM 496 C CA . GLY B 2 234 ? -29.122 37.094  -11.116 1.00 0.00 ? 234 GLY Q CA 1 
ATOM 497 C CA . ASP B 2 235 ? -31.357 35.582  -8.464  1.00 0.00 ? 235 ASP Q CA 1 
ATOM 498 C CA . GLU B 2 236 ? -32.880 33.278  -11.095 1.00 0.00 ? 236 GLU Q CA 1 
ATOM 499 C CA . LEU B 2 237 ? -29.742 31.101  -11.316 1.00 0.00 ? 237 LEU Q CA 1 
ATOM 500 C CA . ALA B 2 238 ? -30.705 29.599  -7.956  1.00 0.00 ? 238 ALA Q CA 1 
ATOM 501 C CA . LYS B 2 239 ? -33.495 27.888  -9.984  1.00 0.00 ? 239 LYS Q CA 1 
ATOM 502 C CA . SER B 2 240 ? -30.964 25.061  -10.498 1.00 0.00 ? 240 SER Q CA 1 
ATOM 503 C CA . VAL B 2 241 ? -32.154 23.831  -7.064  1.00 0.00 ? 241 VAL Q CA 1 
ATOM 504 C CA . ASN B 2 242 ? -35.908 23.528  -6.149  1.00 0.00 ? 242 ASN Q CA 1 
ATOM 505 C CA . ASN B 2 243 ? -36.496 22.982  -2.383  1.00 0.00 ? 243 ASN Q CA 1 
ATOM 506 C CA . GLU B 2 244 ? -35.420 25.769  0.034   1.00 0.00 ? 244 GLU Q CA 1 
ATOM 507 C CA . PHE B 2 245 ? -32.990 28.250  -1.645  1.00 0.00 ? 245 PHE Q CA 1 
ATOM 508 C CA . GLU B 2 246 ? -34.158 31.161  -3.815  1.00 0.00 ? 246 GLU Q CA 1 
ATOM 509 C CA . THR B 2 247 ? -31.096 33.352  -3.148  1.00 0.00 ? 247 THR Q CA 1 
ATOM 510 C CA . LEU B 2 248 ? -27.851 32.679  -5.006  1.00 0.00 ? 248 LEU Q CA 1 
ATOM 511 C CA . GLU B 2 249 ? -25.482 33.348  -2.062  1.00 0.00 ? 249 GLU Q CA 1 
ATOM 512 C CA . GLN B 2 250 ? -27.115 30.479  -0.147  1.00 0.00 ? 250 GLN Q CA 1 
ATOM 513 C CA . LEU B 2 251 ? -26.333 28.178  -3.121  1.00 0.00 ? 251 LEU Q CA 1 
ATOM 514 C CA . LYS B 2 252 ? -22.782 29.421  -3.853  1.00 0.00 ? 252 LYS Q CA 1 
ATOM 515 C CA . GLU B 2 253 ? -21.452 29.639  -0.232  1.00 0.00 ? 253 GLU Q CA 1 
ATOM 516 C CA . SER B 2 254 ? -22.827 26.110  0.483   1.00 0.00 ? 254 SER Q CA 1 
ATOM 517 C CA . LEU B 2 255 ? -21.038 24.530  -2.547  1.00 0.00 ? 255 LEU Q CA 1 
ATOM 518 C CA . LYS B 2 256 ? -17.825 26.379  -1.473  1.00 0.00 ? 256 LYS Q CA 1 
ATOM 519 C CA . LYS B 2 257 ? -17.658 24.320  1.759   1.00 0.00 ? 257 LYS Q CA 1 
ATOM 520 C CA . GLU B 2 258 ? -17.980 21.103  -0.311  1.00 0.00 ? 258 GLU Q CA 1 
ATOM 521 C CA . GLY B 2 259 ? -15.036 22.390  -2.328  1.00 0.00 ? 259 GLY Q CA 1 
ATOM 522 C CA . LYS B 2 260 ? -13.175 23.073  0.915   1.00 0.00 ? 260 LYS Q CA 1 
ATOM 523 C CA . GLU B 2 261 ? -12.562 19.288  1.031   1.00 0.00 ? 261 GLU Q CA 1 
ATOM 524 C CA . ILE B 2 262 ? -11.302 19.732  -2.534  1.00 0.00 ? 262 ILE Q CA 1 
ATOM 525 C CA . TYR B 2 263 ? -9.089  22.612  -1.284  1.00 0.00 ? 263 TYR Q CA 1 
ATOM 526 C CA . ASP B 2 264 ? -7.713  20.256  1.466   1.00 0.00 ? 264 ASP Q CA 1 
ATOM 527 C CA . VAL B 2 265 ? -6.139  17.933  -1.116  1.00 0.00 ? 265 VAL Q CA 1 
ATOM 528 C CA . GLU B 2 266 ? -4.857  20.267  -3.916  1.00 0.00 ? 266 GLU Q CA 1 
ATOM 529 C CA . MET B 2 267 ? -3.162  22.558  -1.306  1.00 0.00 ? 267 MET Q CA 1 
ATOM 530 C CA . LYS B 2 268 ? -1.430  19.604  0.357   1.00 0.00 ? 268 LYS Q CA 1 
ATOM 531 C CA . GLU B 2 269 ? -0.298  18.360  -3.119  1.00 0.00 ? 269 GLU Q CA 1 
ATOM 532 C CA . SER B 2 270 ? 1.225   21.777  -3.820  1.00 0.00 ? 270 SER Q CA 1 
ATOM 533 C CA . MET B 2 271 ? 2.817   22.010  -0.320  1.00 0.00 ? 271 MET Q CA 1 
ATOM 534 C CA . ARG B 2 272 ? 4.494   18.577  -0.665  1.00 0.00 ? 272 ARG Q CA 1 
ATOM 535 C CA . GLU B 2 273 ? 5.848   19.158  -4.192  1.00 0.00 ? 273 GLU Q CA 1 
ATOM 536 C CA . GLN B 2 274 ? 7.304   22.465  -2.957  1.00 0.00 ? 274 GLN Q CA 1 
ATOM 537 C CA . LEU B 2 275 ? 9.213   20.661  -0.129  1.00 0.00 ? 275 LEU Q CA 1 
ATOM 538 C CA . LEU B 2 276 ? 10.597  18.076  -2.600  1.00 0.00 ? 276 LEU Q CA 1 
ATOM 539 C CA . GLU B 2 277 ? 11.853  20.599  -5.184  1.00 0.00 ? 277 GLU Q CA 1 
ATOM 540 C CA . LYS B 2 278 ? 13.304  22.880  -2.481  1.00 0.00 ? 278 LYS Q CA 1 
ATOM 541 C CA . LEU B 2 279 ? 14.881  19.801  -0.865  1.00 0.00 ? 279 LEU Q CA 1 
ATOM 542 C CA . PRO B 2 280 ? 18.256  19.816  -2.840  1.00 0.00 ? 280 PRO Q CA 1 
ATOM 543 C CA . GLU B 2 281 ? 18.874  23.440  -1.851  1.00 0.00 ? 281 GLU Q CA 1 
ATOM 544 C CA . ILE B 2 282 ? 18.863  22.664  1.854   1.00 0.00 ? 282 ILE Q CA 1 
ATOM 545 C CA . VAL B 2 283 ? 20.083  19.023  1.606   1.00 0.00 ? 283 VAL Q CA 1 
ATOM 546 C CA . GLU B 2 284 ? 23.603  18.383  0.255   1.00 0.00 ? 284 GLU Q CA 1 
ATOM 547 C CA . ILE B 2 285 ? 24.236  14.919  -1.151  1.00 0.00 ? 285 ILE Q CA 1 
ATOM 548 C CA . GLU B 2 286 ? 27.402  12.948  -1.649  1.00 0.00 ? 286 GLU Q CA 1 
ATOM 549 C CA . ILE B 2 287 ? 27.288  10.843  -4.735  1.00 0.00 ? 287 ILE Q CA 1 
ATOM 550 C CA . SER B 2 288 ? 29.883  10.535  -7.486  1.00 0.00 ? 288 SER Q CA 1 
ATOM 551 C CA . ASP B 2 289 ? 28.920  12.342  -10.665 1.00 0.00 ? 289 ASP Q CA 1 
ATOM 552 C CA . ARG B 2 290 ? 29.594  8.930   -12.202 1.00 0.00 ? 290 ARG Q CA 1 
ATOM 553 C CA . THR B 2 291 ? 27.056  7.490   -9.757  1.00 0.00 ? 291 THR Q CA 1 
ATOM 554 C CA . LEU B 2 292 ? 24.726  10.417  -10.591 1.00 0.00 ? 292 LEU Q CA 1 
ATOM 555 C CA . GLU B 2 293 ? 25.189  9.918   -14.333 1.00 0.00 ? 293 GLU Q CA 1 
ATOM 556 C CA . ILE B 2 294 ? 24.589  6.159   -14.076 1.00 0.00 ? 294 ILE Q CA 1 
ATOM 557 C CA . LEU B 2 295 ? 21.430  7.144   -12.135 1.00 0.00 ? 295 LEU Q CA 1 
ATOM 558 C CA . VAL B 2 296 ? 20.617  9.801   -14.893 1.00 0.00 ? 296 VAL Q CA 1 
ATOM 559 C CA . ASN B 2 297 ? 20.585  7.074   -17.591 1.00 0.00 ? 297 ASN Q CA 1 
ATOM 560 C CA . GLU B 2 298 ? 18.554  4.864   -15.199 1.00 0.00 ? 298 GLU Q CA 1 
ATOM 561 C CA . ALA B 2 299 ? 16.078  7.792   -15.176 1.00 0.00 ? 299 ALA Q CA 1 
ATOM 562 C CA . ILE B 2 300 ? 16.069  8.168   -19.048 1.00 0.00 ? 300 ILE Q CA 1 
ATOM 563 C CA . ASN B 2 301 ? 15.104  4.493   -19.558 1.00 0.00 ? 301 ASN Q CA 1 
ATOM 564 C CA . ARG B 2 302 ? 12.412  4.991   -16.862 1.00 0.00 ? 302 ARG Q CA 1 
ATOM 565 C CA . LEU B 2 303 ? 10.840  7.655   -19.120 1.00 0.00 ? 303 LEU Q CA 1 
ATOM 566 C CA . LYS B 2 304 ? 10.801  5.047   -21.947 1.00 0.00 ? 304 LYS Q CA 1 
ATOM 567 C CA . ARG B 2 305 ? 8.976   2.448   -19.810 1.00 0.00 ? 305 ARG Q CA 1 
ATOM 568 C CA . GLU B 2 306 ? 6.327   4.918   -18.509 1.00 0.00 ? 306 GLU Q CA 1 
ATOM 569 C CA . GLY B 2 307 ? 6.252   5.418   -21.619 1.00 0.00 ? 307 GLY Q CA 1 
ATOM 570 C CA . ARG B 2 308 ? 5.349   8.527   -23.572 1.00 0.00 ? 308 ARG Q CA 1 
ATOM 571 C CA . TYR B 2 309 ? 7.162   10.993  -21.280 1.00 0.00 ? 309 TYR Q CA 1 
ATOM 572 C CA . GLU B 2 310 ? 10.292  10.137  -23.321 1.00 0.00 ? 310 GLU Q CA 1 
ATOM 573 C CA . GLN B 2 311 ? 9.318   12.949  -25.698 1.00 0.00 ? 311 GLN Q CA 1 
ATOM 574 C CA . ILE B 2 312 ? 7.985   15.196  -22.923 1.00 0.00 ? 312 ILE Q CA 1 
ATOM 575 C CA . VAL B 2 313 ? 11.028  16.053  -20.843 1.00 0.00 ? 313 VAL Q CA 1 
ATOM 576 C CA . SER B 2 314 ? 12.490  18.379  -23.479 1.00 0.00 ? 314 SER Q CA 1 
ATOM 577 C CA . SER B 2 315 ? 9.704   20.664  -22.269 1.00 0.00 ? 315 SER Q CA 1 
ATOM 578 C CA . TYR B 2 316 ? 10.803  20.030  -18.681 1.00 0.00 ? 316 TYR Q CA 1 
ATOM 579 C CA . GLU B 2 317 ? 13.914  20.734  -16.686 1.00 0.00 ? 317 GLU Q CA 1 
ATOM 580 C CA . SER B 2 318 ? 12.832  18.273  -14.004 1.00 0.00 ? 318 SER Q CA 1 
ATOM 581 C CA . GLU B 2 319 ? 12.534  14.579  -14.502 1.00 0.00 ? 319 GLU Q CA 1 
ATOM 582 C CA . GLU B 2 320 ? 11.100  12.766  -11.844 1.00 0.00 ? 320 GLU Q CA 1 
ATOM 583 C CA . LYS B 2 321 ? 8.748   15.702  -11.109 1.00 0.00 ? 321 LYS Q CA 1 
ATOM 584 C CA . PHE B 2 322 ? 5.580   13.965  -12.329 1.00 0.00 ? 322 PHE Q CA 1 
ATOM 585 C CA . ARG B 2 323 ? 6.831   10.746  -10.713 1.00 0.00 ? 323 ARG Q CA 1 
ATOM 586 C CA . GLU B 2 324 ? 6.652   12.538  -7.365  1.00 0.00 ? 324 GLU Q CA 1 
ATOM 587 C CA . GLU B 2 325 ? 3.354   14.483  -8.137  1.00 0.00 ? 325 GLU Q CA 1 
ATOM 588 C CA . LEU B 2 326 ? 1.326   11.522  -9.429  1.00 0.00 ? 326 LEU Q CA 1 
ATOM 589 C CA . LYS B 2 327 ? 2.505   9.458   -6.450  1.00 0.00 ? 327 LYS Q CA 1 
ATOM 590 C CA . GLU B 2 328 ? 0.869   12.065  -4.235  1.00 0.00 ? 328 GLU Q CA 1 
ATOM 591 C CA . ARG B 2 329 ? -2.191  12.351  -6.499  1.00 0.00 ? 329 ARG Q CA 1 
ATOM 592 C CA . ILE B 2 330 ? -2.923  8.648   -6.978  1.00 0.00 ? 330 ILE Q CA 1 
ATOM 593 C CA . LEU B 2 331 ? -2.238  8.069   -3.242  1.00 0.00 ? 331 LEU Q CA 1 
ATOM 594 C CA . ASP B 2 332 ? -4.842  10.730  -2.518  1.00 0.00 ? 332 ASP Q CA 1 
ATOM 595 C CA . ASP B 2 333 ? -7.296  9.294   -5.078  1.00 0.00 ? 333 ASP Q CA 1 
ATOM 596 C CA . ILE B 2 334 ? -6.908  5.785   -3.634  1.00 0.00 ? 334 ILE Q CA 1 
ATOM 597 C CA . LYS B 2 335 ? -7.368  7.676   -0.320  1.00 0.00 ? 335 LYS Q CA 1 
ATOM 598 C CA . ARG B 2 336 ? -10.496 9.634   -1.368  1.00 0.00 ? 336 ARG Q CA 1 
ATOM 599 C CA . ASP B 2 337 ? -11.976 6.485   -2.936  1.00 0.00 ? 337 ASP Q CA 1 
ATOM 600 C CA . ARG B 2 338 ? -11.487 4.044   -0.026  1.00 0.00 ? 338 ARG Q CA 1 
ATOM 601 C CA . VAL B 2 339 ? -12.532 6.781   2.418   1.00 0.00 ? 339 VAL Q CA 1 
ATOM 602 C CA . ILE B 2 340 ? -15.748 7.236   0.413   1.00 0.00 ? 340 ILE Q CA 1 
ATOM 603 C CA . GLU B 2 341 ? -16.305 3.443   0.073   1.00 0.00 ? 341 GLU Q CA 1 
ATOM 604 C CA . VAL B 2 342 ? -15.852 2.822   3.785   1.00 0.00 ? 342 VAL Q CA 1 
ATOM 605 C CA . LEU B 2 343 ? -17.063 5.997   5.572   1.00 0.00 ? 343 LEU Q CA 1 
ATOM 606 C CA . ALA B 2 344 ? -20.662 5.352   4.406   1.00 0.00 ? 344 ALA Q CA 1 
ATOM 607 C CA . GLN B 2 345 ? -20.991 1.985   6.004   1.00 0.00 ? 345 GLN Q CA 1 
ATOM 608 C CA . GLU B 2 346 ? -18.691 2.513   9.007   1.00 0.00 ? 346 GLU Q CA 1 
ATOM 609 C CA . LYS B 2 347 ? -20.346 3.333   12.349  1.00 0.00 ? 347 LYS Q CA 1 
ATOM 610 C CA . GLY B 2 348 ? -21.888 -0.144  12.281  1.00 0.00 ? 348 GLY Q CA 1 
ATOM 611 C CA . ILE B 2 349 ? -24.976 1.247   10.573  1.00 0.00 ? 349 ILE Q CA 1 
ATOM 612 C CA . SER B 2 350 ? -27.788 -1.233  10.270  1.00 0.00 ? 350 SER Q CA 1 
ATOM 613 C CA . VAL B 2 351 ? -31.583 -0.833  10.237  1.00 0.00 ? 351 VAL Q CA 1 
ATOM 614 C CA . ASN B 2 352 ? -31.204 2.070   7.854   1.00 0.00 ? 352 ASN Q CA 1 
ATOM 615 C CA . ASP B 2 353 ? -34.177 2.508   6.488   1.00 0.00 ? 353 ASP Q CA 1 
ATOM 616 C CA . GLU B 2 354 ? -35.488 5.167   8.917   1.00 0.00 ? 354 GLU Q CA 1 
ATOM 617 C CA . GLU B 2 355 ? -32.262 7.115   9.399   1.00 0.00 ? 355 GLU Q CA 1 
ATOM 618 C CA . LEU B 2 356 ? -31.613 7.013   5.605   1.00 0.00 ? 356 LEU Q CA 1 
ATOM 619 C CA . GLU B 2 357 ? -34.986 8.641   4.872   1.00 0.00 ? 357 GLU Q CA 1 
ATOM 620 C CA . LYS B 2 358 ? -34.814 11.502  7.414   1.00 0.00 ? 358 LYS Q CA 1 
ATOM 621 C CA . GLU B 2 359 ? -31.317 12.362  6.214   1.00 0.00 ? 359 GLU Q CA 1 
ATOM 622 C CA . ALA B 2 360 ? -32.213 12.316  2.495   1.00 0.00 ? 360 ALA Q CA 1 
ATOM 623 C CA . GLU B 2 361 ? -35.193 14.658  3.000   1.00 0.00 ? 361 GLU Q CA 1 
ATOM 624 C CA . GLU B 2 362 ? -33.166 17.518  4.444   1.00 0.00 ? 362 GLU Q CA 1 
ATOM 625 C CA . LEU B 2 363 ? -30.266 17.107  1.937   1.00 0.00 ? 363 LEU Q CA 1 
ATOM 626 C CA . ALA B 2 364 ? -32.815 16.942  -0.960  1.00 0.00 ? 364 ALA Q CA 1 
ATOM 627 C CA . PRO B 2 365 ? -33.004 20.759  -1.169  1.00 0.00 ? 365 PRO Q CA 1 
ATOM 628 C CA . PHE B 2 366 ? -29.265 21.011  -1.866  1.00 0.00 ? 366 PHE Q CA 1 
ATOM 629 C CA . TRP B 2 367 ? -29.252 18.724  -4.931  1.00 0.00 ? 367 TRP Q CA 1 
ATOM 630 C CA . GLY B 2 368 ? -32.094 20.468  -6.622  1.00 0.00 ? 368 GLY Q CA 1 
ATOM 631 C CA . ILE B 2 369 ? -34.745 17.854  -6.888  1.00 0.00 ? 369 ILE Q CA 1 
ATOM 632 C CA . SER B 2 370 ? -37.609 16.710  -4.710  1.00 0.00 ? 370 SER Q CA 1 
ATOM 633 C CA . PRO B 2 371 ? -36.731 14.088  -2.055  1.00 0.00 ? 371 PRO Q CA 1 
ATOM 634 C CA . ASP B 2 372 ? -38.675 11.378  -3.984  1.00 0.00 ? 372 ASP Q CA 1 
ATOM 635 C CA . ARG B 2 373 ? -37.024 12.112  -7.349  1.00 0.00 ? 373 ARG Q CA 1 
ATOM 636 C CA . ALA B 2 374 ? -33.671 11.729  -5.558  1.00 0.00 ? 374 ALA Q CA 1 
ATOM 637 C CA . LYS B 2 375 ? -34.782 8.414   -4.057  1.00 0.00 ? 375 LYS Q CA 1 
ATOM 638 C CA . SER B 2 376 ? -35.852 7.045   -7.488  1.00 0.00 ? 376 SER Q CA 1 
ATOM 639 C CA . LEU B 2 377 ? -32.556 8.048   -9.149  1.00 0.00 ? 377 LEU Q CA 1 
ATOM 640 C CA . VAL B 2 378 ? -30.546 6.562   -6.250  1.00 0.00 ? 378 VAL Q CA 1 
ATOM 641 C CA . LYS B 2 379 ? -32.646 3.394   -6.135  1.00 0.00 ? 379 LYS Q CA 1 
ATOM 642 C CA . ALA B 2 380 ? -32.107 2.869   -9.819  1.00 0.00 ? 380 ALA Q CA 1 
ATOM 643 C CA . ARG B 2 381 ? -28.729 4.178   -10.792 1.00 0.00 ? 381 ARG Q CA 1 
ATOM 644 C CA . GLN B 2 382 ? -25.209 3.685   -9.542  1.00 0.00 ? 382 GLN Q CA 1 
ATOM 645 C CA . ASP B 2 383 ? -23.682 7.042   -10.641 1.00 0.00 ? 383 ASP Q CA 1 
ATOM 646 C CA . LEU B 2 384 ? -26.483 8.871   -8.833  1.00 0.00 ? 384 LEU Q CA 1 
ATOM 647 C CA . ARG B 2 385 ? -26.248 6.723   -5.695  1.00 0.00 ? 385 ARG Q CA 1 
ATOM 648 C CA . GLU B 2 386 ? -22.583 7.810   -5.620  1.00 0.00 ? 386 GLU Q CA 1 
ATOM 649 C CA . GLU B 2 387 ? -23.579 11.480  -6.034  1.00 0.00 ? 387 GLU Q CA 1 
ATOM 650 C CA . LEU B 2 388 ? -25.935 11.112  -3.033  1.00 0.00 ? 388 LEU Q CA 1 
ATOM 651 C CA . ARG B 2 389 ? -23.249 9.197   -1.043  1.00 0.00 ? 389 ARG Q CA 1 
ATOM 652 C CA . TRP B 2 390 ? -20.576 11.894  -1.422  1.00 0.00 ? 390 TRP Q CA 1 
ATOM 653 C CA . ALA B 2 391 ? -22.910 14.628  -0.135  1.00 0.00 ? 391 ALA Q CA 1 
ATOM 654 C CA . ILE B 2 392 ? -23.913 12.762  3.087   1.00 0.00 ? 392 ILE Q CA 1 
ATOM 655 C CA . LEU B 2 393 ? -20.243 11.868  3.665   1.00 0.00 ? 393 LEU Q CA 1 
ATOM 656 C CA . LYS B 2 394 ? -19.364 15.576  3.382   1.00 0.00 ? 394 LYS Q CA 1 
ATOM 657 C CA . ARG B 2 395 ? -22.325 16.417  5.718   1.00 0.00 ? 395 ARG Q CA 1 
ATOM 658 C CA . LYS B 2 396 ? -20.988 13.930  8.359   1.00 0.00 ? 396 LYS Q CA 1 
ATOM 659 C CA . VAL B 2 397 ? -17.323 15.049  8.048   1.00 0.00 ? 397 VAL Q CA 1 
ATOM 660 C CA . LEU B 2 398 ? -18.166 18.770  8.441   1.00 0.00 ? 398 LEU Q CA 1 
ATOM 661 C CA . ASP B 2 399 ? -19.817 18.082  11.842  1.00 0.00 ? 399 ASP Q CA 1 
ATOM 662 C CA . LEU B 2 400 ? -16.393 16.975  13.133  1.00 0.00 ? 400 LEU Q CA 1 
ATOM 663 C CA . LEU B 2 401 ? -14.258 19.568  11.331  1.00 0.00 ? 401 LEU Q CA 1 
ATOM 664 C CA . LEU B 2 402 ? -16.135 22.536  12.902  1.00 0.00 ? 402 LEU Q CA 1 
ATOM 665 C CA . GLN B 2 403 ? -15.216 21.726  16.505  1.00 0.00 ? 403 GLN Q CA 1 
ATOM 666 C CA . GLU B 2 404 ? -11.591 21.020  15.434  1.00 0.00 ? 404 GLU Q CA 1 
ATOM 667 C CA . VAL B 2 405 ? -11.120 24.797  14.995  1.00 0.00 ? 405 VAL Q CA 1 
ATOM 668 C CA . GLU B 2 406 ? -12.840 25.739  18.253  1.00 0.00 ? 406 GLU Q CA 1 
# 
